data_8GN9
# 
_entry.id   8GN9 
# 
_audit_conform.dict_name       mmcif_pdbx.dic 
_audit_conform.dict_version    5.380 
_audit_conform.dict_location   http://mmcif.pdb.org/dictionaries/ascii/mmcif_pdbx.dic 
# 
loop_
_database_2.database_id 
_database_2.database_code 
_database_2.pdbx_database_accession 
_database_2.pdbx_DOI 
PDB   8GN9         pdb_00008gn9 10.2210/pdb8gn9/pdb 
WWPDB D_1300031774 ?            ?                   
# 
_pdbx_database_status.status_code                     REL 
_pdbx_database_status.status_code_sf                  REL 
_pdbx_database_status.status_code_mr                  ? 
_pdbx_database_status.entry_id                        8GN9 
_pdbx_database_status.recvd_initial_deposition_date   2022-08-23 
_pdbx_database_status.SG_entry                        N 
_pdbx_database_status.deposit_site                    PDBJ 
_pdbx_database_status.process_site                    PDBJ 
_pdbx_database_status.status_code_cs                  ? 
_pdbx_database_status.status_code_nmr_data            ? 
_pdbx_database_status.methods_development_category    ? 
_pdbx_database_status.pdb_format_compatible           Y 
# 
loop_
_audit_author.name 
_audit_author.pdbx_ordinal 
_audit_author.identifier_ORCID 
'Komatsu, T.'  1 ?                   
'Matsui, I.'   2 ?                   
'Yokoyama, H.' 3 0000-0002-3137-2793 
# 
_citation.abstract                  ? 
_citation.abstract_id_CAS           ? 
_citation.book_id_ISBN              ? 
_citation.book_publisher            ? 
_citation.book_publisher_city       ? 
_citation.book_title                ? 
_citation.coordinate_linkage        ? 
_citation.country                   NE 
_citation.database_id_Medline       ? 
_citation.details                   ? 
_citation.id                        primary 
_citation.journal_abbrev            'Biochem Biophys Rep' 
_citation.journal_id_ASTM           ? 
_citation.journal_id_CSD            ? 
_citation.journal_id_ISSN           2405-5808 
_citation.journal_full              ? 
_citation.journal_issue             ? 
_citation.journal_volume            32 
_citation.language                  ? 
_citation.page_first                101384 
_citation.page_last                 101384 
_citation.title                     
'Structural and mutational studies suggest key residues to determine whether stomatin SPFH domains form dimers or trimers.' 
_citation.year                      2022 
_citation.database_id_CSD           ? 
_citation.pdbx_database_id_DOI      10.1016/j.bbrep.2022.101384 
_citation.pdbx_database_id_PubMed   36386441 
_citation.pdbx_database_id_patent   ? 
_citation.unpublished_flag          ? 
# 
loop_
_citation_author.citation_id 
_citation_author.name 
_citation_author.ordinal 
_citation_author.identifier_ORCID 
primary 'Komatsu, T.'  1 ? 
primary 'Matsui, I.'   2 ? 
primary 'Yokoyama, H.' 3 ? 
# 
_cell.angle_alpha                  90.000 
_cell.angle_alpha_esd              ? 
_cell.angle_beta                   90.000 
_cell.angle_beta_esd               ? 
_cell.angle_gamma                  90.000 
_cell.angle_gamma_esd              ? 
_cell.entry_id                     8GN9 
_cell.details                      ? 
_cell.formula_units_Z              ? 
_cell.length_a                     28.014 
_cell.length_a_esd                 ? 
_cell.length_b                     28.014 
_cell.length_b_esd                 ? 
_cell.length_c                     240.630 
_cell.length_c_esd                 ? 
_cell.volume                       ? 
_cell.volume_esd                   ? 
_cell.Z_PDB                        8 
_cell.reciprocal_angle_alpha       ? 
_cell.reciprocal_angle_beta        ? 
_cell.reciprocal_angle_gamma       ? 
_cell.reciprocal_angle_alpha_esd   ? 
_cell.reciprocal_angle_beta_esd    ? 
_cell.reciprocal_angle_gamma_esd   ? 
_cell.reciprocal_length_a          ? 
_cell.reciprocal_length_b          ? 
_cell.reciprocal_length_c          ? 
_cell.reciprocal_length_a_esd      ? 
_cell.reciprocal_length_b_esd      ? 
_cell.reciprocal_length_c_esd      ? 
_cell.pdbx_unique_axis             ? 
_cell.pdbx_esd_method              ? 
# 
_symmetry.entry_id                         8GN9 
_symmetry.cell_setting                     ? 
_symmetry.Int_Tables_number                92 
_symmetry.space_group_name_Hall            ? 
_symmetry.space_group_name_H-M             'P 41 21 2' 
_symmetry.pdbx_full_space_group_name_H-M   ? 
# 
loop_
_entity.id 
_entity.type 
_entity.src_method 
_entity.pdbx_description 
_entity.formula_weight 
_entity.pdbx_number_of_molecules 
_entity.pdbx_ec 
_entity.pdbx_mutation 
_entity.pdbx_fragment 
_entity.details 
1 polymer     man 'Stomatin homolog PH1511' 12283.137 1  ? ? ? 'residues 63-170' 
2 non-polymer syn 'SODIUM ION'              22.990    1  ? ? ? ?                 
3 water       nat water                     18.015    21 ? ? ? ?                 
# 
_entity_name_com.entity_id   1 
_entity_name_com.name        'Prokaryotic stomatin,P-stomatin' 
# 
_entity_poly.entity_id                      1 
_entity_poly.type                           'polypeptide(L)' 
_entity_poly.nstd_linkage                   no 
_entity_poly.nstd_monomer                   no 
_entity_poly.pdbx_seq_one_letter_code       
;MVDLRTQVLDVPVQETITKDNVPVRVNAVVYFRVVDPVKAVTQVKNYIMATSQISQTTLRSVIGQAHLDELLSERDKLNM
QLQRIIDEATDPWGIKVTAVEIKDVELPA
;
_entity_poly.pdbx_seq_one_letter_code_can   
;MVDLRTQVLDVPVQETITKDNVPVRVNAVVYFRVVDPVKAVTQVKNYIMATSQISQTTLRSVIGQAHLDELLSERDKLNM
QLQRIIDEATDPWGIKVTAVEIKDVELPA
;
_entity_poly.pdbx_strand_id                 A 
_entity_poly.pdbx_target_identifier         ? 
# 
loop_
_entity_poly_seq.entity_id 
_entity_poly_seq.num 
_entity_poly_seq.mon_id 
_entity_poly_seq.hetero 
1 1   MET n 
1 2   VAL n 
1 3   ASP n 
1 4   LEU n 
1 5   ARG n 
1 6   THR n 
1 7   GLN n 
1 8   VAL n 
1 9   LEU n 
1 10  ASP n 
1 11  VAL n 
1 12  PRO n 
1 13  VAL n 
1 14  GLN n 
1 15  GLU n 
1 16  THR n 
1 17  ILE n 
1 18  THR n 
1 19  LYS n 
1 20  ASP n 
1 21  ASN n 
1 22  VAL n 
1 23  PRO n 
1 24  VAL n 
1 25  ARG n 
1 26  VAL n 
1 27  ASN n 
1 28  ALA n 
1 29  VAL n 
1 30  VAL n 
1 31  TYR n 
1 32  PHE n 
1 33  ARG n 
1 34  VAL n 
1 35  VAL n 
1 36  ASP n 
1 37  PRO n 
1 38  VAL n 
1 39  LYS n 
1 40  ALA n 
1 41  VAL n 
1 42  THR n 
1 43  GLN n 
1 44  VAL n 
1 45  LYS n 
1 46  ASN n 
1 47  TYR n 
1 48  ILE n 
1 49  MET n 
1 50  ALA n 
1 51  THR n 
1 52  SER n 
1 53  GLN n 
1 54  ILE n 
1 55  SER n 
1 56  GLN n 
1 57  THR n 
1 58  THR n 
1 59  LEU n 
1 60  ARG n 
1 61  SER n 
1 62  VAL n 
1 63  ILE n 
1 64  GLY n 
1 65  GLN n 
1 66  ALA n 
1 67  HIS n 
1 68  LEU n 
1 69  ASP n 
1 70  GLU n 
1 71  LEU n 
1 72  LEU n 
1 73  SER n 
1 74  GLU n 
1 75  ARG n 
1 76  ASP n 
1 77  LYS n 
1 78  LEU n 
1 79  ASN n 
1 80  MET n 
1 81  GLN n 
1 82  LEU n 
1 83  GLN n 
1 84  ARG n 
1 85  ILE n 
1 86  ILE n 
1 87  ASP n 
1 88  GLU n 
1 89  ALA n 
1 90  THR n 
1 91  ASP n 
1 92  PRO n 
1 93  TRP n 
1 94  GLY n 
1 95  ILE n 
1 96  LYS n 
1 97  VAL n 
1 98  THR n 
1 99  ALA n 
1 100 VAL n 
1 101 GLU n 
1 102 ILE n 
1 103 LYS n 
1 104 ASP n 
1 105 VAL n 
1 106 GLU n 
1 107 LEU n 
1 108 PRO n 
1 109 ALA n 
# 
_entity_src_gen.entity_id                          1 
_entity_src_gen.pdbx_src_id                        1 
_entity_src_gen.pdbx_alt_source_flag               sample 
_entity_src_gen.pdbx_seq_type                      'Biological sequence' 
_entity_src_gen.pdbx_beg_seq_num                   1 
_entity_src_gen.pdbx_end_seq_num                   109 
_entity_src_gen.gene_src_common_name               ? 
_entity_src_gen.gene_src_genus                     ? 
_entity_src_gen.pdbx_gene_src_gene                 PH1511 
_entity_src_gen.gene_src_species                   ? 
_entity_src_gen.gene_src_strain                    'ATCC 700860 / DSM 12428 / JCM 9974 / NBRC 100139 / OT-3' 
_entity_src_gen.gene_src_tissue                    ? 
_entity_src_gen.gene_src_tissue_fraction           ? 
_entity_src_gen.gene_src_details                   ? 
_entity_src_gen.pdbx_gene_src_fragment             ? 
_entity_src_gen.pdbx_gene_src_scientific_name      'Pyrococcus horikoshii' 
_entity_src_gen.pdbx_gene_src_ncbi_taxonomy_id     53953 
_entity_src_gen.pdbx_gene_src_variant              ? 
_entity_src_gen.pdbx_gene_src_cell_line            ? 
_entity_src_gen.pdbx_gene_src_atcc                 ? 
_entity_src_gen.pdbx_gene_src_organ                ? 
_entity_src_gen.pdbx_gene_src_organelle            ? 
_entity_src_gen.pdbx_gene_src_cell                 ? 
_entity_src_gen.pdbx_gene_src_cellular_location    ? 
_entity_src_gen.host_org_common_name               ? 
_entity_src_gen.pdbx_host_org_scientific_name      'Escherichia coli' 
_entity_src_gen.pdbx_host_org_ncbi_taxonomy_id     562 
_entity_src_gen.host_org_genus                     ? 
_entity_src_gen.pdbx_host_org_gene                 ? 
_entity_src_gen.pdbx_host_org_organ                ? 
_entity_src_gen.host_org_species                   ? 
_entity_src_gen.pdbx_host_org_tissue               ? 
_entity_src_gen.pdbx_host_org_tissue_fraction      ? 
_entity_src_gen.pdbx_host_org_strain               ? 
_entity_src_gen.pdbx_host_org_variant              ? 
_entity_src_gen.pdbx_host_org_cell_line            ? 
_entity_src_gen.pdbx_host_org_atcc                 ? 
_entity_src_gen.pdbx_host_org_culture_collection   ? 
_entity_src_gen.pdbx_host_org_cell                 ? 
_entity_src_gen.pdbx_host_org_organelle            ? 
_entity_src_gen.pdbx_host_org_cellular_location    ? 
_entity_src_gen.pdbx_host_org_vector_type          PLASMID 
_entity_src_gen.pdbx_host_org_vector               ? 
_entity_src_gen.host_org_details                   ? 
_entity_src_gen.expression_system_id               ? 
_entity_src_gen.plasmid_name                       PET21B 
_entity_src_gen.plasmid_details                    ? 
_entity_src_gen.pdbx_description                   ? 
# 
_struct_ref.id                         1 
_struct_ref.db_name                    UNP 
_struct_ref.db_code                    PSTOM_PYRHO 
_struct_ref.pdbx_db_accession          O59180 
_struct_ref.pdbx_db_isoform            ? 
_struct_ref.entity_id                  1 
_struct_ref.pdbx_seq_one_letter_code   
;VDLRTQVLDVPVQETITKDNVPVRVNAVVYFRVVDPVKAVTQVKNYIMATSQISQTTLRSVIGQAHLDELLSERDKLNMQ
LQRIIDEATDPWGIKVTAVEIKDVELPA
;
_struct_ref.pdbx_align_begin           63 
# 
_struct_ref_seq.align_id                      1 
_struct_ref_seq.ref_id                        1 
_struct_ref_seq.pdbx_PDB_id_code              8GN9 
_struct_ref_seq.pdbx_strand_id                A 
_struct_ref_seq.seq_align_beg                 2 
_struct_ref_seq.pdbx_seq_align_beg_ins_code   ? 
_struct_ref_seq.seq_align_end                 109 
_struct_ref_seq.pdbx_seq_align_end_ins_code   ? 
_struct_ref_seq.pdbx_db_accession             O59180 
_struct_ref_seq.db_align_beg                  63 
_struct_ref_seq.pdbx_db_align_beg_ins_code    ? 
_struct_ref_seq.db_align_end                  170 
_struct_ref_seq.pdbx_db_align_end_ins_code    ? 
_struct_ref_seq.pdbx_auth_seq_align_beg       63 
_struct_ref_seq.pdbx_auth_seq_align_end       170 
# 
_struct_ref_seq_dif.align_id                     1 
_struct_ref_seq_dif.pdbx_pdb_id_code             8GN9 
_struct_ref_seq_dif.mon_id                       MET 
_struct_ref_seq_dif.pdbx_pdb_strand_id           A 
_struct_ref_seq_dif.seq_num                      1 
_struct_ref_seq_dif.pdbx_pdb_ins_code            ? 
_struct_ref_seq_dif.pdbx_seq_db_name             UNP 
_struct_ref_seq_dif.pdbx_seq_db_accession_code   O59180 
_struct_ref_seq_dif.db_mon_id                    ? 
_struct_ref_seq_dif.pdbx_seq_db_seq_num          ? 
_struct_ref_seq_dif.details                      'initiating methionine' 
_struct_ref_seq_dif.pdbx_auth_seq_num            62 
_struct_ref_seq_dif.pdbx_ordinal                 1 
# 
loop_
_chem_comp.id 
_chem_comp.type 
_chem_comp.mon_nstd_flag 
_chem_comp.name 
_chem_comp.pdbx_synonyms 
_chem_comp.formula 
_chem_comp.formula_weight 
ALA 'L-peptide linking' y ALANINE         ? 'C3 H7 N O2'     89.093  
ARG 'L-peptide linking' y ARGININE        ? 'C6 H15 N4 O2 1' 175.209 
ASN 'L-peptide linking' y ASPARAGINE      ? 'C4 H8 N2 O3'    132.118 
ASP 'L-peptide linking' y 'ASPARTIC ACID' ? 'C4 H7 N O4'     133.103 
GLN 'L-peptide linking' y GLUTAMINE       ? 'C5 H10 N2 O3'   146.144 
GLU 'L-peptide linking' y 'GLUTAMIC ACID' ? 'C5 H9 N O4'     147.129 
GLY 'peptide linking'   y GLYCINE         ? 'C2 H5 N O2'     75.067  
HIS 'L-peptide linking' y HISTIDINE       ? 'C6 H10 N3 O2 1' 156.162 
HOH non-polymer         . WATER           ? 'H2 O'           18.015  
ILE 'L-peptide linking' y ISOLEUCINE      ? 'C6 H13 N O2'    131.173 
LEU 'L-peptide linking' y LEUCINE         ? 'C6 H13 N O2'    131.173 
LYS 'L-peptide linking' y LYSINE          ? 'C6 H15 N2 O2 1' 147.195 
MET 'L-peptide linking' y METHIONINE      ? 'C5 H11 N O2 S'  149.211 
NA  non-polymer         . 'SODIUM ION'    ? 'Na 1'           22.990  
PHE 'L-peptide linking' y PHENYLALANINE   ? 'C9 H11 N O2'    165.189 
PRO 'L-peptide linking' y PROLINE         ? 'C5 H9 N O2'     115.130 
SER 'L-peptide linking' y SERINE          ? 'C3 H7 N O3'     105.093 
THR 'L-peptide linking' y THREONINE       ? 'C4 H9 N O3'     119.119 
TRP 'L-peptide linking' y TRYPTOPHAN      ? 'C11 H12 N2 O2'  204.225 
TYR 'L-peptide linking' y TYROSINE        ? 'C9 H11 N O3'    181.189 
VAL 'L-peptide linking' y VALINE          ? 'C5 H11 N O2'    117.146 
# 
_exptl.absorpt_coefficient_mu     ? 
_exptl.absorpt_correction_T_max   ? 
_exptl.absorpt_correction_T_min   ? 
_exptl.absorpt_correction_type    ? 
_exptl.absorpt_process_details    ? 
_exptl.entry_id                   8GN9 
_exptl.crystals_number            1 
_exptl.details                    ? 
_exptl.method                     'X-RAY DIFFRACTION' 
_exptl.method_details             ? 
# 
_exptl_crystal.colour                       ? 
_exptl_crystal.density_diffrn               ? 
_exptl_crystal.density_Matthews             1.92 
_exptl_crystal.density_method               ? 
_exptl_crystal.density_percent_sol          36.00 
_exptl_crystal.description                  ? 
_exptl_crystal.F_000                        ? 
_exptl_crystal.id                           1 
_exptl_crystal.preparation                  ? 
_exptl_crystal.size_max                     ? 
_exptl_crystal.size_mid                     ? 
_exptl_crystal.size_min                     ? 
_exptl_crystal.size_rad                     ? 
_exptl_crystal.colour_lustre                ? 
_exptl_crystal.colour_modifier              ? 
_exptl_crystal.colour_primary               ? 
_exptl_crystal.density_meas                 ? 
_exptl_crystal.density_meas_esd             ? 
_exptl_crystal.density_meas_gt              ? 
_exptl_crystal.density_meas_lt              ? 
_exptl_crystal.density_meas_temp            ? 
_exptl_crystal.density_meas_temp_esd        ? 
_exptl_crystal.density_meas_temp_gt         ? 
_exptl_crystal.density_meas_temp_lt         ? 
_exptl_crystal.pdbx_crystal_image_url       ? 
_exptl_crystal.pdbx_crystal_image_format    ? 
_exptl_crystal.pdbx_mosaicity               ? 
_exptl_crystal.pdbx_mosaicity_esd           ? 
_exptl_crystal.pdbx_mosaic_method           ? 
_exptl_crystal.pdbx_mosaic_block_size       ? 
_exptl_crystal.pdbx_mosaic_block_size_esd   ? 
# 
_exptl_crystal_grow.apparatus       ? 
_exptl_crystal_grow.atmosphere      ? 
_exptl_crystal_grow.crystal_id      1 
_exptl_crystal_grow.details         ? 
_exptl_crystal_grow.method          'VAPOR DIFFUSION, SITTING DROP' 
_exptl_crystal_grow.method_ref      ? 
_exptl_crystal_grow.pH              8.5 
_exptl_crystal_grow.pressure        ? 
_exptl_crystal_grow.pressure_esd    ? 
_exptl_crystal_grow.seeding         ? 
_exptl_crystal_grow.seeding_ref     ? 
_exptl_crystal_grow.temp            293 
_exptl_crystal_grow.temp_details    ? 
_exptl_crystal_grow.temp_esd        ? 
_exptl_crystal_grow.time            ? 
_exptl_crystal_grow.pdbx_details    '0.1 M sodium acetate, 50 mM Tris-HCl, 15% PEG4000' 
_exptl_crystal_grow.pdbx_pH_range   ? 
# 
_diffrn.ambient_environment              ? 
_diffrn.ambient_temp                     95 
_diffrn.ambient_temp_details             ? 
_diffrn.ambient_temp_esd                 ? 
_diffrn.crystal_id                       1 
_diffrn.crystal_support                  ? 
_diffrn.crystal_treatment                ? 
_diffrn.details                          ? 
_diffrn.id                               1 
_diffrn.ambient_pressure                 ? 
_diffrn.ambient_pressure_esd             ? 
_diffrn.ambient_pressure_gt              ? 
_diffrn.ambient_pressure_lt              ? 
_diffrn.ambient_temp_gt                  ? 
_diffrn.ambient_temp_lt                  ? 
_diffrn.pdbx_serial_crystal_experiment   N 
# 
_diffrn_detector.details                      ? 
_diffrn_detector.detector                     PIXEL 
_diffrn_detector.diffrn_id                    1 
_diffrn_detector.type                         'DECTRIS EIGER X 16M' 
_diffrn_detector.area_resol_mean              ? 
_diffrn_detector.dtime                        ? 
_diffrn_detector.pdbx_frames_total            ? 
_diffrn_detector.pdbx_collection_time_total   ? 
_diffrn_detector.pdbx_collection_date         2020-10-29 
_diffrn_detector.pdbx_frequency               ? 
# 
_diffrn_radiation.collimation                      ? 
_diffrn_radiation.diffrn_id                        1 
_diffrn_radiation.filter_edge                      ? 
_diffrn_radiation.inhomogeneity                    ? 
_diffrn_radiation.monochromator                    ? 
_diffrn_radiation.polarisn_norm                    ? 
_diffrn_radiation.polarisn_ratio                   ? 
_diffrn_radiation.probe                            ? 
_diffrn_radiation.type                             ? 
_diffrn_radiation.xray_symbol                      ? 
_diffrn_radiation.wavelength_id                    1 
_diffrn_radiation.pdbx_monochromatic_or_laue_m_l   M 
_diffrn_radiation.pdbx_wavelength_list             ? 
_diffrn_radiation.pdbx_wavelength                  ? 
_diffrn_radiation.pdbx_diffrn_protocol             'SINGLE WAVELENGTH' 
_diffrn_radiation.pdbx_analyzer                    ? 
_diffrn_radiation.pdbx_scattering_type             x-ray 
# 
_diffrn_radiation_wavelength.id           1 
_diffrn_radiation_wavelength.wavelength   0.98000 
_diffrn_radiation_wavelength.wt           1.0 
# 
_diffrn_source.current                     ? 
_diffrn_source.details                     ? 
_diffrn_source.diffrn_id                   1 
_diffrn_source.power                       ? 
_diffrn_source.size                        ? 
_diffrn_source.source                      SYNCHROTRON 
_diffrn_source.target                      ? 
_diffrn_source.type                        'PHOTON FACTORY BEAMLINE BL-17A' 
_diffrn_source.voltage                     ? 
_diffrn_source.take-off_angle              ? 
_diffrn_source.pdbx_wavelength_list        0.98000 
_diffrn_source.pdbx_wavelength             ? 
_diffrn_source.pdbx_synchrotron_beamline   BL-17A 
_diffrn_source.pdbx_synchrotron_site       'Photon Factory' 
# 
_reflns.B_iso_Wilson_estimate                          31.3 
_reflns.entry_id                                       8GN9 
_reflns.data_reduction_details                         ? 
_reflns.data_reduction_method                          ? 
_reflns.d_resolution_high                              2.50 
_reflns.d_resolution_low                               20.00 
_reflns.details                                        ? 
_reflns.limit_h_max                                    ? 
_reflns.limit_h_min                                    ? 
_reflns.limit_k_max                                    ? 
_reflns.limit_k_min                                    ? 
_reflns.limit_l_max                                    ? 
_reflns.limit_l_min                                    ? 
_reflns.number_all                                     ? 
_reflns.number_obs                                     3909 
_reflns.observed_criterion                             ? 
_reflns.observed_criterion_F_max                       ? 
_reflns.observed_criterion_F_min                       ? 
_reflns.observed_criterion_I_max                       ? 
_reflns.observed_criterion_I_min                       ? 
_reflns.observed_criterion_sigma_F                     ? 
_reflns.observed_criterion_sigma_I                     ? 
_reflns.percent_possible_obs                           99.7 
_reflns.R_free_details                                 ? 
_reflns.Rmerge_F_all                                   ? 
_reflns.Rmerge_F_obs                                   ? 
_reflns.Friedel_coverage                               ? 
_reflns.number_gt                                      ? 
_reflns.threshold_expression                           ? 
_reflns.pdbx_redundancy                                10.3 
_reflns.pdbx_Rmerge_I_obs                              0.140 
_reflns.pdbx_Rmerge_I_all                              ? 
_reflns.pdbx_Rsym_value                                ? 
_reflns.pdbx_netI_over_av_sigmaI                       ? 
_reflns.pdbx_netI_over_sigmaI                          10.6 
_reflns.pdbx_res_netI_over_av_sigmaI_2                 ? 
_reflns.pdbx_res_netI_over_sigmaI_2                    ? 
_reflns.pdbx_chi_squared                               ? 
_reflns.pdbx_scaling_rejects                           ? 
_reflns.pdbx_d_res_high_opt                            ? 
_reflns.pdbx_d_res_low_opt                             ? 
_reflns.pdbx_d_res_opt_method                          ? 
_reflns.phase_calculation_details                      ? 
_reflns.pdbx_Rrim_I_all                                ? 
_reflns.pdbx_Rpim_I_all                                ? 
_reflns.pdbx_d_opt                                     ? 
_reflns.pdbx_number_measured_all                       ? 
_reflns.pdbx_diffrn_id                                 1 
_reflns.pdbx_ordinal                                   1 
_reflns.pdbx_CC_half                                   0.995 
_reflns.pdbx_CC_star                                   ? 
_reflns.pdbx_R_split                                   ? 
_reflns.pdbx_aniso_diffraction_limit_axis_1_ortho[1]   ? 
_reflns.pdbx_aniso_diffraction_limit_axis_1_ortho[2]   ? 
_reflns.pdbx_aniso_diffraction_limit_axis_1_ortho[3]   ? 
_reflns.pdbx_aniso_diffraction_limit_axis_2_ortho[1]   ? 
_reflns.pdbx_aniso_diffraction_limit_axis_2_ortho[2]   ? 
_reflns.pdbx_aniso_diffraction_limit_axis_2_ortho[3]   ? 
_reflns.pdbx_aniso_diffraction_limit_axis_3_ortho[1]   ? 
_reflns.pdbx_aniso_diffraction_limit_axis_3_ortho[2]   ? 
_reflns.pdbx_aniso_diffraction_limit_axis_3_ortho[3]   ? 
_reflns.pdbx_aniso_diffraction_limit_1                 ? 
_reflns.pdbx_aniso_diffraction_limit_2                 ? 
_reflns.pdbx_aniso_diffraction_limit_3                 ? 
_reflns.pdbx_aniso_B_tensor_eigenvector_1_ortho[1]     ? 
_reflns.pdbx_aniso_B_tensor_eigenvector_1_ortho[2]     ? 
_reflns.pdbx_aniso_B_tensor_eigenvector_1_ortho[3]     ? 
_reflns.pdbx_aniso_B_tensor_eigenvector_2_ortho[1]     ? 
_reflns.pdbx_aniso_B_tensor_eigenvector_2_ortho[2]     ? 
_reflns.pdbx_aniso_B_tensor_eigenvector_2_ortho[3]     ? 
_reflns.pdbx_aniso_B_tensor_eigenvector_3_ortho[1]     ? 
_reflns.pdbx_aniso_B_tensor_eigenvector_3_ortho[2]     ? 
_reflns.pdbx_aniso_B_tensor_eigenvector_3_ortho[3]     ? 
_reflns.pdbx_aniso_B_tensor_eigenvalue_1               ? 
_reflns.pdbx_aniso_B_tensor_eigenvalue_2               ? 
_reflns.pdbx_aniso_B_tensor_eigenvalue_3               ? 
_reflns.pdbx_orthogonalization_convention              ? 
_reflns.pdbx_percent_possible_ellipsoidal              ? 
_reflns.pdbx_percent_possible_spherical                ? 
_reflns.pdbx_percent_possible_ellipsoidal_anomalous    ? 
_reflns.pdbx_percent_possible_spherical_anomalous      ? 
_reflns.pdbx_redundancy_anomalous                      ? 
_reflns.pdbx_CC_half_anomalous                         ? 
_reflns.pdbx_absDiff_over_sigma_anomalous              ? 
_reflns.pdbx_percent_possible_anomalous                ? 
_reflns.pdbx_observed_signal_threshold                 ? 
_reflns.pdbx_signal_type                               ? 
_reflns.pdbx_signal_details                            ? 
_reflns.pdbx_signal_software_id                        ? 
_reflns.pdbx_CC_split_method                           ? 
# 
_reflns_shell.d_res_high                                    2.50 
_reflns_shell.d_res_low                                     2.64 
_reflns_shell.meanI_over_sigI_all                           ? 
_reflns_shell.meanI_over_sigI_obs                           6.8 
_reflns_shell.number_measured_all                           ? 
_reflns_shell.number_measured_obs                           ? 
_reflns_shell.number_possible                               ? 
_reflns_shell.number_unique_all                             ? 
_reflns_shell.number_unique_obs                             536 
_reflns_shell.percent_possible_all                          100 
_reflns_shell.percent_possible_obs                          ? 
_reflns_shell.Rmerge_F_all                                  ? 
_reflns_shell.Rmerge_F_obs                                  ? 
_reflns_shell.Rmerge_I_all                                  ? 
_reflns_shell.Rmerge_I_obs                                  0.311 
_reflns_shell.meanI_over_sigI_gt                            ? 
_reflns_shell.meanI_over_uI_all                             ? 
_reflns_shell.meanI_over_uI_gt                              ? 
_reflns_shell.number_measured_gt                            ? 
_reflns_shell.number_unique_gt                              ? 
_reflns_shell.percent_possible_gt                           ? 
_reflns_shell.Rmerge_F_gt                                   ? 
_reflns_shell.Rmerge_I_gt                                   ? 
_reflns_shell.pdbx_redundancy                               ? 
_reflns_shell.pdbx_Rsym_value                               ? 
_reflns_shell.pdbx_chi_squared                              ? 
_reflns_shell.pdbx_netI_over_sigmaI_all                     ? 
_reflns_shell.pdbx_netI_over_sigmaI_obs                     ? 
_reflns_shell.pdbx_Rrim_I_all                               ? 
_reflns_shell.pdbx_Rpim_I_all                               ? 
_reflns_shell.pdbx_rejects                                  ? 
_reflns_shell.pdbx_ordinal                                  1 
_reflns_shell.pdbx_diffrn_id                                1 
_reflns_shell.pdbx_CC_half                                  0.951 
_reflns_shell.pdbx_CC_star                                  ? 
_reflns_shell.pdbx_R_split                                  ? 
_reflns_shell.pdbx_percent_possible_ellipsoidal             ? 
_reflns_shell.pdbx_percent_possible_spherical               ? 
_reflns_shell.pdbx_percent_possible_ellipsoidal_anomalous   ? 
_reflns_shell.pdbx_percent_possible_spherical_anomalous     ? 
_reflns_shell.pdbx_redundancy_anomalous                     ? 
_reflns_shell.pdbx_CC_half_anomalous                        ? 
_reflns_shell.pdbx_absDiff_over_sigma_anomalous             ? 
_reflns_shell.pdbx_percent_possible_anomalous               ? 
# 
_refine.aniso_B[1][1]                            -0.2000 
_refine.aniso_B[1][2]                            0.0000 
_refine.aniso_B[1][3]                            0.0000 
_refine.aniso_B[2][2]                            -0.2000 
_refine.aniso_B[2][3]                            0.0000 
_refine.aniso_B[3][3]                            0.4000 
_refine.B_iso_max                                91.890 
_refine.B_iso_mean                               43.4060 
_refine.B_iso_min                                25.560 
_refine.correlation_coeff_Fo_to_Fc               0.9360 
_refine.correlation_coeff_Fo_to_Fc_free          0.8770 
_refine.details                                  
'HYDROGENS HAVE BEEN ADDED IN THE RIDING POSITIONS U VALUES      : REFINED INDIVIDUALLY' 
_refine.diff_density_max                         ? 
_refine.diff_density_max_esd                     ? 
_refine.diff_density_min                         ? 
_refine.diff_density_min_esd                     ? 
_refine.diff_density_rms                         ? 
_refine.diff_density_rms_esd                     ? 
_refine.entry_id                                 8GN9 
_refine.pdbx_refine_id                           'X-RAY DIFFRACTION' 
_refine.ls_abs_structure_details                 ? 
_refine.ls_abs_structure_Flack                   ? 
_refine.ls_abs_structure_Flack_esd               ? 
_refine.ls_abs_structure_Rogers                  ? 
_refine.ls_abs_structure_Rogers_esd              ? 
_refine.ls_d_res_high                            2.5000 
_refine.ls_d_res_low                             19.8100 
_refine.ls_extinction_coef                       ? 
_refine.ls_extinction_coef_esd                   ? 
_refine.ls_extinction_expression                 ? 
_refine.ls_extinction_method                     ? 
_refine.ls_goodness_of_fit_all                   ? 
_refine.ls_goodness_of_fit_all_esd               ? 
_refine.ls_goodness_of_fit_obs                   ? 
_refine.ls_goodness_of_fit_obs_esd               ? 
_refine.ls_hydrogen_treatment                    ? 
_refine.ls_matrix_type                           ? 
_refine.ls_number_constraints                    ? 
_refine.ls_number_parameters                     ? 
_refine.ls_number_reflns_all                     ? 
_refine.ls_number_reflns_obs                     3443 
_refine.ls_number_reflns_R_free                  402 
_refine.ls_number_reflns_R_work                  ? 
_refine.ls_number_restraints                     ? 
_refine.ls_percent_reflns_obs                    99.3500 
_refine.ls_percent_reflns_R_free                 10.5000 
_refine.ls_R_factor_all                          ? 
_refine.ls_R_factor_obs                          0.2217 
_refine.ls_R_factor_R_free                       0.2779 
_refine.ls_R_factor_R_free_error                 ? 
_refine.ls_R_factor_R_free_error_details         ? 
_refine.ls_R_factor_R_work                       0.2153 
_refine.ls_R_Fsqd_factor_obs                     ? 
_refine.ls_R_I_factor_obs                        ? 
_refine.ls_redundancy_reflns_all                 ? 
_refine.ls_redundancy_reflns_obs                 ? 
_refine.ls_restrained_S_all                      ? 
_refine.ls_restrained_S_obs                      ? 
_refine.ls_shift_over_esd_max                    ? 
_refine.ls_shift_over_esd_mean                   ? 
_refine.ls_structure_factor_coef                 ? 
_refine.ls_weighting_details                     ? 
_refine.ls_weighting_scheme                      ? 
_refine.ls_wR_factor_all                         ? 
_refine.ls_wR_factor_obs                         ? 
_refine.ls_wR_factor_R_free                      ? 
_refine.ls_wR_factor_R_work                      ? 
_refine.occupancy_max                            ? 
_refine.occupancy_min                            ? 
_refine.solvent_model_details                    MASK 
_refine.solvent_model_param_bsol                 ? 
_refine.solvent_model_param_ksol                 ? 
_refine.pdbx_R_complete                          ? 
_refine.ls_R_factor_gt                           ? 
_refine.ls_goodness_of_fit_gt                    ? 
_refine.ls_goodness_of_fit_ref                   ? 
_refine.ls_shift_over_su_max                     ? 
_refine.ls_shift_over_su_max_lt                  ? 
_refine.ls_shift_over_su_mean                    ? 
_refine.ls_shift_over_su_mean_lt                 ? 
_refine.pdbx_ls_sigma_I                          ? 
_refine.pdbx_ls_sigma_F                          0.000 
_refine.pdbx_ls_sigma_Fsqd                       ? 
_refine.pdbx_data_cutoff_high_absF               ? 
_refine.pdbx_data_cutoff_high_rms_absF           ? 
_refine.pdbx_data_cutoff_low_absF                ? 
_refine.pdbx_isotropic_thermal_model             ? 
_refine.pdbx_ls_cross_valid_method               THROUGHOUT 
_refine.pdbx_method_to_determine_struct          'MOLECULAR REPLACEMENT' 
_refine.pdbx_starting_model                      3bk6 
_refine.pdbx_stereochemistry_target_values       'MAXIMUM LIKELIHOOD' 
_refine.pdbx_R_Free_selection_details            RANDOM 
_refine.pdbx_stereochem_target_val_spec_case     ? 
_refine.pdbx_overall_ESU_R                       ? 
_refine.pdbx_overall_ESU_R_Free                  0.3620 
_refine.pdbx_solvent_vdw_probe_radii             1.2000 
_refine.pdbx_solvent_ion_probe_radii             0.8000 
_refine.pdbx_solvent_shrinkage_radii             0.8000 
_refine.pdbx_real_space_R                        ? 
_refine.pdbx_density_correlation                 ? 
_refine.pdbx_pd_number_of_powder_patterns        ? 
_refine.pdbx_pd_number_of_points                 ? 
_refine.pdbx_pd_meas_number_of_points            ? 
_refine.pdbx_pd_proc_ls_prof_R_factor            ? 
_refine.pdbx_pd_proc_ls_prof_wR_factor           ? 
_refine.pdbx_pd_Marquardt_correlation_coeff      ? 
_refine.pdbx_pd_Fsqrd_R_factor                   ? 
_refine.pdbx_pd_ls_matrix_band_width             ? 
_refine.pdbx_overall_phase_error                 ? 
_refine.pdbx_overall_SU_R_free_Cruickshank_DPI   ? 
_refine.pdbx_overall_SU_R_free_Blow_DPI          ? 
_refine.pdbx_overall_SU_R_Blow_DPI               ? 
_refine.pdbx_TLS_residual_ADP_flag               ? 
_refine.pdbx_diffrn_id                           1 
_refine.overall_SU_B                             11.9380 
_refine.overall_SU_ML                            0.2600 
_refine.overall_SU_R_Cruickshank_DPI             ? 
_refine.overall_SU_R_free                        ? 
_refine.overall_FOM_free_R_set                   ? 
_refine.overall_FOM_work_R_set                   ? 
_refine.pdbx_average_fsc_overall                 ? 
_refine.pdbx_average_fsc_work                    ? 
_refine.pdbx_average_fsc_free                    ? 
# 
_refine_hist.pdbx_refine_id                   'X-RAY DIFFRACTION' 
_refine_hist.cycle_id                         final 
_refine_hist.details                          ? 
_refine_hist.d_res_high                       2.5000 
_refine_hist.d_res_low                        19.8100 
_refine_hist.number_atoms_solvent             21 
_refine_hist.number_atoms_total               862 
_refine_hist.number_reflns_all                ? 
_refine_hist.number_reflns_obs                ? 
_refine_hist.number_reflns_R_free             ? 
_refine_hist.number_reflns_R_work             ? 
_refine_hist.R_factor_all                     ? 
_refine_hist.R_factor_obs                     ? 
_refine_hist.R_factor_R_free                  ? 
_refine_hist.R_factor_R_work                  ? 
_refine_hist.pdbx_number_residues_total       106 
_refine_hist.pdbx_B_iso_mean_ligand           34.37 
_refine_hist.pdbx_B_iso_mean_solvent          38.88 
_refine_hist.pdbx_number_atoms_protein        840 
_refine_hist.pdbx_number_atoms_nucleic_acid   0 
_refine_hist.pdbx_number_atoms_ligand         1 
_refine_hist.pdbx_number_atoms_lipid          ? 
_refine_hist.pdbx_number_atoms_carb           ? 
_refine_hist.pdbx_pseudo_atom_details         ? 
# 
loop_
_refine_ls_restr.pdbx_refine_id 
_refine_ls_restr.criterion 
_refine_ls_restr.dev_ideal 
_refine_ls_restr.dev_ideal_target 
_refine_ls_restr.number 
_refine_ls_restr.rejects 
_refine_ls_restr.type 
_refine_ls_restr.weight 
_refine_ls_restr.pdbx_restraint_function 
'X-RAY DIFFRACTION' ? 0.007  0.013  850  ? r_bond_refined_d       ? ? 
'X-RAY DIFFRACTION' ? 0.002  0.015  858  ? r_bond_other_d         ? ? 
'X-RAY DIFFRACTION' ? 1.381  1.645  1159 ? r_angle_refined_deg    ? ? 
'X-RAY DIFFRACTION' ? 1.208  1.584  1969 ? r_angle_other_deg      ? ? 
'X-RAY DIFFRACTION' ? 7.194  5.000  105  ? r_dihedral_angle_1_deg ? ? 
'X-RAY DIFFRACTION' ? 34.532 23.409 44   ? r_dihedral_angle_2_deg ? ? 
'X-RAY DIFFRACTION' ? 16.987 15.000 158  ? r_dihedral_angle_3_deg ? ? 
'X-RAY DIFFRACTION' ? 12.083 15.000 6    ? r_dihedral_angle_4_deg ? ? 
'X-RAY DIFFRACTION' ? 0.053  0.200  121  ? r_chiral_restr         ? ? 
'X-RAY DIFFRACTION' ? 0.005  0.020  941  ? r_gen_planes_refined   ? ? 
'X-RAY DIFFRACTION' ? 0.001  0.020  175  ? r_gen_planes_other     ? ? 
# 
_refine_ls_shell.pdbx_refine_id                   'X-RAY DIFFRACTION' 
_refine_ls_shell.d_res_high                       2.5000 
_refine_ls_shell.d_res_low                        2.5640 
_refine_ls_shell.number_reflns_all                269 
_refine_ls_shell.number_reflns_obs                ? 
_refine_ls_shell.number_reflns_R_free             36 
_refine_ls_shell.number_reflns_R_work             233 
_refine_ls_shell.percent_reflns_obs               100.0000 
_refine_ls_shell.percent_reflns_R_free            ? 
_refine_ls_shell.R_factor_all                     ? 
_refine_ls_shell.R_factor_obs                     ? 
_refine_ls_shell.R_factor_R_free                  0.3470 
_refine_ls_shell.R_factor_R_free_error            0.0000 
_refine_ls_shell.R_factor_R_work                  0.2350 
_refine_ls_shell.redundancy_reflns_all            ? 
_refine_ls_shell.redundancy_reflns_obs            ? 
_refine_ls_shell.wR_factor_all                    ? 
_refine_ls_shell.wR_factor_obs                    ? 
_refine_ls_shell.wR_factor_R_free                 ? 
_refine_ls_shell.wR_factor_R_work                 ? 
_refine_ls_shell.pdbx_R_complete                  ? 
_refine_ls_shell.pdbx_total_number_of_bins_used   20 
_refine_ls_shell.pdbx_phase_error                 ? 
_refine_ls_shell.pdbx_fsc_work                    ? 
_refine_ls_shell.pdbx_fsc_free                    ? 
# 
_struct.entry_id                     8GN9 
_struct.title                        'SPFH domain of Pyrococcus horikoshii stomatin' 
_struct.pdbx_model_details           ? 
_struct.pdbx_formula_weight          ? 
_struct.pdbx_formula_weight_method   ? 
_struct.pdbx_model_type_details      ? 
_struct.pdbx_CASP_flag               N 
# 
_struct_keywords.entry_id        8GN9 
_struct_keywords.text            'mixed alpha-beta, dimer, scaffolding protein, MEMBRANE PROTEIN' 
_struct_keywords.pdbx_keywords   'MEMBRANE PROTEIN' 
# 
loop_
_struct_asym.id 
_struct_asym.pdbx_blank_PDB_chainid_flag 
_struct_asym.pdbx_modified 
_struct_asym.entity_id 
_struct_asym.details 
A N N 1 ? 
B N N 2 ? 
C N N 3 ? 
# 
loop_
_struct_conf.conf_type_id 
_struct_conf.id 
_struct_conf.pdbx_PDB_helix_id 
_struct_conf.beg_label_comp_id 
_struct_conf.beg_label_asym_id 
_struct_conf.beg_label_seq_id 
_struct_conf.pdbx_beg_PDB_ins_code 
_struct_conf.end_label_comp_id 
_struct_conf.end_label_asym_id 
_struct_conf.end_label_seq_id 
_struct_conf.pdbx_end_PDB_ins_code 
_struct_conf.beg_auth_comp_id 
_struct_conf.beg_auth_asym_id 
_struct_conf.beg_auth_seq_id 
_struct_conf.end_auth_comp_id 
_struct_conf.end_auth_asym_id 
_struct_conf.end_auth_seq_id 
_struct_conf.pdbx_PDB_helix_class 
_struct_conf.details 
_struct_conf.pdbx_PDB_helix_length 
HELX_P HELX_P1 AA1 ASP A 36 ? GLN A 43 ? ASP A 97  GLN A 104 1 ? 8  
HELX_P HELX_P2 AA2 ASN A 46 ? GLN A 65 ? ASN A 107 GLN A 126 1 ? 20 
HELX_P HELX_P3 AA3 HIS A 67 ? GLU A 74 ? HIS A 128 GLU A 135 1 ? 8  
HELX_P HELX_P4 AA4 GLU A 74 ? ASP A 91 ? GLU A 135 ASP A 152 1 ? 18 
# 
_struct_conf_type.id          HELX_P 
_struct_conf_type.criteria    ? 
_struct_conf_type.reference   ? 
# 
loop_
_struct_conn.id 
_struct_conn.conn_type_id 
_struct_conn.pdbx_leaving_atom_flag 
_struct_conn.pdbx_PDB_id 
_struct_conn.ptnr1_label_asym_id 
_struct_conn.ptnr1_label_comp_id 
_struct_conn.ptnr1_label_seq_id 
_struct_conn.ptnr1_label_atom_id 
_struct_conn.pdbx_ptnr1_label_alt_id 
_struct_conn.pdbx_ptnr1_PDB_ins_code 
_struct_conn.pdbx_ptnr1_standard_comp_id 
_struct_conn.ptnr1_symmetry 
_struct_conn.ptnr2_label_asym_id 
_struct_conn.ptnr2_label_comp_id 
_struct_conn.ptnr2_label_seq_id 
_struct_conn.ptnr2_label_atom_id 
_struct_conn.pdbx_ptnr2_label_alt_id 
_struct_conn.pdbx_ptnr2_PDB_ins_code 
_struct_conn.ptnr1_auth_asym_id 
_struct_conn.ptnr1_auth_comp_id 
_struct_conn.ptnr1_auth_seq_id 
_struct_conn.ptnr2_auth_asym_id 
_struct_conn.ptnr2_auth_comp_id 
_struct_conn.ptnr2_auth_seq_id 
_struct_conn.ptnr2_symmetry 
_struct_conn.pdbx_ptnr3_label_atom_id 
_struct_conn.pdbx_ptnr3_label_seq_id 
_struct_conn.pdbx_ptnr3_label_comp_id 
_struct_conn.pdbx_ptnr3_label_asym_id 
_struct_conn.pdbx_ptnr3_label_alt_id 
_struct_conn.pdbx_ptnr3_PDB_ins_code 
_struct_conn.details 
_struct_conn.pdbx_dist_value 
_struct_conn.pdbx_value_order 
_struct_conn.pdbx_role 
metalc1 metalc ? ? A ASP 87 O   ? ? ? 1_555 B NA . NA ? ? A ASP 148 A NA 201 1_555 ? ? ? ? ? ? ? 2.091 ? ? 
metalc2 metalc ? ? A ASP 87 OD1 ? ? ? 1_555 B NA . NA ? ? A ASP 148 A NA 201 1_555 ? ? ? ? ? ? ? 2.371 ? ? 
metalc3 metalc ? ? A THR 90 OG1 ? ? ? 1_555 B NA . NA ? ? A THR 151 A NA 201 1_555 ? ? ? ? ? ? ? 2.337 ? ? 
metalc4 metalc ? ? A ASP 91 OD1 ? ? ? 1_555 B NA . NA ? ? A ASP 152 A NA 201 1_555 ? ? ? ? ? ? ? 2.048 ? ? 
metalc5 metalc ? ? A ILE 95 O   ? ? ? 1_555 B NA . NA ? ? A ILE 156 A NA 201 1_555 ? ? ? ? ? ? ? 2.429 ? ? 
# 
_struct_conn_type.id          metalc 
_struct_conn_type.criteria    ? 
_struct_conn_type.reference   ? 
# 
_struct_sheet.id               AA1 
_struct_sheet.type             ? 
_struct_sheet.number_strands   3 
_struct_sheet.details          ? 
# 
loop_
_struct_sheet_order.sheet_id 
_struct_sheet_order.range_id_1 
_struct_sheet_order.range_id_2 
_struct_sheet_order.offset 
_struct_sheet_order.sense 
AA1 1 2 ? anti-parallel 
AA1 2 3 ? anti-parallel 
# 
loop_
_struct_sheet_range.sheet_id 
_struct_sheet_range.id 
_struct_sheet_range.beg_label_comp_id 
_struct_sheet_range.beg_label_asym_id 
_struct_sheet_range.beg_label_seq_id 
_struct_sheet_range.pdbx_beg_PDB_ins_code 
_struct_sheet_range.end_label_comp_id 
_struct_sheet_range.end_label_asym_id 
_struct_sheet_range.end_label_seq_id 
_struct_sheet_range.pdbx_end_PDB_ins_code 
_struct_sheet_range.beg_auth_comp_id 
_struct_sheet_range.beg_auth_asym_id 
_struct_sheet_range.beg_auth_seq_id 
_struct_sheet_range.end_auth_comp_id 
_struct_sheet_range.end_auth_asym_id 
_struct_sheet_range.end_auth_seq_id 
AA1 1 THR A 6  ? ILE A 17  ? THR A 67  ILE A 78  
AA1 2 PRO A 23 ? VAL A 34  ? PRO A 84  VAL A 95  
AA1 3 ILE A 95 ? GLU A 106 ? ILE A 156 GLU A 167 
# 
loop_
_pdbx_struct_sheet_hbond.sheet_id 
_pdbx_struct_sheet_hbond.range_id_1 
_pdbx_struct_sheet_hbond.range_id_2 
_pdbx_struct_sheet_hbond.range_1_label_atom_id 
_pdbx_struct_sheet_hbond.range_1_label_comp_id 
_pdbx_struct_sheet_hbond.range_1_label_asym_id 
_pdbx_struct_sheet_hbond.range_1_label_seq_id 
_pdbx_struct_sheet_hbond.range_1_PDB_ins_code 
_pdbx_struct_sheet_hbond.range_1_auth_atom_id 
_pdbx_struct_sheet_hbond.range_1_auth_comp_id 
_pdbx_struct_sheet_hbond.range_1_auth_asym_id 
_pdbx_struct_sheet_hbond.range_1_auth_seq_id 
_pdbx_struct_sheet_hbond.range_2_label_atom_id 
_pdbx_struct_sheet_hbond.range_2_label_comp_id 
_pdbx_struct_sheet_hbond.range_2_label_asym_id 
_pdbx_struct_sheet_hbond.range_2_label_seq_id 
_pdbx_struct_sheet_hbond.range_2_PDB_ins_code 
_pdbx_struct_sheet_hbond.range_2_auth_atom_id 
_pdbx_struct_sheet_hbond.range_2_auth_comp_id 
_pdbx_struct_sheet_hbond.range_2_auth_asym_id 
_pdbx_struct_sheet_hbond.range_2_auth_seq_id 
AA1 1 2 N GLN A 14 ? N GLN A 75 O VAL A 26 ? O VAL A 87  
AA1 2 3 N ARG A 33 ? N ARG A 94 O LYS A 96 ? O LYS A 157 
# 
_atom_sites.entry_id                    8GN9 
_atom_sites.Cartn_transf_matrix[1][1]   ? 
_atom_sites.Cartn_transf_matrix[1][2]   ? 
_atom_sites.Cartn_transf_matrix[1][3]   ? 
_atom_sites.Cartn_transf_matrix[2][1]   ? 
_atom_sites.Cartn_transf_matrix[2][2]   ? 
_atom_sites.Cartn_transf_matrix[2][3]   ? 
_atom_sites.Cartn_transf_matrix[3][1]   ? 
_atom_sites.Cartn_transf_matrix[3][2]   ? 
_atom_sites.Cartn_transf_matrix[3][3]   ? 
_atom_sites.Cartn_transf_vector[1]      ? 
_atom_sites.Cartn_transf_vector[2]      ? 
_atom_sites.Cartn_transf_vector[3]      ? 
_atom_sites.fract_transf_matrix[1][1]   0.03434904 
_atom_sites.fract_transf_matrix[1][2]   -0.00970920 
_atom_sites.fract_transf_matrix[1][3]   -0.00028148 
_atom_sites.fract_transf_matrix[2][1]   -0.00137485 
_atom_sites.fract_transf_matrix[2][2]   -0.00588382 
_atom_sites.fract_transf_matrix[2][3]   0.03518089 
_atom_sites.fract_transf_matrix[3][1]   -0.00111951 
_atom_sites.fract_transf_matrix[3][2]   -0.00394020 
_atom_sites.fract_transf_matrix[3][3]   -0.00070273 
_atom_sites.fract_transf_vector[1]      0.094010 
_atom_sites.fract_transf_vector[2]      0.208399 
_atom_sites.fract_transf_vector[3]      0.071995 
_atom_sites.solution_primary            ? 
_atom_sites.solution_secondary          ? 
_atom_sites.solution_hydrogens          ? 
_atom_sites.special_details             ? 
# 
loop_
_atom_type.symbol 
C  
N  
NA 
O  
S  
# 
loop_
_atom_site.group_PDB 
_atom_site.id 
_atom_site.type_symbol 
_atom_site.label_atom_id 
_atom_site.label_alt_id 
_atom_site.label_comp_id 
_atom_site.label_asym_id 
_atom_site.label_entity_id 
_atom_site.label_seq_id 
_atom_site.pdbx_PDB_ins_code 
_atom_site.Cartn_x 
_atom_site.Cartn_y 
_atom_site.Cartn_z 
_atom_site.occupancy 
_atom_site.B_iso_or_equiv 
_atom_site.pdbx_formal_charge 
_atom_site.auth_seq_id 
_atom_site.auth_comp_id 
_atom_site.auth_asym_id 
_atom_site.auth_atom_id 
_atom_site.pdbx_PDB_model_num 
ATOM   1   N  N   . ASP A 1 3   ? 2.685   -5.232  -18.307 1.00 55.50 ? 64  ASP A N   1 
ATOM   2   C  CA  . ASP A 1 3   ? 2.544   -3.773  -17.967 1.00 53.37 ? 64  ASP A CA  1 
ATOM   3   C  C   . ASP A 1 3   ? 1.145   -3.282  -18.365 1.00 48.54 ? 64  ASP A C   1 
ATOM   4   O  O   . ASP A 1 3   ? 0.648   -2.347  -17.719 1.00 58.35 ? 64  ASP A O   1 
ATOM   5   C  CB  . ASP A 1 3   ? 3.631   -2.905  -18.621 1.00 53.01 ? 64  ASP A CB  1 
ATOM   6   C  CG  . ASP A 1 3   ? 4.902   -2.717  -17.802 1.00 54.76 ? 64  ASP A CG  1 
ATOM   7   O  OD1 . ASP A 1 3   ? 5.145   -1.584  -17.302 1.00 48.51 ? 64  ASP A OD1 1 
ATOM   8   O  OD2 . ASP A 1 3   ? 5.659   -3.693  -17.700 1.00 56.34 ? 64  ASP A OD2 1 
ATOM   9   N  N   . LEU A 1 4   ? 0.522   -3.877  -19.381 1.00 47.20 ? 65  LEU A N   1 
ATOM   10  C  CA  . LEU A 1 4   ? -0.778  -3.397  -19.934 1.00 46.88 ? 65  LEU A CA  1 
ATOM   11  C  C   . LEU A 1 4   ? -1.871  -3.518  -18.874 1.00 46.02 ? 65  LEU A C   1 
ATOM   12  O  O   . LEU A 1 4   ? -2.581  -2.520  -18.636 1.00 40.13 ? 65  LEU A O   1 
ATOM   13  C  CB  . LEU A 1 4   ? -1.164  -4.246  -21.140 1.00 48.28 ? 65  LEU A CB  1 
ATOM   14  C  CG  . LEU A 1 4   ? -2.634  -4.140  -21.539 1.00 47.72 ? 65  LEU A CG  1 
ATOM   15  C  CD1 . LEU A 1 4   ? -2.950  -2.738  -22.044 1.00 46.05 ? 65  LEU A CD1 1 
ATOM   16  C  CD2 . LEU A 1 4   ? -2.993  -5.200  -22.570 1.00 46.23 ? 65  LEU A CD2 1 
ATOM   17  N  N   . ARG A 1 5   ? -1.981  -4.722  -18.293 1.00 48.28 ? 66  ARG A N   1 
ATOM   18  C  CA  . ARG A 1 5   ? -2.960  -5.107  -17.239 1.00 48.93 ? 66  ARG A CA  1 
ATOM   19  C  C   . ARG A 1 5   ? -2.397  -4.761  -15.851 1.00 44.93 ? 66  ARG A C   1 
ATOM   20  O  O   . ARG A 1 5   ? -3.087  -5.025  -14.861 1.00 43.38 ? 66  ARG A O   1 
ATOM   21  C  CB  . ARG A 1 5   ? -3.314  -6.594  -17.345 1.00 49.58 ? 66  ARG A CB  1 
ATOM   22  C  CG  . ARG A 1 5   ? -3.540  -7.069  -18.773 1.00 56.67 ? 66  ARG A CG  1 
ATOM   23  C  CD  . ARG A 1 5   ? -4.104  -8.472  -18.870 1.00 61.28 ? 66  ARG A CD  1 
ATOM   24  N  NE  . ARG A 1 5   ? -3.874  -9.321  -17.695 1.00 68.11 ? 66  ARG A NE  1 
ATOM   25  C  CZ  . ARG A 1 5   ? -2.897  -10.227 -17.566 1.00 72.04 ? 66  ARG A CZ  1 
ATOM   26  N  NH1 . ARG A 1 5   ? -2.013  -10.417 -18.537 1.00 72.28 ? 66  ARG A NH1 1 
ATOM   27  N  NH2 . ARG A 1 5   ? -2.814  -10.955 -16.460 1.00 72.21 ? 66  ARG A NH2 1 
ATOM   28  N  N   . THR A 1 6   ? -1.206  -4.171  -15.774 1.00 45.52 ? 67  THR A N   1 
ATOM   29  C  CA  . THR A 1 6   ? -0.626  -3.690  -14.493 1.00 53.64 ? 67  THR A CA  1 
ATOM   30  C  C   . THR A 1 6   ? -1.119  -2.258  -14.289 1.00 47.65 ? 67  THR A C   1 
ATOM   31  O  O   . THR A 1 6   ? -0.630  -1.377  -14.983 1.00 49.57 ? 67  THR A O   1 
ATOM   32  C  CB  . THR A 1 6   ? 0.903   -3.842  -14.430 1.00 52.94 ? 67  THR A CB  1 
ATOM   33  O  OG1 . THR A 1 6   ? 1.299   -5.114  -14.946 1.00 55.15 ? 67  THR A OG1 1 
ATOM   34  C  CG2 . THR A 1 6   ? 1.422   -3.721  -13.016 1.00 52.12 ? 67  THR A CG2 1 
ATOM   35  N  N   . GLN A 1 7   ? -2.078  -2.073  -13.382 1.00 47.75 ? 68  GLN A N   1 
ATOM   36  C  CA  . GLN A 1 7   ? -2.749  -0.775  -13.120 1.00 47.13 ? 68  GLN A CA  1 
ATOM   37  C  C   . GLN A 1 7   ? -2.006  -0.040  -12.001 1.00 43.30 ? 68  GLN A C   1 
ATOM   38  O  O   . GLN A 1 7   ? -1.580  -0.681  -11.026 1.00 41.19 ? 68  GLN A O   1 
ATOM   39  C  CB  . GLN A 1 7   ? -4.207  -1.004  -12.723 1.00 48.03 ? 68  GLN A CB  1 
ATOM   40  C  CG  . GLN A 1 7   ? -5.068  -1.618  -13.815 1.00 48.90 ? 68  GLN A CG  1 
ATOM   41  C  CD  . GLN A 1 7   ? -6.466  -1.884  -13.308 1.00 51.63 ? 68  GLN A CD  1 
ATOM   42  O  OE1 . GLN A 1 7   ? -7.112  -1.018  -12.717 1.00 53.27 ? 68  GLN A OE1 1 
ATOM   43  N  NE2 . GLN A 1 7   ? -6.942  -3.100  -13.513 1.00 53.41 ? 68  GLN A NE2 1 
ATOM   44  N  N   . VAL A 1 8   ? -1.893  1.272   -12.145 1.00 43.15 ? 69  VAL A N   1 
ATOM   45  C  CA  . VAL A 1 8   ? -1.222  2.191   -11.185 1.00 42.01 ? 69  VAL A CA  1 
ATOM   46  C  C   . VAL A 1 8   ? -2.313  2.742   -10.280 1.00 41.32 ? 69  VAL A C   1 
ATOM   47  O  O   . VAL A 1 8   ? -3.267  3.292   -10.813 1.00 45.91 ? 69  VAL A O   1 
ATOM   48  C  CB  . VAL A 1 8   ? -0.524  3.318   -11.965 1.00 41.51 ? 69  VAL A CB  1 
ATOM   49  C  CG1 . VAL A 1 8   ? 0.177   4.310   -11.062 1.00 42.60 ? 69  VAL A CG1 1 
ATOM   50  C  CG2 . VAL A 1 8   ? 0.428   2.746   -12.986 1.00 45.03 ? 69  VAL A CG2 1 
ATOM   51  N  N   . LEU A 1 9   ? -2.195  2.588   -8.969  1.00 46.38 ? 70  LEU A N   1 
ATOM   52  C  CA  . LEU A 1 9   ? -3.158  3.179   -8.001  1.00 47.98 ? 70  LEU A CA  1 
ATOM   53  C  C   . LEU A 1 9   ? -2.402  4.157   -7.101  1.00 47.18 ? 70  LEU A C   1 
ATOM   54  O  O   . LEU A 1 9   ? -1.411  3.717   -6.480  1.00 45.48 ? 70  LEU A O   1 
ATOM   55  C  CB  . LEU A 1 9   ? -3.807  2.055   -7.194  1.00 52.37 ? 70  LEU A CB  1 
ATOM   56  C  CG  . LEU A 1 9   ? -4.770  2.482   -6.087  1.00 54.31 ? 70  LEU A CG  1 
ATOM   57  C  CD1 . LEU A 1 9   ? -5.982  3.209   -6.651  1.00 54.64 ? 70  LEU A CD1 1 
ATOM   58  C  CD2 . LEU A 1 9   ? -5.217  1.270   -5.292  1.00 61.11 ? 70  LEU A CD2 1 
ATOM   59  N  N   . ASP A 1 10  ? -2.822  5.429   -7.092  1.00 47.02 ? 71  ASP A N   1 
ATOM   60  C  CA  . ASP A 1 10  ? -2.293  6.489   -6.191  1.00 49.05 ? 71  ASP A CA  1 
ATOM   61  C  C   . ASP A 1 10  ? -3.009  6.366   -4.838  1.00 48.81 ? 71  ASP A C   1 
ATOM   62  O  O   . ASP A 1 10  ? -4.212  6.698   -4.739  1.00 44.10 ? 71  ASP A O   1 
ATOM   63  C  CB  . ASP A 1 10  ? -2.424  7.891   -6.800  1.00 49.88 ? 71  ASP A CB  1 
ATOM   64  C  CG  . ASP A 1 10  ? -1.473  8.163   -7.955  1.00 53.17 ? 71  ASP A CG  1 
ATOM   65  O  OD1 . ASP A 1 10  ? -0.547  7.359   -8.157  1.00 59.46 ? 71  ASP A OD1 1 
ATOM   66  O  OD2 . ASP A 1 10  ? -1.661  9.185   -8.644  1.00 55.94 ? 71  ASP A OD2 1 
ATOM   67  N  N   . VAL A 1 11  ? -2.294  5.871   -3.828  1.00 46.43 ? 72  VAL A N   1 
ATOM   68  C  CA  . VAL A 1 11  ? -2.834  5.728   -2.451  1.00 44.08 ? 72  VAL A CA  1 
ATOM   69  C  C   . VAL A 1 11  ? -2.951  7.131   -1.873  1.00 44.04 ? 72  VAL A C   1 
ATOM   70  O  O   . VAL A 1 11  ? -1.960  7.858   -1.805  1.00 38.12 ? 72  VAL A O   1 
ATOM   71  C  CB  . VAL A 1 11  ? -1.955  4.816   -1.587  1.00 45.07 ? 72  VAL A CB  1 
ATOM   72  C  CG1 . VAL A 1 11  ? -2.433  4.792   -0.139  1.00 45.41 ? 72  VAL A CG1 1 
ATOM   73  C  CG2 . VAL A 1 11  ? -1.899  3.414   -2.174  1.00 44.85 ? 72  VAL A CG2 1 
ATOM   74  N  N   . PRO A 1 12  ? -4.175  7.575   -1.508  1.00 41.92 ? 73  PRO A N   1 
ATOM   75  C  CA  . PRO A 1 12  ? -4.358  8.899   -0.940  1.00 42.19 ? 73  PRO A CA  1 
ATOM   76  C  C   . PRO A 1 12  ? -3.487  9.057   0.314   1.00 43.39 ? 73  PRO A C   1 
ATOM   77  O  O   . PRO A 1 12  ? -3.194  8.065   0.977   1.00 39.11 ? 73  PRO A O   1 
ATOM   78  C  CB  . PRO A 1 12  ? -5.853  9.000   -0.626  1.00 40.75 ? 73  PRO A CB  1 
ATOM   79  C  CG  . PRO A 1 12  ? -6.323  7.581   -0.646  1.00 44.31 ? 73  PRO A CG  1 
ATOM   80  C  CD  . PRO A 1 12  ? -5.445  6.852   -1.639  1.00 45.99 ? 73  PRO A CD  1 
ATOM   81  N  N   . VAL A 1 13  ? -3.123  10.304  0.610   1.00 41.83 ? 74  VAL A N   1 
ATOM   82  C  CA  . VAL A 1 13  ? -2.126  10.653  1.655   1.00 43.44 ? 74  VAL A CA  1 
ATOM   83  C  C   . VAL A 1 13  ? -2.638  10.158  3.006   1.00 44.25 ? 74  VAL A C   1 
ATOM   84  O  O   . VAL A 1 13  ? -3.854  10.235  3.250   1.00 48.96 ? 74  VAL A O   1 
ATOM   85  C  CB  . VAL A 1 13  ? -1.847  12.160  1.674   1.00 48.78 ? 74  VAL A CB  1 
ATOM   86  C  CG1 . VAL A 1 13  ? -0.766  12.492  2.689   1.00 51.48 ? 74  VAL A CG1 1 
ATOM   87  C  CG2 . VAL A 1 13  ? -1.458  12.669  0.288   1.00 57.35 ? 74  VAL A CG2 1 
ATOM   88  N  N   . GLN A 1 14  ? -1.722  9.663   3.836   1.00 44.20 ? 75  GLN A N   1 
ATOM   89  C  CA  . GLN A 1 14  ? -1.984  9.122   5.187   1.00 45.39 ? 75  GLN A CA  1 
ATOM   90  C  C   . GLN A 1 14  ? -1.206  9.959   6.197   1.00 50.84 ? 75  GLN A C   1 
ATOM   91  O  O   . GLN A 1 14  ? 0.022   10.033  6.069   1.00 49.61 ? 75  GLN A O   1 
ATOM   92  C  CB  . GLN A 1 14  ? -1.535  7.661   5.229   1.00 47.86 ? 75  GLN A CB  1 
ATOM   93  C  CG  . GLN A 1 14  ? -2.656  6.677   5.546   1.00 52.52 ? 75  GLN A CG  1 
ATOM   94  C  CD  . GLN A 1 14  ? -3.832  6.786   4.608   1.00 50.34 ? 75  GLN A CD  1 
ATOM   95  O  OE1 . GLN A 1 14  ? -4.976  6.744   5.037   1.00 59.25 ? 75  GLN A OE1 1 
ATOM   96  N  NE2 . GLN A 1 14  ? -3.559  6.940   3.324   1.00 48.02 ? 75  GLN A NE2 1 
ATOM   97  N  N   . GLU A 1 15  ? -1.888  10.592  7.150   1.00 57.39 ? 76  GLU A N   1 
ATOM   98  C  CA  . GLU A 1 15  ? -1.219  11.376  8.222   1.00 58.37 ? 76  GLU A CA  1 
ATOM   99  C  C   . GLU A 1 15  ? -1.182  10.518  9.488   1.00 56.99 ? 76  GLU A C   1 
ATOM   100 O  O   . GLU A 1 15  ? -2.262  10.195  10.010  1.00 61.87 ? 76  GLU A O   1 
ATOM   101 C  CB  . GLU A 1 15  ? -1.926  12.714  8.440   1.00 64.57 ? 76  GLU A CB  1 
ATOM   102 C  CG  . GLU A 1 15  ? -1.151  13.662  9.346   1.00 75.34 ? 76  GLU A CG  1 
ATOM   103 C  CD  . GLU A 1 15  ? -1.494  15.141  9.225   1.00 81.66 ? 76  GLU A CD  1 
ATOM   104 O  OE1 . GLU A 1 15  ? -2.343  15.496  8.373   1.00 91.89 ? 76  GLU A OE1 1 
ATOM   105 O  OE2 . GLU A 1 15  ? -0.902  15.940  9.980   1.00 83.15 ? 76  GLU A OE2 1 
ATOM   106 N  N   . THR A 1 16  ? 0.016   10.167  9.957   1.00 54.57 ? 77  THR A N   1 
ATOM   107 C  CA  . THR A 1 16  ? 0.236   9.349   11.178  1.00 57.37 ? 77  THR A CA  1 
ATOM   108 C  C   . THR A 1 16  ? 1.503   9.813   11.920  1.00 55.66 ? 77  THR A C   1 
ATOM   109 O  O   . THR A 1 16  ? 2.039   10.883  11.591  1.00 55.13 ? 77  THR A O   1 
ATOM   110 C  CB  . THR A 1 16  ? 0.296   7.864   10.801  1.00 63.37 ? 77  THR A CB  1 
ATOM   111 O  OG1 . THR A 1 16  ? 0.786   7.117   11.914  1.00 71.56 ? 77  THR A OG1 1 
ATOM   112 C  CG2 . THR A 1 16  ? 1.194   7.593   9.614   1.00 66.23 ? 77  THR A CG2 1 
ATOM   113 N  N   . ILE A 1 17  ? 1.934   9.045   12.921  1.00 52.49 ? 78  ILE A N   1 
ATOM   114 C  CA  . ILE A 1 17  ? 3.176   9.280   13.717  1.00 50.70 ? 78  ILE A CA  1 
ATOM   115 C  C   . ILE A 1 17  ? 4.028   8.010   13.647  1.00 54.48 ? 78  ILE A C   1 
ATOM   116 O  O   . ILE A 1 17  ? 3.472   6.898   13.717  1.00 61.92 ? 78  ILE A O   1 
ATOM   117 C  CB  . ILE A 1 17  ? 2.860   9.627   15.183  1.00 49.19 ? 78  ILE A CB  1 
ATOM   118 C  CG1 . ILE A 1 17  ? 1.675   10.584  15.326  1.00 53.56 ? 78  ILE A CG1 1 
ATOM   119 C  CG2 . ILE A 1 17  ? 4.101   10.171  15.878  1.00 51.20 ? 78  ILE A CG2 1 
ATOM   120 C  CD1 . ILE A 1 17  ? 1.321   10.896  16.763  1.00 52.40 ? 78  ILE A CD1 1 
ATOM   121 N  N   . THR A 1 18  ? 5.340   8.160   13.548  1.00 53.65 ? 79  THR A N   1 
ATOM   122 C  CA  . THR A 1 18  ? 6.287   7.024   13.599  1.00 53.37 ? 79  THR A CA  1 
ATOM   123 C  C   . THR A 1 18  ? 6.324   6.498   15.037  1.00 58.29 ? 79  THR A C   1 
ATOM   124 O  O   . THR A 1 18  ? 5.703   7.128   15.925  1.00 58.72 ? 79  THR A O   1 
ATOM   125 C  CB  . THR A 1 18  ? 7.678   7.442   13.117  1.00 55.14 ? 79  THR A CB  1 
ATOM   126 O  OG1 . THR A 1 18  ? 8.245   8.249   14.151  1.00 49.89 ? 79  THR A OG1 1 
ATOM   127 C  CG2 . THR A 1 18  ? 7.640   8.165   11.781  1.00 56.14 ? 79  THR A CG2 1 
ATOM   128 N  N   . LYS A 1 19  ? 7.029   5.386   15.241  1.00 58.19 ? 80  LYS A N   1 
ATOM   129 C  CA  . LYS A 1 19  ? 7.267   4.759   16.565  1.00 58.95 ? 80  LYS A CA  1 
ATOM   130 C  C   . LYS A 1 19  ? 8.005   5.751   17.482  1.00 57.54 ? 80  LYS A C   1 
ATOM   131 O  O   . LYS A 1 19  ? 7.591   5.911   18.649  1.00 55.48 ? 80  LYS A O   1 
ATOM   132 C  CB  . LYS A 1 19  ? 8.030   3.452   16.341  1.00 62.75 ? 80  LYS A CB  1 
ATOM   133 C  CG  . LYS A 1 19  ? 8.297   2.630   17.592  1.00 67.14 ? 80  LYS A CG  1 
ATOM   134 C  CD  . LYS A 1 19  ? 8.170   1.143   17.361  1.00 67.39 ? 80  LYS A CD  1 
ATOM   135 C  CE  . LYS A 1 19  ? 6.732   0.672   17.311  1.00 69.82 ? 80  LYS A CE  1 
ATOM   136 N  NZ  . LYS A 1 19  ? 6.640   -0.737  16.852  1.00 67.59 ? 80  LYS A NZ  1 
ATOM   137 N  N   . ASP A 1 20  ? 9.029   6.432   16.964  1.00 57.37 ? 81  ASP A N   1 
ATOM   138 C  CA  . ASP A 1 20  ? 9.874   7.402   17.717  1.00 55.25 ? 81  ASP A CA  1 
ATOM   139 C  C   . ASP A 1 20  ? 9.226   8.799   17.697  1.00 50.90 ? 81  ASP A C   1 
ATOM   140 O  O   . ASP A 1 20  ? 9.966   9.788   17.803  1.00 51.60 ? 81  ASP A O   1 
ATOM   141 C  CB  . ASP A 1 20  ? 11.313  7.398   17.182  1.00 56.41 ? 81  ASP A CB  1 
ATOM   142 C  CG  . ASP A 1 20  ? 11.416  7.485   15.663  1.00 55.68 ? 81  ASP A CG  1 
ATOM   143 O  OD1 . ASP A 1 20  ? 10.389  7.242   14.984  1.00 56.68 ? 81  ASP A OD1 1 
ATOM   144 O  OD2 . ASP A 1 20  ? 12.515  7.793   15.168  1.00 53.16 ? 81  ASP A OD2 1 
ATOM   145 N  N   . ASN A 1 21  ? 7.894   8.869   17.585  1.00 52.64 ? 82  ASN A N   1 
ATOM   146 C  CA  . ASN A 1 21  ? 7.048   10.075  17.833  1.00 56.55 ? 82  ASN A CA  1 
ATOM   147 C  C   . ASN A 1 21  ? 7.290   11.146  16.765  1.00 54.71 ? 82  ASN A C   1 
ATOM   148 O  O   . ASN A 1 21  ? 7.427   12.321  17.155  1.00 56.29 ? 82  ASN A O   1 
ATOM   149 C  CB  . ASN A 1 21  ? 7.295   10.735  19.198  1.00 59.47 ? 82  ASN A CB  1 
ATOM   150 C  CG  . ASN A 1 21  ? 7.228   9.780   20.368  1.00 63.47 ? 82  ASN A CG  1 
ATOM   151 O  OD1 . ASN A 1 21  ? 8.059   9.862   21.278  1.00 68.17 ? 82  ASN A OD1 1 
ATOM   152 N  ND2 . ASN A 1 21  ? 6.259   8.873   20.345  1.00 61.08 ? 82  ASN A ND2 1 
ATOM   153 N  N   . VAL A 1 22  ? 7.356   10.778  15.482  1.00 51.34 ? 83  VAL A N   1 
ATOM   154 C  CA  . VAL A 1 22  ? 7.548   11.773  14.390  1.00 50.95 ? 83  VAL A CA  1 
ATOM   155 C  C   . VAL A 1 22  ? 6.293   11.791  13.527  1.00 50.23 ? 83  VAL A C   1 
ATOM   156 O  O   . VAL A 1 22  ? 5.926   10.790  12.919  1.00 44.80 ? 83  VAL A O   1 
ATOM   157 C  CB  . VAL A 1 22  ? 8.819   11.533  13.561  1.00 50.30 ? 83  VAL A CB  1 
ATOM   158 C  CG1 . VAL A 1 22  ? 8.965   12.602  12.487  1.00 49.87 ? 83  VAL A CG1 1 
ATOM   159 C  CG2 . VAL A 1 22  ? 10.057  11.484  14.443  1.00 50.62 ? 83  VAL A CG2 1 
ATOM   160 N  N   . PRO A 1 23  ? 5.607   12.954  13.452  1.00 51.39 ? 84  PRO A N   1 
ATOM   161 C  CA  . PRO A 1 23  ? 4.497   13.140  12.522  1.00 52.09 ? 84  PRO A CA  1 
ATOM   162 C  C   . PRO A 1 23  ? 4.998   13.032  11.071  1.00 49.65 ? 84  PRO A C   1 
ATOM   163 O  O   . PRO A 1 23  ? 5.983   13.669  10.725  1.00 47.69 ? 84  PRO A O   1 
ATOM   164 C  CB  . PRO A 1 23  ? 3.975   14.552  12.842  1.00 50.73 ? 84  PRO A CB  1 
ATOM   165 C  CG  . PRO A 1 23  ? 4.538   14.860  14.215  1.00 49.80 ? 84  PRO A CG  1 
ATOM   166 C  CD  . PRO A 1 23  ? 5.878   14.164  14.243  1.00 49.41 ? 84  PRO A CD  1 
ATOM   167 N  N   . VAL A 1 24  ? 4.313   12.223  10.267  1.00 49.40 ? 85  VAL A N   1 
ATOM   168 C  CA  . VAL A 1 24  ? 4.650   11.967  8.836   1.00 48.10 ? 85  VAL A CA  1 
ATOM   169 C  C   . VAL A 1 24  ? 3.359   12.008  8.024   1.00 44.51 ? 85  VAL A C   1 
ATOM   170 O  O   . VAL A 1 24  ? 2.362   11.494  8.507   1.00 45.27 ? 85  VAL A O   1 
ATOM   171 C  CB  . VAL A 1 24  ? 5.373   10.618  8.674   1.00 50.20 ? 85  VAL A CB  1 
ATOM   172 C  CG1 . VAL A 1 24  ? 6.774   10.662  9.252   1.00 51.31 ? 85  VAL A CG1 1 
ATOM   173 C  CG2 . VAL A 1 24  ? 4.587   9.475   9.302   1.00 53.38 ? 85  VAL A CG2 1 
ATOM   174 N  N   . ARG A 1 25  ? 3.393   12.649  6.858   1.00 49.92 ? 86  ARG A N   1 
ATOM   175 C  CA  . ARG A 1 25  ? 2.355   12.570  5.798   1.00 49.26 ? 86  ARG A CA  1 
ATOM   176 C  C   . ARG A 1 25  ? 2.948   11.718  4.672   1.00 47.80 ? 86  ARG A C   1 
ATOM   177 O  O   . ARG A 1 25  ? 3.975   12.136  4.091   1.00 45.27 ? 86  ARG A O   1 
ATOM   178 C  CB  . ARG A 1 25  ? 1.983   13.963  5.283   1.00 56.53 ? 86  ARG A CB  1 
ATOM   179 C  CG  . ARG A 1 25  ? 1.051   14.760  6.183   1.00 62.85 ? 86  ARG A CG  1 
ATOM   180 C  CD  . ARG A 1 25  ? 0.642   16.083  5.554   1.00 66.28 ? 86  ARG A CD  1 
ATOM   181 N  NE  . ARG A 1 25  ? -0.809  16.195  5.649   1.00 78.99 ? 86  ARG A NE  1 
ATOM   182 C  CZ  . ARG A 1 25  ? -1.676  15.992  4.658   1.00 79.11 ? 86  ARG A CZ  1 
ATOM   183 N  NH1 . ARG A 1 25  ? -1.260  15.704  3.433   1.00 73.64 ? 86  ARG A NH1 1 
ATOM   184 N  NH2 . ARG A 1 25  ? -2.974  16.102  4.898   1.00 78.95 ? 86  ARG A NH2 1 
ATOM   185 N  N   . VAL A 1 26  ? 2.364   10.548  4.417   1.00 46.27 ? 87  VAL A N   1 
ATOM   186 C  CA  . VAL A 1 26  ? 2.921   9.535   3.474   1.00 45.15 ? 87  VAL A CA  1 
ATOM   187 C  C   . VAL A 1 26  ? 1.855   9.132   2.467   1.00 42.46 ? 87  VAL A C   1 
ATOM   188 O  O   . VAL A 1 26  ? 0.683   8.985   2.862   1.00 40.41 ? 87  VAL A O   1 
ATOM   189 C  CB  . VAL A 1 26  ? 3.468   8.294   4.196   1.00 45.23 ? 87  VAL A CB  1 
ATOM   190 C  CG1 . VAL A 1 26  ? 4.220   7.405   3.227   1.00 46.84 ? 87  VAL A CG1 1 
ATOM   191 C  CG2 . VAL A 1 26  ? 4.360   8.687   5.357   1.00 51.18 ? 87  VAL A CG2 1 
ATOM   192 N  N   . ASN A 1 27  ? 2.281   8.974   1.217   1.00 41.49 ? 88  ASN A N   1 
ATOM   193 C  CA  . ASN A 1 27  ? 1.462   8.396   0.123   1.00 46.12 ? 88  ASN A CA  1 
ATOM   194 C  C   . ASN A 1 27  ? 2.335   7.388   -0.630  1.00 45.82 ? 88  ASN A C   1 
ATOM   195 O  O   . ASN A 1 27  ? 3.556   7.298   -0.342  1.00 41.64 ? 88  ASN A O   1 
ATOM   196 C  CB  . ASN A 1 27  ? 0.874   9.480   -0.790  1.00 49.35 ? 88  ASN A CB  1 
ATOM   197 C  CG  . ASN A 1 27  ? 1.918   10.328  -1.490  1.00 50.93 ? 88  ASN A CG  1 
ATOM   198 O  OD1 . ASN A 1 27  ? 3.103   10.268  -1.164  1.00 52.18 ? 88  ASN A OD1 1 
ATOM   199 N  ND2 . ASN A 1 27  ? 1.484   11.131  -2.450  1.00 47.82 ? 88  ASN A ND2 1 
ATOM   200 N  N   . ALA A 1 28  ? 1.732   6.656   -1.561  1.00 42.80 ? 89  ALA A N   1 
ATOM   201 C  CA  . ALA A 1 28  ? 2.397   5.548   -2.272  1.00 41.40 ? 89  ALA A CA  1 
ATOM   202 C  C   . ALA A 1 28  ? 1.657   5.277   -3.575  1.00 40.46 ? 89  ALA A C   1 
ATOM   203 O  O   . ALA A 1 28  ? 0.485   5.709   -3.702  1.00 37.53 ? 89  ALA A O   1 
ATOM   204 C  CB  . ALA A 1 28  ? 2.433   4.323   -1.393  1.00 40.69 ? 89  ALA A CB  1 
ATOM   205 N  N   . VAL A 1 29  ? 2.343   4.624   -4.509  1.00 40.75 ? 90  VAL A N   1 
ATOM   206 C  CA  . VAL A 1 29  ? 1.707   4.002   -5.700  1.00 46.12 ? 90  VAL A CA  1 
ATOM   207 C  C   . VAL A 1 29  ? 1.671   2.495   -5.461  1.00 46.32 ? 90  VAL A C   1 
ATOM   208 O  O   . VAL A 1 29  ? 2.731   1.909   -5.120  1.00 41.96 ? 90  VAL A O   1 
ATOM   209 C  CB  . VAL A 1 29  ? 2.431   4.307   -7.024  1.00 48.79 ? 90  VAL A CB  1 
ATOM   210 C  CG1 . VAL A 1 29  ? 1.848   3.487   -8.157  1.00 48.81 ? 90  VAL A CG1 1 
ATOM   211 C  CG2 . VAL A 1 29  ? 2.374   5.776   -7.380  1.00 54.99 ? 90  VAL A CG2 1 
ATOM   212 N  N   . VAL A 1 30  ? 0.496   1.907   -5.678  1.00 45.29 ? 91  VAL A N   1 
ATOM   213 C  CA  . VAL A 1 30  ? 0.292   0.436   -5.742  1.00 41.34 ? 91  VAL A CA  1 
ATOM   214 C  C   . VAL A 1 30  ? 0.229   -0.002  -7.210  1.00 42.95 ? 91  VAL A C   1 
ATOM   215 O  O   . VAL A 1 30  ? -0.624  0.532   -7.977  1.00 41.20 ? 91  VAL A O   1 
ATOM   216 C  CB  . VAL A 1 30  ? -0.984  0.053   -4.987  1.00 41.73 ? 91  VAL A CB  1 
ATOM   217 C  CG1 . VAL A 1 30  ? -1.422  -1.372  -5.311  1.00 42.56 ? 91  VAL A CG1 1 
ATOM   218 C  CG2 . VAL A 1 30  ? -0.801  0.275   -3.493  1.00 42.00 ? 91  VAL A CG2 1 
ATOM   219 N  N   . TYR A 1 31  ? 1.084   -0.966  -7.566  1.00 41.82 ? 92  TYR A N   1 
ATOM   220 C  CA  . TYR A 1 31  ? 1.111   -1.647  -8.886  1.00 38.80 ? 92  TYR A CA  1 
ATOM   221 C  C   . TYR A 1 31  ? 0.441   -3.026  -8.737  1.00 36.86 ? 92  TYR A C   1 
ATOM   222 O  O   . TYR A 1 31  ? 1.002   -3.937  -8.084  1.00 36.56 ? 92  TYR A O   1 
ATOM   223 C  CB  . TYR A 1 31  ? 2.552   -1.685  -9.395  1.00 37.25 ? 92  TYR A CB  1 
ATOM   224 C  CG  . TYR A 1 31  ? 3.144   -0.321  -9.609  1.00 38.50 ? 92  TYR A CG  1 
ATOM   225 C  CD1 . TYR A 1 31  ? 2.823   0.423   -10.734 1.00 39.83 ? 92  TYR A CD1 1 
ATOM   226 C  CD2 . TYR A 1 31  ? 4.008   0.241   -8.681  1.00 39.17 ? 92  TYR A CD2 1 
ATOM   227 C  CE1 . TYR A 1 31  ? 3.351   1.691   -10.933 1.00 40.12 ? 92  TYR A CE1 1 
ATOM   228 C  CE2 . TYR A 1 31  ? 4.553   1.500   -8.876  1.00 39.56 ? 92  TYR A CE2 1 
ATOM   229 C  CZ  . TYR A 1 31  ? 4.226   2.228   -10.009 1.00 38.92 ? 92  TYR A CZ  1 
ATOM   230 O  OH  . TYR A 1 31  ? 4.733   3.479   -10.224 1.00 41.95 ? 92  TYR A OH  1 
ATOM   231 N  N   . PHE A 1 32  ? -0.754  -3.173  -9.307  1.00 33.94 ? 93  PHE A N   1 
ATOM   232 C  CA  . PHE A 1 32  ? -1.618  -4.359  -9.106  1.00 35.98 ? 93  PHE A CA  1 
ATOM   233 C  C   . PHE A 1 32  ? -2.192  -4.817  -10.447 1.00 36.41 ? 93  PHE A C   1 
ATOM   234 O  O   . PHE A 1 32  ? -2.423  -4.002  -11.378 1.00 35.95 ? 93  PHE A O   1 
ATOM   235 C  CB  . PHE A 1 32  ? -2.726  -4.037  -8.105  1.00 37.52 ? 93  PHE A CB  1 
ATOM   236 C  CG  . PHE A 1 32  ? -3.828  -3.188  -8.683  1.00 37.82 ? 93  PHE A CG  1 
ATOM   237 C  CD1 . PHE A 1 32  ? -3.737  -1.807  -8.691  1.00 38.52 ? 93  PHE A CD1 1 
ATOM   238 C  CD2 . PHE A 1 32  ? -4.926  -3.782  -9.279  1.00 40.31 ? 93  PHE A CD2 1 
ATOM   239 C  CE1 . PHE A 1 32  ? -4.752  -1.042  -9.239  1.00 43.27 ? 93  PHE A CE1 1 
ATOM   240 C  CE2 . PHE A 1 32  ? -5.931  -3.017  -9.854  1.00 42.20 ? 93  PHE A CE2 1 
ATOM   241 C  CZ  . PHE A 1 32  ? -5.853  -1.646  -9.818  1.00 41.66 ? 93  PHE A CZ  1 
ATOM   242 N  N   . ARG A 1 33  ? -2.416  -6.120  -10.531 1.00 38.31 ? 94  ARG A N   1 
ATOM   243 C  CA  . ARG A 1 33  ? -2.886  -6.827  -11.748 1.00 40.30 ? 94  ARG A CA  1 
ATOM   244 C  C   . ARG A 1 33  ? -4.151  -7.586  -11.365 1.00 38.71 ? 94  ARG A C   1 
ATOM   245 O  O   . ARG A 1 33  ? -4.167  -8.177  -10.263 1.00 38.65 ? 94  ARG A O   1 
ATOM   246 C  CB  . ARG A 1 33  ? -1.796  -7.770  -12.273 1.00 45.58 ? 94  ARG A CB  1 
ATOM   247 C  CG  . ARG A 1 33  ? -1.158  -7.319  -13.580 1.00 54.51 ? 94  ARG A CG  1 
ATOM   248 C  CD  . ARG A 1 33  ? 0.297   -7.713  -13.806 1.00 58.96 ? 94  ARG A CD  1 
ATOM   249 N  NE  . ARG A 1 33  ? 0.474   -9.136  -14.039 1.00 65.12 ? 94  ARG A NE  1 
ATOM   250 C  CZ  . ARG A 1 33  ? 0.320   -9.749  -15.212 1.00 69.60 ? 94  ARG A CZ  1 
ATOM   251 N  NH1 . ARG A 1 33  ? -0.027  -9.064  -16.290 1.00 69.04 ? 94  ARG A NH1 1 
ATOM   252 N  NH2 . ARG A 1 33  ? 0.503   -11.057 -15.293 1.00 71.62 ? 94  ARG A NH2 1 
ATOM   253 N  N   . VAL A 1 34  ? -5.181  -7.541  -12.212 1.00 37.38 ? 95  VAL A N   1 
ATOM   254 C  CA  . VAL A 1 34  ? -6.387  -8.398  -12.028 1.00 37.18 ? 95  VAL A CA  1 
ATOM   255 C  C   . VAL A 1 34  ? -6.081  -9.717  -12.723 1.00 37.25 ? 95  VAL A C   1 
ATOM   256 O  O   . VAL A 1 34  ? -5.781  -9.719  -13.937 1.00 35.04 ? 95  VAL A O   1 
ATOM   257 C  CB  . VAL A 1 34  ? -7.691  -7.757  -12.533 1.00 39.05 ? 95  VAL A CB  1 
ATOM   258 C  CG1 . VAL A 1 34  ? -8.860  -8.730  -12.473 1.00 37.39 ? 95  VAL A CG1 1 
ATOM   259 C  CG2 . VAL A 1 34  ? -8.022  -6.487  -11.763 1.00 39.75 ? 95  VAL A CG2 1 
ATOM   260 N  N   . VAL A 1 35  ? -6.174  -10.791 -11.951 1.00 39.62 ? 96  VAL A N   1 
ATOM   261 C  CA  . VAL A 1 35  ? -5.628  -12.130 -12.305 1.00 39.95 ? 96  VAL A CA  1 
ATOM   262 C  C   . VAL A 1 35  ? -6.730  -13.198 -12.185 1.00 38.94 ? 96  VAL A C   1 
ATOM   263 O  O   . VAL A 1 35  ? -6.657  -14.171 -12.951 1.00 35.87 ? 96  VAL A O   1 
ATOM   264 C  CB  . VAL A 1 35  ? -4.407  -12.383 -11.403 1.00 40.82 ? 96  VAL A CB  1 
ATOM   265 C  CG1 . VAL A 1 35  ? -4.142  -13.848 -11.190 1.00 45.74 ? 96  VAL A CG1 1 
ATOM   266 C  CG2 . VAL A 1 35  ? -3.170  -11.671 -11.945 1.00 40.38 ? 96  VAL A CG2 1 
ATOM   267 N  N   . ASP A 1 36  ? -7.688  -13.044 -11.252 1.00 36.31 ? 97  ASP A N   1 
ATOM   268 C  CA  . ASP A 1 36  ? -8.915  -13.879 -11.171 1.00 36.06 ? 97  ASP A CA  1 
ATOM   269 C  C   . ASP A 1 36  ? -10.171 -13.014 -11.303 1.00 36.88 ? 97  ASP A C   1 
ATOM   270 O  O   . ASP A 1 36  ? -10.701 -12.502 -10.324 1.00 34.53 ? 97  ASP A O   1 
ATOM   271 C  CB  . ASP A 1 36  ? -8.945  -14.709 -9.904  1.00 35.75 ? 97  ASP A CB  1 
ATOM   272 C  CG  . ASP A 1 36  ? -10.151 -15.617 -9.870  1.00 36.26 ? 97  ASP A CG  1 
ATOM   273 O  OD1 . ASP A 1 36  ? -11.162 -15.249 -10.464 1.00 36.12 ? 97  ASP A OD1 1 
ATOM   274 O  OD2 . ASP A 1 36  ? -10.059 -16.685 -9.242  1.00 42.49 ? 97  ASP A OD2 1 
ATOM   275 N  N   . PRO A 1 37  ? -10.692 -12.836 -12.539 1.00 39.47 ? 98  PRO A N   1 
ATOM   276 C  CA  . PRO A 1 37  ? -11.842 -11.971 -12.791 1.00 38.21 ? 98  PRO A CA  1 
ATOM   277 C  C   . PRO A 1 37  ? -13.067 -12.367 -11.967 1.00 39.92 ? 98  PRO A C   1 
ATOM   278 O  O   . PRO A 1 37  ? -13.728 -11.496 -11.441 1.00 41.24 ? 98  PRO A O   1 
ATOM   279 C  CB  . PRO A 1 37  ? -12.145 -12.198 -14.278 1.00 42.59 ? 98  PRO A CB  1 
ATOM   280 C  CG  . PRO A 1 37  ? -10.822 -12.643 -14.861 1.00 41.58 ? 98  PRO A CG  1 
ATOM   281 C  CD  . PRO A 1 37  ? -10.174 -13.458 -13.770 1.00 41.13 ? 98  PRO A CD  1 
ATOM   282 N  N   . VAL A 1 38  ? -13.319 -13.671 -11.854 1.00 40.33 ? 99  VAL A N   1 
ATOM   283 C  CA  . VAL A 1 38  ? -14.492 -14.215 -11.102 1.00 39.66 ? 99  VAL A CA  1 
ATOM   284 C  C   . VAL A 1 38  ? -14.398 -13.792 -9.628  1.00 37.52 ? 99  VAL A C   1 
ATOM   285 O  O   . VAL A 1 38  ? -15.449 -13.507 -9.031  1.00 36.81 ? 99  VAL A O   1 
ATOM   286 C  CB  . VAL A 1 38  ? -14.602 -15.742 -11.265 1.00 37.01 ? 99  VAL A CB  1 
ATOM   287 C  CG1 . VAL A 1 38  ? -15.701 -16.346 -10.400 1.00 33.43 ? 99  VAL A CG1 1 
ATOM   288 C  CG2 . VAL A 1 38  ? -14.798 -16.104 -12.722 1.00 37.24 ? 99  VAL A CG2 1 
ATOM   289 N  N   . LYS A 1 39  ? -13.204 -13.781 -9.041  1.00 36.89 ? 100 LYS A N   1 
ATOM   290 C  CA  . LYS A 1 39  ? -13.053 -13.444 -7.604  1.00 39.44 ? 100 LYS A CA  1 
ATOM   291 C  C   . LYS A 1 39  ? -13.162 -11.930 -7.441  1.00 39.32 ? 100 LYS A C   1 
ATOM   292 O  O   . LYS A 1 39  ? -13.861 -11.500 -6.497  1.00 38.62 ? 100 LYS A O   1 
ATOM   293 C  CB  . LYS A 1 39  ? -11.759 -14.022 -7.029  1.00 44.52 ? 100 LYS A CB  1 
ATOM   294 C  CG  . LYS A 1 39  ? -11.797 -15.534 -6.873  1.00 50.12 ? 100 LYS A CG  1 
ATOM   295 C  CD  . LYS A 1 39  ? -10.920 -16.084 -5.780  1.00 55.39 ? 100 LYS A CD  1 
ATOM   296 C  CE  . LYS A 1 39  ? -9.447  -16.054 -6.121  1.00 59.85 ? 100 LYS A CE  1 
ATOM   297 N  NZ  . LYS A 1 39  ? -8.667  -16.963 -5.241  1.00 57.62 ? 100 LYS A NZ  1 
ATOM   298 N  N   . ALA A 1 40  ? -12.527 -11.169 -8.346  1.00 37.74 ? 101 ALA A N   1 
ATOM   299 C  CA  . ALA A 1 40  ? -12.519 -9.684  -8.375  1.00 36.41 ? 101 ALA A CA  1 
ATOM   300 C  C   . ALA A 1 40  ? -13.959 -9.160  -8.408  1.00 35.54 ? 101 ALA A C   1 
ATOM   301 O  O   . ALA A 1 40  ? -14.266 -8.159  -7.751  1.00 37.69 ? 101 ALA A O   1 
ATOM   302 C  CB  . ALA A 1 40  ? -11.727 -9.208  -9.577  1.00 35.22 ? 101 ALA A CB  1 
ATOM   303 N  N   . VAL A 1 41  ? -14.819 -9.847  -9.140  1.00 34.95 ? 102 VAL A N   1 
ATOM   304 C  CA  . VAL A 1 41  ? -16.206 -9.408  -9.428  1.00 38.10 ? 102 VAL A CA  1 
ATOM   305 C  C   . VAL A 1 41  ? -17.195 -10.002 -8.412  1.00 34.56 ? 102 VAL A C   1 
ATOM   306 O  O   . VAL A 1 41  ? -18.240 -9.375  -8.188  1.00 31.25 ? 102 VAL A O   1 
ATOM   307 C  CB  . VAL A 1 41  ? -16.522 -9.804  -10.871 1.00 42.76 ? 102 VAL A CB  1 
ATOM   308 C  CG1 . VAL A 1 41  ? -18.008 -9.884  -11.136 1.00 52.02 ? 102 VAL A CG1 1 
ATOM   309 C  CG2 . VAL A 1 41  ? -15.838 -8.834  -11.821 1.00 44.46 ? 102 VAL A CG2 1 
ATOM   310 N  N   . THR A 1 42  ? -16.881 -11.149 -7.805  1.00 35.38 ? 103 THR A N   1 
ATOM   311 C  CA  . THR A 1 42  ? -17.752 -11.839 -6.814  1.00 37.06 ? 103 THR A CA  1 
ATOM   312 C  C   . THR A 1 42  ? -17.414 -11.433 -5.373  1.00 36.77 ? 103 THR A C   1 
ATOM   313 O  O   . THR A 1 42  ? -18.325 -11.097 -4.627  1.00 36.50 ? 103 THR A O   1 
ATOM   314 C  CB  . THR A 1 42  ? -17.635 -13.350 -6.953  1.00 39.58 ? 103 THR A CB  1 
ATOM   315 O  OG1 . THR A 1 42  ? -18.024 -13.697 -8.285  1.00 39.93 ? 103 THR A OG1 1 
ATOM   316 C  CG2 . THR A 1 42  ? -18.503 -14.054 -5.939  1.00 47.89 ? 103 THR A CG2 1 
ATOM   317 N  N   . GLN A 1 43  ? -16.138 -11.454 -4.999  1.00 38.98 ? 104 GLN A N   1 
ATOM   318 C  CA  . GLN A 1 43  ? -15.702 -11.415 -3.582  1.00 37.95 ? 104 GLN A CA  1 
ATOM   319 C  C   . GLN A 1 43  ? -15.828 -10.011 -2.976  1.00 38.53 ? 104 GLN A C   1 
ATOM   320 O  O   . GLN A 1 43  ? -15.687 -9.885  -1.761  1.00 40.42 ? 104 GLN A O   1 
ATOM   321 C  CB  . GLN A 1 43  ? -14.278 -11.951 -3.486  1.00 36.28 ? 104 GLN A CB  1 
ATOM   322 C  CG  . GLN A 1 43  ? -14.218 -13.447 -3.736  1.00 36.37 ? 104 GLN A CG  1 
ATOM   323 C  CD  . GLN A 1 43  ? -15.119 -14.209 -2.789  1.00 35.01 ? 104 GLN A CD  1 
ATOM   324 O  OE1 . GLN A 1 43  ? -15.306 -13.849 -1.621  1.00 30.08 ? 104 GLN A OE1 1 
ATOM   325 N  NE2 . GLN A 1 43  ? -15.704 -15.274 -3.302  1.00 35.95 ? 104 GLN A NE2 1 
ATOM   326 N  N   . VAL A 1 44  ? -16.111 -8.984  -3.755  1.00 38.82 ? 105 VAL A N   1 
ATOM   327 C  CA  . VAL A 1 44  ? -16.090 -7.593  -3.229  1.00 39.86 ? 105 VAL A CA  1 
ATOM   328 C  C   . VAL A 1 44  ? -16.879 -6.724  -4.194  1.00 38.84 ? 105 VAL A C   1 
ATOM   329 O  O   . VAL A 1 44  ? -17.011 -7.127  -5.342  1.00 38.86 ? 105 VAL A O   1 
ATOM   330 C  CB  . VAL A 1 44  ? -14.644 -7.084  -3.054  1.00 46.14 ? 105 VAL A CB  1 
ATOM   331 C  CG1 . VAL A 1 44  ? -13.923 -6.829  -4.378  1.00 44.83 ? 105 VAL A CG1 1 
ATOM   332 C  CG2 . VAL A 1 44  ? -14.622 -5.824  -2.223  1.00 52.88 ? 105 VAL A CG2 1 
ATOM   333 N  N   . LYS A 1 45  ? -17.344 -5.567  -3.739  1.00 40.71 ? 106 LYS A N   1 
ATOM   334 C  CA  . LYS A 1 45  ? -18.214 -4.665  -4.539  1.00 41.66 ? 106 LYS A CA  1 
ATOM   335 C  C   . LYS A 1 45  ? -17.382 -3.979  -5.629  1.00 39.75 ? 106 LYS A C   1 
ATOM   336 O  O   . LYS A 1 45  ? -17.900 -3.804  -6.727  1.00 43.75 ? 106 LYS A O   1 
ATOM   337 C  CB  . LYS A 1 45  ? -18.923 -3.668  -3.617  1.00 42.67 ? 106 LYS A CB  1 
ATOM   338 C  CG  . LYS A 1 45  ? -19.559 -2.469  -4.302  1.00 45.84 ? 106 LYS A CG  1 
ATOM   339 C  CD  . LYS A 1 45  ? -20.657 -2.822  -5.272  1.00 49.77 ? 106 LYS A CD  1 
ATOM   340 C  CE  . LYS A 1 45  ? -20.925 -1.710  -6.260  1.00 56.05 ? 106 LYS A CE  1 
ATOM   341 N  NZ  . LYS A 1 45  ? -21.905 -2.139  -7.283  1.00 64.34 ? 106 LYS A NZ  1 
ATOM   342 N  N   . ASN A 1 46  ? -16.152 -3.579  -5.323  1.00 40.31 ? 107 ASN A N   1 
ATOM   343 C  CA  . ASN A 1 46  ? -15.334 -2.717  -6.208  1.00 39.31 ? 107 ASN A CA  1 
ATOM   344 C  C   . ASN A 1 46  ? -13.856 -2.971  -5.918  1.00 38.52 ? 107 ASN A C   1 
ATOM   345 O  O   . ASN A 1 46  ? -13.361 -2.518  -4.851  1.00 34.59 ? 107 ASN A O   1 
ATOM   346 C  CB  . ASN A 1 46  ? -15.698 -1.251  -5.992  1.00 42.50 ? 107 ASN A CB  1 
ATOM   347 C  CG  . ASN A 1 46  ? -15.133 -0.334  -7.055  1.00 41.10 ? 107 ASN A CG  1 
ATOM   348 O  OD1 . ASN A 1 46  ? -13.923 -0.307  -7.312  1.00 38.92 ? 107 ASN A OD1 1 
ATOM   349 N  ND2 . ASN A 1 46  ? -16.022 0.406   -7.689  1.00 42.34 ? 107 ASN A ND2 1 
ATOM   350 N  N   . TYR A 1 47  ? -13.173 -3.670  -6.820  1.00 36.79 ? 108 TYR A N   1 
ATOM   351 C  CA  . TYR A 1 47  ? -11.836 -4.230  -6.504  1.00 39.37 ? 108 TYR A CA  1 
ATOM   352 C  C   . TYR A 1 47  ? -10.786 -3.114  -6.478  1.00 39.13 ? 108 TYR A C   1 
ATOM   353 O  O   . TYR A 1 47  ? -9.807  -3.282  -5.754  1.00 40.21 ? 108 TYR A O   1 
ATOM   354 C  CB  . TYR A 1 47  ? -11.488 -5.390  -7.434  1.00 38.18 ? 108 TYR A CB  1 
ATOM   355 C  CG  . TYR A 1 47  ? -11.546 -5.110  -8.915  1.00 38.26 ? 108 TYR A CG  1 
ATOM   356 C  CD1 . TYR A 1 47  ? -10.518 -4.438  -9.560  1.00 36.25 ? 108 TYR A CD1 1 
ATOM   357 C  CD2 . TYR A 1 47  ? -12.606 -5.569  -9.677  1.00 37.08 ? 108 TYR A CD2 1 
ATOM   358 C  CE1 . TYR A 1 47  ? -10.551 -4.213  -10.923 1.00 35.24 ? 108 TYR A CE1 1 
ATOM   359 C  CE2 . TYR A 1 47  ? -12.657 -5.347  -11.041 1.00 36.82 ? 108 TYR A CE2 1 
ATOM   360 C  CZ  . TYR A 1 47  ? -11.621 -4.675  -11.669 1.00 35.84 ? 108 TYR A CZ  1 
ATOM   361 O  OH  . TYR A 1 47  ? -11.660 -4.468  -13.018 1.00 32.26 ? 108 TYR A OH  1 
ATOM   362 N  N   . ILE A 1 48  ? -10.997 -2.012  -7.206  1.00 40.56 ? 109 ILE A N   1 
ATOM   363 C  CA  . ILE A 1 48  ? -10.063 -0.847  -7.217  1.00 41.29 ? 109 ILE A CA  1 
ATOM   364 C  C   . ILE A 1 48  ? -10.081 -0.219  -5.818  1.00 42.52 ? 109 ILE A C   1 
ATOM   365 O  O   . ILE A 1 48  ? -9.018  -0.127  -5.172  1.00 42.86 ? 109 ILE A O   1 
ATOM   366 C  CB  . ILE A 1 48  ? -10.433 0.199   -8.288  1.00 44.08 ? 109 ILE A CB  1 
ATOM   367 C  CG1 . ILE A 1 48  ? -10.621 -0.385  -9.694  1.00 45.65 ? 109 ILE A CG1 1 
ATOM   368 C  CG2 . ILE A 1 48  ? -9.397  1.310   -8.286  1.00 44.28 ? 109 ILE A CG2 1 
ATOM   369 C  CD1 . ILE A 1 48  ? -9.343  -0.703  -10.420 1.00 45.85 ? 109 ILE A CD1 1 
ATOM   370 N  N   . MET A 1 49  ? -11.258 0.184   -5.353  1.00 44.25 ? 110 MET A N   1 
ATOM   371 C  CA  . MET A 1 49  ? -11.402 0.915   -4.073  1.00 46.55 ? 110 MET A CA  1 
ATOM   372 C  C   . MET A 1 49  ? -11.222 -0.046  -2.905  1.00 44.07 ? 110 MET A C   1 
ATOM   373 O  O   . MET A 1 49  ? -10.725 0.377   -1.854  1.00 45.08 ? 110 MET A O   1 
ATOM   374 C  CB  . MET A 1 49  ? -12.748 1.634   -3.991  1.00 55.93 ? 110 MET A CB  1 
ATOM   375 C  CG  . MET A 1 49  ? -12.617 3.057   -4.520  1.00 62.28 ? 110 MET A CG  1 
ATOM   376 S  SD  . MET A 1 49  ? -14.048 4.087   -4.225  1.00 81.07 ? 110 MET A SD  1 
ATOM   377 C  CE  . MET A 1 49  ? -14.526 3.604   -2.565  1.00 78.67 ? 110 MET A CE  1 
ATOM   378 N  N   . ALA A 1 50  ? -11.543 -1.318  -3.088  1.00 43.08 ? 111 ALA A N   1 
ATOM   379 C  CA  . ALA A 1 50  ? -11.177 -2.346  -2.095  1.00 39.15 ? 111 ALA A CA  1 
ATOM   380 C  C   . ALA A 1 50  ? -9.660  -2.300  -1.924  1.00 35.41 ? 111 ALA A C   1 
ATOM   381 O  O   . ALA A 1 50  ? -9.205  -2.224  -0.767  1.00 35.80 ? 111 ALA A O   1 
ATOM   382 C  CB  . ALA A 1 50  ? -11.658 -3.708  -2.506  1.00 40.13 ? 111 ALA A CB  1 
ATOM   383 N  N   . THR A 1 51  ? -8.913  -2.273  -3.031  1.00 33.06 ? 112 THR A N   1 
ATOM   384 C  CA  . THR A 1 51  ? -7.423  -2.286  -3.009  1.00 32.97 ? 112 THR A CA  1 
ATOM   385 C  C   . THR A 1 51  ? -6.932  -0.964  -2.401  1.00 31.40 ? 112 THR A C   1 
ATOM   386 O  O   . THR A 1 51  ? -5.989  -0.978  -1.563  1.00 29.99 ? 112 THR A O   1 
ATOM   387 C  CB  . THR A 1 51  ? -6.853  -2.572  -4.403  1.00 34.38 ? 112 THR A CB  1 
ATOM   388 O  OG1 . THR A 1 51  ? -7.375  -3.812  -4.884  1.00 31.12 ? 112 THR A OG1 1 
ATOM   389 C  CG2 . THR A 1 51  ? -5.341  -2.643  -4.397  1.00 37.83 ? 112 THR A CG2 1 
ATOM   390 N  N   . SER A 1 52  ? -7.601  0.138   -2.733  1.00 30.38 ? 113 SER A N   1 
ATOM   391 C  CA  . SER A 1 52  ? -7.256  1.481   -2.198  1.00 30.45 ? 113 SER A CA  1 
ATOM   392 C  C   . SER A 1 52  ? -7.402  1.494   -0.672  1.00 29.52 ? 113 SER A C   1 
ATOM   393 O  O   . SER A 1 52  ? -6.406  1.848   0.035   1.00 25.82 ? 113 SER A O   1 
ATOM   394 C  CB  . SER A 1 52  ? -8.057  2.571   -2.821  1.00 26.99 ? 113 SER A CB  1 
ATOM   395 O  OG  . SER A 1 52  ? -7.640  3.814   -2.276  1.00 27.23 ? 113 SER A OG  1 
ATOM   396 N  N   . GLN A 1 53  ? -8.578  1.113   -0.176  1.00 31.51 ? 114 GLN A N   1 
ATOM   397 C  CA  . GLN A 1 53  ? -8.881  1.147   1.281   1.00 33.33 ? 114 GLN A CA  1 
ATOM   398 C  C   . GLN A 1 53  ? -7.775  0.426   2.044   1.00 31.23 ? 114 GLN A C   1 
ATOM   399 O  O   . GLN A 1 53  ? -7.198  1.034   2.958   1.00 30.86 ? 114 GLN A O   1 
ATOM   400 C  CB  . GLN A 1 53  ? -10.218 0.483   1.598   1.00 37.33 ? 114 GLN A CB  1 
ATOM   401 C  CG  . GLN A 1 53  ? -11.410 1.404   1.395   1.00 44.06 ? 114 GLN A CG  1 
ATOM   402 C  CD  . GLN A 1 53  ? -11.479 2.507   2.423   1.00 48.57 ? 114 GLN A CD  1 
ATOM   403 O  OE1 . GLN A 1 53  ? -11.717 2.256   3.609   1.00 56.35 ? 114 GLN A OE1 1 
ATOM   404 N  NE2 . GLN A 1 53  ? -11.267 3.736   1.974   1.00 48.35 ? 114 GLN A NE2 1 
ATOM   405 N  N   . ILE A 1 54  ? -7.520  -0.834  1.685   1.00 30.95 ? 115 ILE A N   1 
ATOM   406 C  CA  . ILE A 1 54  ? -6.581  -1.715  2.430   1.00 32.12 ? 115 ILE A CA  1 
ATOM   407 C  C   . ILE A 1 54  ? -5.150  -1.176  2.272   1.00 32.57 ? 115 ILE A C   1 
ATOM   408 O  O   . ILE A 1 54  ? -4.352  -1.343  3.207   1.00 28.74 ? 115 ILE A O   1 
ATOM   409 C  CB  . ILE A 1 54  ? -6.742  -3.187  2.001   1.00 34.70 ? 115 ILE A CB  1 
ATOM   410 C  CG1 . ILE A 1 54  ? -6.039  -4.108  3.006   1.00 36.44 ? 115 ILE A CG1 1 
ATOM   411 C  CG2 . ILE A 1 54  ? -6.278  -3.436  0.564   1.00 33.78 ? 115 ILE A CG2 1 
ATOM   412 C  CD1 . ILE A 1 54  ? -6.568  -4.005  4.429   1.00 34.02 ? 115 ILE A CD1 1 
ATOM   413 N  N   . SER A 1 55  ? -4.845  -0.502  1.160   1.00 34.95 ? 116 SER A N   1 
ATOM   414 C  CA  . SER A 1 55  ? -3.533  0.159   0.941   1.00 34.60 ? 116 SER A CA  1 
ATOM   415 C  C   . SER A 1 55  ? -3.343  1.265   1.985   1.00 37.29 ? 116 SER A C   1 
ATOM   416 O  O   . SER A 1 55  ? -2.232  1.385   2.531   1.00 38.83 ? 116 SER A O   1 
ATOM   417 C  CB  . SER A 1 55  ? -3.428  0.694   -0.454  1.00 35.58 ? 116 SER A CB  1 
ATOM   418 O  OG  . SER A 1 55  ? -3.349  -0.364  -1.387  1.00 35.81 ? 116 SER A OG  1 
ATOM   419 N  N   . GLN A 1 56  ? -4.400  2.031   2.259   1.00 37.97 ? 117 GLN A N   1 
ATOM   420 C  CA  . GLN A 1 56  ? -4.375  3.193   3.180   1.00 38.69 ? 117 GLN A CA  1 
ATOM   421 C  C   . GLN A 1 56  ? -4.245  2.700   4.618   1.00 40.28 ? 117 GLN A C   1 
ATOM   422 O  O   . GLN A 1 56  ? -3.390  3.239   5.338   1.00 42.90 ? 117 GLN A O   1 
ATOM   423 C  CB  . GLN A 1 56  ? -5.643  4.035   3.035   1.00 41.38 ? 117 GLN A CB  1 
ATOM   424 C  CG  . GLN A 1 56  ? -5.745  4.769   1.699   1.00 42.58 ? 117 GLN A CG  1 
ATOM   425 C  CD  . GLN A 1 56  ? -7.125  5.345   1.524   1.00 44.77 ? 117 GLN A CD  1 
ATOM   426 O  OE1 . GLN A 1 56  ? -7.663  5.966   2.437   1.00 52.71 ? 117 GLN A OE1 1 
ATOM   427 N  NE2 . GLN A 1 56  ? -7.710  5.136   0.357   1.00 46.26 ? 117 GLN A NE2 1 
ATOM   428 N  N   . THR A 1 57  ? -5.080  1.739   5.020   1.00 38.86 ? 118 THR A N   1 
ATOM   429 C  CA  . THR A 1 57  ? -5.035  1.099   6.359   1.00 40.95 ? 118 THR A CA  1 
ATOM   430 C  C   . THR A 1 57  ? -3.643  0.507   6.599   1.00 42.95 ? 118 THR A C   1 
ATOM   431 O  O   . THR A 1 57  ? -3.110  0.685   7.714   1.00 42.74 ? 118 THR A O   1 
ATOM   432 C  CB  . THR A 1 57  ? -6.070  -0.021  6.482   1.00 45.88 ? 118 THR A CB  1 
ATOM   433 O  OG1 . THR A 1 57  ? -7.378  0.552   6.479   1.00 53.95 ? 118 THR A OG1 1 
ATOM   434 C  CG2 . THR A 1 57  ? -5.886  -0.852  7.730   1.00 45.90 ? 118 THR A CG2 1 
ATOM   435 N  N   . THR A 1 58  ? -3.096  -0.195  5.600   1.00 41.67 ? 119 THR A N   1 
ATOM   436 C  CA  . THR A 1 58  ? -1.802  -0.914  5.710   1.00 40.36 ? 119 THR A CA  1 
ATOM   437 C  C   . THR A 1 58  ? -0.678  0.114   5.784   1.00 38.90 ? 119 THR A C   1 
ATOM   438 O  O   . THR A 1 58  ? 0.235   -0.057  6.610   1.00 37.17 ? 119 THR A O   1 
ATOM   439 C  CB  . THR A 1 58  ? -1.577  -1.901  4.555   1.00 39.42 ? 119 THR A CB  1 
ATOM   440 O  OG1 . THR A 1 58  ? -2.452  -3.004  4.810   1.00 31.43 ? 119 THR A OG1 1 
ATOM   441 C  CG2 . THR A 1 58  ? -0.136  -2.370  4.452   1.00 38.55 ? 119 THR A CG2 1 
ATOM   442 N  N   . LEU A 1 59  ? -0.719  1.114   4.916   1.00 39.05 ? 120 LEU A N   1 
ATOM   443 C  CA  . LEU A 1 59  ? 0.340   2.150   4.885   1.00 38.82 ? 120 LEU A CA  1 
ATOM   444 C  C   . LEU A 1 59  ? 0.420   2.761   6.286   1.00 37.95 ? 120 LEU A C   1 
ATOM   445 O  O   . LEU A 1 59  ? 1.537   2.785   6.878   1.00 36.94 ? 120 LEU A O   1 
ATOM   446 C  CB  . LEU A 1 59  ? 0.005   3.187   3.809   1.00 40.04 ? 120 LEU A CB  1 
ATOM   447 C  CG  . LEU A 1 59  ? 1.098   4.224   3.552   1.00 43.04 ? 120 LEU A CG  1 
ATOM   448 C  CD1 . LEU A 1 59  ? 2.435   3.542   3.300   1.00 43.05 ? 120 LEU A CD1 1 
ATOM   449 C  CD2 . LEU A 1 59  ? 0.723   5.134   2.393   1.00 42.90 ? 120 LEU A CD2 1 
ATOM   450 N  N   . ARG A 1 60  ? -0.738  3.170   6.816   1.00 38.49 ? 121 ARG A N   1 
ATOM   451 C  CA  . ARG A 1 60  ? -0.854  3.853   8.128   1.00 42.49 ? 121 ARG A CA  1 
ATOM   452 C  C   . ARG A 1 60  ? -0.133  3.002   9.185   1.00 44.22 ? 121 ARG A C   1 
ATOM   453 O  O   . ARG A 1 60  ? 0.726   3.543   9.903   1.00 43.53 ? 121 ARG A O   1 
ATOM   454 C  CB  . ARG A 1 60  ? -2.324  4.130   8.462   1.00 50.99 ? 121 ARG A CB  1 
ATOM   455 C  CG  . ARG A 1 60  ? -2.559  5.484   9.126   1.00 60.89 ? 121 ARG A CG  1 
ATOM   456 C  CD  . ARG A 1 60  ? -4.009  5.947   9.212   1.00 65.92 ? 121 ARG A CD  1 
ATOM   457 N  NE  . ARG A 1 60  ? -4.198  7.337   8.773   1.00 77.11 ? 121 ARG A NE  1 
ATOM   458 C  CZ  . ARG A 1 60  ? -5.384  7.934   8.562   1.00 83.32 ? 121 ARG A CZ  1 
ATOM   459 N  NH1 . ARG A 1 60  ? -6.516  7.280   8.764   1.00 85.89 ? 121 ARG A NH1 1 
ATOM   460 N  NH2 . ARG A 1 60  ? -5.438  9.189   8.141   1.00 80.04 ? 121 ARG A NH2 1 
ATOM   461 N  N   . SER A 1 61  ? -0.445  1.706   9.240   1.00 43.01 ? 122 SER A N   1 
ATOM   462 C  CA  . SER A 1 61  ? 0.083   0.749   10.237  1.00 43.65 ? 122 SER A CA  1 
ATOM   463 C  C   . SER A 1 61  ? 1.576   0.508   10.006  1.00 48.07 ? 122 SER A C   1 
ATOM   464 O  O   . SER A 1 61  ? 2.327   0.431   11.007  1.00 49.22 ? 122 SER A O   1 
ATOM   465 C  CB  . SER A 1 61  ? -0.662  -0.560  10.197  1.00 46.73 ? 122 SER A CB  1 
ATOM   466 O  OG  . SER A 1 61  ? -0.061  -1.508  11.076  1.00 46.62 ? 122 SER A OG  1 
ATOM   467 N  N   . VAL A 1 62  ? 1.998   0.310   8.752   1.00 45.32 ? 123 VAL A N   1 
ATOM   468 C  CA  . VAL A 1 62  ? 3.404   -0.097  8.471   1.00 43.73 ? 123 VAL A CA  1 
ATOM   469 C  C   . VAL A 1 62  ? 4.314   1.053   8.877   1.00 49.20 ? 123 VAL A C   1 
ATOM   470 O  O   . VAL A 1 62  ? 5.433   0.789   9.339   1.00 58.93 ? 123 VAL A O   1 
ATOM   471 C  CB  . VAL A 1 62  ? 3.624   -0.486  7.007   1.00 43.03 ? 123 VAL A CB  1 
ATOM   472 C  CG1 . VAL A 1 62  ? 5.090   -0.374  6.615   1.00 40.82 ? 123 VAL A CG1 1 
ATOM   473 C  CG2 . VAL A 1 62  ? 3.090   -1.885  6.754   1.00 42.36 ? 123 VAL A CG2 1 
ATOM   474 N  N   . ILE A 1 63  ? 3.822   2.275   8.726   1.00 51.48 ? 124 ILE A N   1 
ATOM   475 C  CA  . ILE A 1 63  ? 4.599   3.517   8.993   1.00 54.30 ? 124 ILE A CA  1 
ATOM   476 C  C   . ILE A 1 63  ? 4.494   3.892   10.477  1.00 51.66 ? 124 ILE A C   1 
ATOM   477 O  O   . ILE A 1 63  ? 5.521   4.350   11.042  1.00 48.09 ? 124 ILE A O   1 
ATOM   478 C  CB  . ILE A 1 63  ? 4.121   4.612   8.025   1.00 57.30 ? 124 ILE A CB  1 
ATOM   479 C  CG1 . ILE A 1 63  ? 4.688   4.304   6.636   1.00 57.68 ? 124 ILE A CG1 1 
ATOM   480 C  CG2 . ILE A 1 63  ? 4.479   6.009   8.519   1.00 58.85 ? 124 ILE A CG2 1 
ATOM   481 C  CD1 . ILE A 1 63  ? 4.324   5.304   5.594   1.00 60.52 ? 124 ILE A CD1 1 
ATOM   482 N  N   . GLY A 1 64  ? 3.318   3.692   11.080  1.00 45.70 ? 125 GLY A N   1 
ATOM   483 C  CA  . GLY A 1 64  ? 3.139   3.752   12.540  1.00 46.20 ? 125 GLY A CA  1 
ATOM   484 C  C   . GLY A 1 64  ? 4.101   2.807   13.237  1.00 46.43 ? 125 GLY A C   1 
ATOM   485 O  O   . GLY A 1 64  ? 4.543   3.132   14.339  1.00 47.25 ? 125 GLY A O   1 
ATOM   486 N  N   . GLN A 1 65  ? 4.422   1.677   12.599  1.00 50.13 ? 126 GLN A N   1 
ATOM   487 C  CA  . GLN A 1 65  ? 5.248   0.582   13.182  1.00 52.53 ? 126 GLN A CA  1 
ATOM   488 C  C   . GLN A 1 65  ? 6.718   0.805   12.805  1.00 50.48 ? 126 GLN A C   1 
ATOM   489 O  O   . GLN A 1 65  ? 7.563   -0.070  13.131  1.00 40.15 ? 126 GLN A O   1 
ATOM   490 C  CB  . GLN A 1 65  ? 4.750   -0.787  12.710  1.00 52.42 ? 126 GLN A CB  1 
ATOM   491 C  CG  . GLN A 1 65  ? 3.609   -1.328  13.555  1.00 58.54 ? 126 GLN A CG  1 
ATOM   492 C  CD  . GLN A 1 65  ? 3.054   -2.620  13.003  1.00 65.88 ? 126 GLN A CD  1 
ATOM   493 O  OE1 . GLN A 1 65  ? 2.242   -2.626  12.072  1.00 70.85 ? 126 GLN A OE1 1 
ATOM   494 N  NE2 . GLN A 1 65  ? 3.472   -3.736  13.592  1.00 67.23 ? 126 GLN A NE2 1 
ATOM   495 N  N   . ALA A 1 66  ? 7.011   1.941   12.164  1.00 48.44 ? 127 ALA A N   1 
ATOM   496 C  CA  . ALA A 1 66  ? 8.342   2.249   11.603  1.00 49.72 ? 127 ALA A CA  1 
ATOM   497 C  C   . ALA A 1 66  ? 9.003   3.360   12.418  1.00 48.16 ? 127 ALA A C   1 
ATOM   498 O  O   . ALA A 1 66  ? 8.287   4.209   12.959  1.00 45.88 ? 127 ALA A O   1 
ATOM   499 C  CB  . ALA A 1 66  ? 8.209   2.635   10.159  1.00 51.14 ? 127 ALA A CB  1 
ATOM   500 N  N   . HIS A 1 67  ? 10.329  3.317   12.522  1.00 49.80 ? 128 HIS A N   1 
ATOM   501 C  CA  . HIS A 1 67  ? 11.162  4.454   12.992  1.00 50.03 ? 128 HIS A CA  1 
ATOM   502 C  C   . HIS A 1 67  ? 11.404  5.374   11.799  1.00 48.31 ? 128 HIS A C   1 
ATOM   503 O  O   . HIS A 1 67  ? 11.412  4.879   10.659  1.00 44.33 ? 128 HIS A O   1 
ATOM   504 C  CB  . HIS A 1 67  ? 12.471  3.958   13.623  1.00 51.00 ? 128 HIS A CB  1 
ATOM   505 C  CG  . HIS A 1 67  ? 12.277  3.298   14.947  1.00 54.29 ? 128 HIS A CG  1 
ATOM   506 N  ND1 . HIS A 1 67  ? 12.140  1.926   15.080  1.00 56.27 ? 128 HIS A ND1 1 
ATOM   507 C  CD2 . HIS A 1 67  ? 12.201  3.811   16.196  1.00 55.16 ? 128 HIS A CD2 1 
ATOM   508 C  CE1 . HIS A 1 67  ? 11.991  1.625   16.356  1.00 56.08 ? 128 HIS A CE1 1 
ATOM   509 N  NE2 . HIS A 1 67  ? 12.026  2.767   17.059  1.00 55.72 ? 128 HIS A NE2 1 
ATOM   510 N  N   . LEU A 1 68  ? 11.573  6.669   12.046  1.00 51.86 ? 129 LEU A N   1 
ATOM   511 C  CA  . LEU A 1 68  ? 11.925  7.639   10.981  1.00 52.70 ? 129 LEU A CA  1 
ATOM   512 C  C   . LEU A 1 68  ? 13.164  7.138   10.230  1.00 53.08 ? 129 LEU A C   1 
ATOM   513 O  O   . LEU A 1 68  ? 13.192  7.258   8.998   1.00 59.91 ? 129 LEU A O   1 
ATOM   514 C  CB  . LEU A 1 68  ? 12.171  9.015   11.599  1.00 54.36 ? 129 LEU A CB  1 
ATOM   515 C  CG  . LEU A 1 68  ? 12.569  10.110  10.609  1.00 54.68 ? 129 LEU A CG  1 
ATOM   516 C  CD1 . LEU A 1 68  ? 11.529  10.260  9.509   1.00 55.34 ? 129 LEU A CD1 1 
ATOM   517 C  CD2 . LEU A 1 68  ? 12.779  11.433  11.325  1.00 57.00 ? 129 LEU A CD2 1 
ATOM   518 N  N   . ASP A 1 69  ? 14.154  6.594   10.936  1.00 51.08 ? 130 ASP A N   1 
ATOM   519 C  CA  . ASP A 1 69  ? 15.446  6.184   10.320  1.00 53.52 ? 130 ASP A CA  1 
ATOM   520 C  C   . ASP A 1 69  ? 15.181  5.129   9.229   1.00 49.83 ? 130 ASP A C   1 
ATOM   521 O  O   . ASP A 1 69  ? 15.901  5.102   8.212   1.00 48.99 ? 130 ASP A O   1 
ATOM   522 C  CB  . ASP A 1 69  ? 16.443  5.712   11.382  1.00 56.75 ? 130 ASP A CB  1 
ATOM   523 C  CG  . ASP A 1 69  ? 17.864  5.663   10.846  1.00 67.25 ? 130 ASP A CG  1 
ATOM   524 O  OD1 . ASP A 1 69  ? 18.349  6.724   10.384  1.00 71.83 ? 130 ASP A OD1 1 
ATOM   525 O  OD2 . ASP A 1 69  ? 18.464  4.561   10.851  1.00 74.37 ? 130 ASP A OD2 1 
ATOM   526 N  N   . GLU A 1 70  ? 14.169  4.292   9.419   1.00 43.64 ? 131 GLU A N   1 
ATOM   527 C  CA  . GLU A 1 70  ? 13.723  3.308   8.404   1.00 43.92 ? 131 GLU A CA  1 
ATOM   528 C  C   . GLU A 1 70  ? 13.127  4.036   7.186   1.00 41.06 ? 131 GLU A C   1 
ATOM   529 O  O   . GLU A 1 70  ? 13.391  3.595   6.061   1.00 41.35 ? 131 GLU A O   1 
ATOM   530 C  CB  . GLU A 1 70  ? 12.732  2.340   9.043   1.00 46.39 ? 131 GLU A CB  1 
ATOM   531 C  CG  . GLU A 1 70  ? 13.329  1.556   10.190  1.00 48.45 ? 131 GLU A CG  1 
ATOM   532 C  CD  . GLU A 1 70  ? 12.398  0.515   10.776  1.00 52.22 ? 131 GLU A CD  1 
ATOM   533 O  OE1 . GLU A 1 70  ? 12.575  -0.687  10.461  1.00 54.55 ? 131 GLU A OE1 1 
ATOM   534 O  OE2 . GLU A 1 70  ? 11.511  0.913   11.556  1.00 54.09 ? 131 GLU A OE2 1 
ATOM   535 N  N   . LEU A 1 71  ? 12.382  5.127   7.385   1.00 37.77 ? 132 LEU A N   1 
ATOM   536 C  CA  . LEU A 1 71  ? 11.911  5.987   6.269   1.00 41.95 ? 132 LEU A CA  1 
ATOM   537 C  C   . LEU A 1 71  ? 13.108  6.546   5.487   1.00 43.01 ? 132 LEU A C   1 
ATOM   538 O  O   . LEU A 1 71  ? 13.001  6.659   4.262   1.00 44.62 ? 132 LEU A O   1 
ATOM   539 C  CB  . LEU A 1 71  ? 11.049  7.130   6.808   1.00 45.25 ? 132 LEU A CB  1 
ATOM   540 C  CG  . LEU A 1 71  ? 9.616   6.761   7.176   1.00 47.20 ? 132 LEU A CG  1 
ATOM   541 C  CD1 . LEU A 1 71  ? 8.955   7.903   7.932   1.00 50.60 ? 132 LEU A CD1 1 
ATOM   542 C  CD2 . LEU A 1 71  ? 8.807   6.421   5.936   1.00 50.61 ? 132 LEU A CD2 1 
ATOM   543 N  N   . LEU A 1 72  ? 14.198  6.904   6.162   1.00 47.28 ? 133 LEU A N   1 
ATOM   544 C  CA  . LEU A 1 72  ? 15.417  7.460   5.515   1.00 49.87 ? 133 LEU A CA  1 
ATOM   545 C  C   . LEU A 1 72  ? 16.176  6.320   4.828   1.00 51.04 ? 133 LEU A C   1 
ATOM   546 O  O   . LEU A 1 72  ? 16.228  6.309   3.587   1.00 59.43 ? 133 LEU A O   1 
ATOM   547 C  CB  . LEU A 1 72  ? 16.285  8.156   6.571   1.00 51.62 ? 133 LEU A CB  1 
ATOM   548 C  CG  . LEU A 1 72  ? 15.577  9.221   7.402   1.00 54.53 ? 133 LEU A CG  1 
ATOM   549 C  CD1 . LEU A 1 72  ? 16.505  9.784   8.464   1.00 60.39 ? 133 LEU A CD1 1 
ATOM   550 C  CD2 . LEU A 1 72  ? 15.043  10.329  6.512   1.00 54.26 ? 133 LEU A CD2 1 
ATOM   551 N  N   . SER A 1 73  ? 16.685  5.375   5.618   1.00 49.54 ? 134 SER A N   1 
ATOM   552 C  CA  . SER A 1 73  ? 17.685  4.351   5.217   1.00 54.88 ? 134 SER A CA  1 
ATOM   553 C  C   . SER A 1 73  ? 17.022  3.181   4.481   1.00 49.95 ? 134 SER A C   1 
ATOM   554 O  O   . SER A 1 73  ? 17.543  2.772   3.452   1.00 54.47 ? 134 SER A O   1 
ATOM   555 C  CB  . SER A 1 73  ? 18.431  3.832   6.428   1.00 59.74 ? 134 SER A CB  1 
ATOM   556 O  OG  . SER A 1 73  ? 19.004  4.893   7.170   1.00 66.13 ? 134 SER A OG  1 
ATOM   557 N  N   . GLU A 1 74  ? 15.924  2.659   5.019   1.00 47.09 ? 135 GLU A N   1 
ATOM   558 C  CA  . GLU A 1 74  ? 15.383  1.324   4.670   1.00 45.57 ? 135 GLU A CA  1 
ATOM   559 C  C   . GLU A 1 74  ? 14.047  1.477   3.950   1.00 42.48 ? 135 GLU A C   1 
ATOM   560 O  O   . GLU A 1 74  ? 13.105  0.778   4.334   1.00 38.49 ? 135 GLU A O   1 
ATOM   561 C  CB  . GLU A 1 74  ? 15.251  0.492   5.948   1.00 46.49 ? 135 GLU A CB  1 
ATOM   562 C  CG  . GLU A 1 74  ? 16.581  0.273   6.656   1.00 45.58 ? 135 GLU A CG  1 
ATOM   563 C  CD  . GLU A 1 74  ? 16.494  -0.544  7.926   1.00 43.63 ? 135 GLU A CD  1 
ATOM   564 O  OE1 . GLU A 1 74  ? 16.643  0.034   8.999   1.00 45.65 ? 135 GLU A OE1 1 
ATOM   565 O  OE2 . GLU A 1 74  ? 16.292  -1.754  7.834   1.00 50.18 ? 135 GLU A OE2 1 
ATOM   566 N  N   . ARG A 1 75  ? 13.974  2.378   2.970   1.00 46.71 ? 136 ARG A N   1 
ATOM   567 C  CA  . ARG A 1 75  ? 12.787  2.573   2.092   1.00 47.36 ? 136 ARG A CA  1 
ATOM   568 C  C   . ARG A 1 75  ? 12.402  1.240   1.443   1.00 44.51 ? 136 ARG A C   1 
ATOM   569 O  O   . ARG A 1 75  ? 11.240  0.832   1.582   1.00 44.59 ? 136 ARG A O   1 
ATOM   570 C  CB  . ARG A 1 75  ? 13.094  3.566   0.968   1.00 55.65 ? 136 ARG A CB  1 
ATOM   571 C  CG  . ARG A 1 75  ? 12.768  5.012   1.295   1.00 61.11 ? 136 ARG A CG  1 
ATOM   572 C  CD  . ARG A 1 75  ? 11.275  5.273   1.178   1.00 64.92 ? 136 ARG A CD  1 
ATOM   573 N  NE  . ARG A 1 75  ? 10.982  6.519   0.478   1.00 66.42 ? 136 ARG A NE  1 
ATOM   574 C  CZ  . ARG A 1 75  ? 11.155  7.736   0.976   1.00 64.58 ? 136 ARG A CZ  1 
ATOM   575 N  NH1 . ARG A 1 75  ? 10.844  8.790   0.238   1.00 63.84 ? 136 ARG A NH1 1 
ATOM   576 N  NH2 . ARG A 1 75  ? 11.635  7.896   2.198   1.00 65.29 ? 136 ARG A NH2 1 
ATOM   577 N  N   . ASP A 1 76  ? 13.351  0.602   0.749   1.00 42.27 ? 137 ASP A N   1 
ATOM   578 C  CA  . ASP A 1 76  ? 13.137  -0.677  0.028   1.00 41.45 ? 137 ASP A CA  1 
ATOM   579 C  C   . ASP A 1 76  ? 12.473  -1.690  0.966   1.00 40.14 ? 137 ASP A C   1 
ATOM   580 O  O   . ASP A 1 76  ? 11.489  -2.304  0.575   1.00 42.34 ? 137 ASP A O   1 
ATOM   581 C  CB  . ASP A 1 76  ? 14.457  -1.215  -0.517  1.00 42.50 ? 137 ASP A CB  1 
ATOM   582 C  CG  . ASP A 1 76  ? 15.029  -0.396  -1.666  1.00 43.60 ? 137 ASP A CG  1 
ATOM   583 O  OD1 . ASP A 1 76  ? 14.273  0.418   -2.237  1.00 41.80 ? 137 ASP A OD1 1 
ATOM   584 O  OD2 . ASP A 1 76  ? 16.233  -0.589  -1.980  1.00 43.78 ? 137 ASP A OD2 1 
ATOM   585 N  N   . LYS A 1 77  ? 12.999  -1.853  2.174   1.00 42.23 ? 138 LYS A N   1 
ATOM   586 C  CA  . LYS A 1 77  ? 12.485  -2.839  3.156   1.00 42.07 ? 138 LYS A CA  1 
ATOM   587 C  C   . LYS A 1 77  ? 11.018  -2.516  3.451   1.00 41.65 ? 138 LYS A C   1 
ATOM   588 O  O   . LYS A 1 77  ? 10.227  -3.485  3.569   1.00 42.58 ? 138 LYS A O   1 
ATOM   589 C  CB  . LYS A 1 77  ? 13.312  -2.849  4.449   1.00 40.59 ? 138 LYS A CB  1 
ATOM   590 C  CG  . LYS A 1 77  ? 12.767  -3.767  5.542   1.00 41.04 ? 138 LYS A CG  1 
ATOM   591 C  CD  . LYS A 1 77  ? 13.513  -3.716  6.857   1.00 38.61 ? 138 LYS A CD  1 
ATOM   592 C  CE  . LYS A 1 77  ? 13.137  -2.509  7.680   1.00 39.24 ? 138 LYS A CE  1 
ATOM   593 N  NZ  . LYS A 1 77  ? 13.771  -2.548  9.017   1.00 38.42 ? 138 LYS A NZ  1 
ATOM   594 N  N   . LEU A 1 78  ? 10.679  -1.227  3.589   1.00 37.14 ? 139 LEU A N   1 
ATOM   595 C  CA  . LEU A 1 78  ? 9.301   -0.783  3.941   1.00 38.59 ? 139 LEU A CA  1 
ATOM   596 C  C   . LEU A 1 78  ? 8.376   -1.090  2.763   1.00 34.53 ? 139 LEU A C   1 
ATOM   597 O  O   . LEU A 1 78  ? 7.258   -1.550  2.999   1.00 33.62 ? 139 LEU A O   1 
ATOM   598 C  CB  . LEU A 1 78  ? 9.282   0.709   4.300   1.00 41.09 ? 139 LEU A CB  1 
ATOM   599 C  CG  . LEU A 1 78  ? 9.918   1.111   5.640   1.00 40.74 ? 139 LEU A CG  1 
ATOM   600 C  CD1 . LEU A 1 78  ? 9.657   2.580   5.946   1.00 41.26 ? 139 LEU A CD1 1 
ATOM   601 C  CD2 . LEU A 1 78  ? 9.401   0.273   6.794   1.00 40.70 ? 139 LEU A CD2 1 
ATOM   602 N  N   . ASN A 1 79  ? 8.857   -0.854  1.548   1.00 35.79 ? 140 ASN A N   1 
ATOM   603 C  CA  . ASN A 1 79  ? 8.123   -1.112  0.285   1.00 38.38 ? 140 ASN A CA  1 
ATOM   604 C  C   . ASN A 1 79  ? 7.785   -2.608  0.181   1.00 38.17 ? 140 ASN A C   1 
ATOM   605 O  O   . ASN A 1 79  ? 6.626   -2.931  -0.212  1.00 35.40 ? 140 ASN A O   1 
ATOM   606 C  CB  . ASN A 1 79  ? 8.914   -0.589  -0.916  1.00 38.41 ? 140 ASN A CB  1 
ATOM   607 C  CG  . ASN A 1 79  ? 8.866   0.921   -1.043  1.00 42.00 ? 140 ASN A CG  1 
ATOM   608 O  OD1 . ASN A 1 79  ? 8.075   1.595   -0.370  1.00 42.82 ? 140 ASN A OD1 1 
ATOM   609 N  ND2 . ASN A 1 79  ? 9.700   1.459   -1.920  1.00 40.88 ? 140 ASN A ND2 1 
ATOM   610 N  N   . MET A 1 80  ? 8.736   -3.479  0.543   1.00 36.89 ? 141 MET A N   1 
ATOM   611 C  CA  . MET A 1 80  ? 8.569   -4.960  0.538   1.00 39.71 ? 141 MET A CA  1 
ATOM   612 C  C   . MET A 1 80  ? 7.498   -5.345  1.560   1.00 41.35 ? 141 MET A C   1 
ATOM   613 O  O   . MET A 1 80  ? 6.669   -6.221  1.238   1.00 46.89 ? 141 MET A O   1 
ATOM   614 C  CB  . MET A 1 80  ? 9.891   -5.690  0.822   1.00 40.02 ? 141 MET A CB  1 
ATOM   615 C  CG  . MET A 1 80  ? 10.890  -5.551  -0.343  1.00 43.98 ? 141 MET A CG  1 
ATOM   616 S  SD  . MET A 1 80  ? 12.525  -6.346  -0.140  1.00 50.27 ? 141 MET A SD  1 
ATOM   617 C  CE  . MET A 1 80  ? 12.121  -8.091  -0.291  1.00 50.16 ? 141 MET A CE  1 
ATOM   618 N  N   . GLN A 1 81  ? 7.471   -4.684  2.721   1.00 42.55 ? 142 GLN A N   1 
ATOM   619 C  CA  . GLN A 1 81  ? 6.450   -4.942  3.770   1.00 44.50 ? 142 GLN A CA  1 
ATOM   620 C  C   . GLN A 1 81  ? 5.074   -4.562  3.230   1.00 41.31 ? 142 GLN A C   1 
ATOM   621 O  O   . GLN A 1 81  ? 4.145   -5.341  3.396   1.00 39.97 ? 142 GLN A O   1 
ATOM   622 C  CB  . GLN A 1 81  ? 6.723   -4.141  5.040   1.00 46.59 ? 142 GLN A CB  1 
ATOM   623 C  CG  . GLN A 1 81  ? 7.929   -4.612  5.835   1.00 45.34 ? 142 GLN A CG  1 
ATOM   624 C  CD  . GLN A 1 81  ? 8.187   -3.660  6.976   1.00 46.62 ? 142 GLN A CD  1 
ATOM   625 O  OE1 . GLN A 1 81  ? 7.327   -2.863  7.351   1.00 51.77 ? 142 GLN A OE1 1 
ATOM   626 N  NE2 . GLN A 1 81  ? 9.387   -3.706  7.521   1.00 47.53 ? 142 GLN A NE2 1 
ATOM   627 N  N   . LEU A 1 82  ? 4.959   -3.377  2.632   1.00 40.77 ? 143 LEU A N   1 
ATOM   628 C  CA  . LEU A 1 82  ? 3.684   -2.889  2.048   1.00 39.18 ? 143 LEU A CA  1 
ATOM   629 C  C   . LEU A 1 82  ? 3.203   -3.857  0.966   1.00 36.81 ? 143 LEU A C   1 
ATOM   630 O  O   . LEU A 1 82  ? 2.001   -4.211  1.020   1.00 33.80 ? 143 LEU A O   1 
ATOM   631 C  CB  . LEU A 1 82  ? 3.893   -1.493  1.471   1.00 37.42 ? 143 LEU A CB  1 
ATOM   632 C  CG  . LEU A 1 82  ? 4.034   -0.397  2.518   1.00 39.96 ? 143 LEU A CG  1 
ATOM   633 C  CD1 . LEU A 1 82  ? 4.582   0.867   1.891   1.00 40.41 ? 143 LEU A CD1 1 
ATOM   634 C  CD2 . LEU A 1 82  ? 2.704   -0.118  3.203   1.00 41.11 ? 143 LEU A CD2 1 
ATOM   635 N  N   . GLN A 1 83  ? 4.101   -4.239  0.043   1.00 34.49 ? 144 GLN A N   1 
ATOM   636 C  CA  . GLN A 1 83  ? 3.815   -5.171  -1.083  1.00 34.86 ? 144 GLN A CA  1 
ATOM   637 C  C   . GLN A 1 83  ? 3.383   -6.528  -0.531  1.00 33.11 ? 144 GLN A C   1 
ATOM   638 O  O   . GLN A 1 83  ? 2.456   -7.094  -1.088  1.00 32.82 ? 144 GLN A O   1 
ATOM   639 C  CB  . GLN A 1 83  ? 5.020   -5.382  -1.999  1.00 35.77 ? 144 GLN A CB  1 
ATOM   640 C  CG  . GLN A 1 83  ? 4.705   -6.230  -3.230  1.00 35.77 ? 144 GLN A CG  1 
ATOM   641 C  CD  . GLN A 1 83  ? 4.706   -7.723  -2.981  1.00 39.17 ? 144 GLN A CD  1 
ATOM   642 O  OE1 . GLN A 1 83  ? 5.416   -8.235  -2.113  1.00 39.16 ? 144 GLN A OE1 1 
ATOM   643 N  NE2 . GLN A 1 83  ? 3.897   -8.447  -3.743  1.00 40.87 ? 144 GLN A NE2 1 
ATOM   644 N  N   . ARG A 1 84  ? 4.073   -7.048  0.483   1.00 35.12 ? 145 ARG A N   1 
ATOM   645 C  CA  . ARG A 1 84  ? 3.742   -8.367  1.075   1.00 37.67 ? 145 ARG A CA  1 
ATOM   646 C  C   . ARG A 1 84  ? 2.290   -8.313  1.549   1.00 32.14 ? 145 ARG A C   1 
ATOM   647 O  O   . ARG A 1 84  ? 1.481   -9.178  1.146   1.00 29.96 ? 145 ARG A O   1 
ATOM   648 C  CB  . ARG A 1 84  ? 4.680   -8.708  2.240   1.00 42.67 ? 145 ARG A CB  1 
ATOM   649 C  CG  . ARG A 1 84  ? 4.041   -9.502  3.377   1.00 46.82 ? 145 ARG A CG  1 
ATOM   650 C  CD  . ARG A 1 84  ? 4.724   -9.309  4.722   1.00 48.15 ? 145 ARG A CD  1 
ATOM   651 N  NE  . ARG A 1 84  ? 6.162   -9.104  4.594   1.00 46.75 ? 145 ARG A NE  1 
ATOM   652 C  CZ  . ARG A 1 84  ? 6.948   -8.641  5.560   1.00 50.66 ? 145 ARG A CZ  1 
ATOM   653 N  NH1 . ARG A 1 84  ? 8.241   -8.457  5.330   1.00 53.09 ? 145 ARG A NH1 1 
ATOM   654 N  NH2 . ARG A 1 84  ? 6.441   -8.351  6.748   1.00 49.75 ? 145 ARG A NH2 1 
ATOM   655 N  N   . ILE A 1 85  ? 2.000   -7.343  2.403   1.00 30.04 ? 146 ILE A N   1 
ATOM   656 C  CA  . ILE A 1 85  ? 0.735   -7.287  3.181   1.00 32.44 ? 146 ILE A CA  1 
ATOM   657 C  C   . ILE A 1 85  ? -0.429  -7.020  2.225   1.00 32.61 ? 146 ILE A C   1 
ATOM   658 O  O   . ILE A 1 85  ? -1.462  -7.709  2.347   1.00 29.17 ? 146 ILE A O   1 
ATOM   659 C  CB  . ILE A 1 85  ? 0.835   -6.235  4.293   1.00 32.84 ? 146 ILE A CB  1 
ATOM   660 C  CG1 . ILE A 1 85  ? 1.846   -6.656  5.363   1.00 34.09 ? 146 ILE A CG1 1 
ATOM   661 C  CG2 . ILE A 1 85  ? -0.533  -5.952  4.889   1.00 34.85 ? 146 ILE A CG2 1 
ATOM   662 C  CD1 . ILE A 1 85  ? 2.233   -5.534  6.309   1.00 35.03 ? 146 ILE A CD1 1 
ATOM   663 N  N   . ILE A 1 86  ? -0.272  -6.050  1.325   1.00 33.80 ? 147 ILE A N   1 
ATOM   664 C  CA  . ILE A 1 86  ? -1.387  -5.629  0.441   1.00 35.31 ? 147 ILE A CA  1 
ATOM   665 C  C   . ILE A 1 86  ? -1.625  -6.792  -0.519  1.00 33.80 ? 147 ILE A C   1 
ATOM   666 O  O   . ILE A 1 86  ? -2.814  -7.087  -0.842  1.00 32.97 ? 147 ILE A O   1 
ATOM   667 C  CB  . ILE A 1 86  ? -1.102  -4.276  -0.249  1.00 37.61 ? 147 ILE A CB  1 
ATOM   668 C  CG1 . ILE A 1 86  ? -0.909  -3.159  0.784   1.00 37.41 ? 147 ILE A CG1 1 
ATOM   669 C  CG2 . ILE A 1 86  ? -2.203  -3.918  -1.250  1.00 35.57 ? 147 ILE A CG2 1 
ATOM   670 C  CD1 . ILE A 1 86  ? -0.144  -1.956  0.252   1.00 38.70 ? 147 ILE A CD1 1 
ATOM   671 N  N   . ASP A 1 87  ? -0.554  -7.471  -0.919  1.00 31.83 ? 148 ASP A N   1 
ATOM   672 C  CA  . ASP A 1 87  ? -0.701  -8.617  -1.849  1.00 33.65 ? 148 ASP A CA  1 
ATOM   673 C  C   . ASP A 1 87  ? -1.541  -9.707  -1.176  1.00 32.36 ? 148 ASP A C   1 
ATOM   674 O  O   . ASP A 1 87  ? -2.511  -10.204 -1.792  1.00 29.31 ? 148 ASP A O   1 
ATOM   675 C  CB  . ASP A 1 87  ? 0.625   -9.202  -2.321  1.00 34.56 ? 148 ASP A CB  1 
ATOM   676 C  CG  . ASP A 1 87  ? 0.418   -10.075 -3.546  1.00 34.84 ? 148 ASP A CG  1 
ATOM   677 O  OD1 . ASP A 1 87  ? -0.518  -9.779  -4.326  1.00 29.09 ? 148 ASP A OD1 1 
ATOM   678 O  OD2 . ASP A 1 87  ? 1.163   -11.063 -3.691  1.00 38.93 ? 148 ASP A OD2 1 
ATOM   679 N  N   . GLU A 1 88  ? -1.186  -10.066 0.047   1.00 33.58 ? 149 GLU A N   1 
ATOM   680 C  CA  . GLU A 1 88  ? -1.956  -11.049 0.845   1.00 36.04 ? 149 GLU A CA  1 
ATOM   681 C  C   . GLU A 1 88  ? -3.422  -10.608 0.873   1.00 33.79 ? 149 GLU A C   1 
ATOM   682 O  O   . GLU A 1 88  ? -4.294  -11.460 0.683   1.00 31.60 ? 149 GLU A O   1 
ATOM   683 C  CB  . GLU A 1 88  ? -1.354  -11.162 2.243   1.00 40.35 ? 149 GLU A CB  1 
ATOM   684 C  CG  . GLU A 1 88  ? -2.108  -12.103 3.164   1.00 45.08 ? 149 GLU A CG  1 
ATOM   685 C  CD  . GLU A 1 88  ? -1.362  -12.419 4.452   1.00 53.44 ? 149 GLU A CD  1 
ATOM   686 O  OE1 . GLU A 1 88  ? -1.755  -13.389 5.131   1.00 61.36 ? 149 GLU A OE1 1 
ATOM   687 O  OE2 . GLU A 1 88  ? -0.362  -11.713 4.760   1.00 57.69 ? 149 GLU A OE2 1 
ATOM   688 N  N   . ALA A 1 89  ? -3.677  -9.314  1.062   1.00 33.19 ? 150 ALA A N   1 
ATOM   689 C  CA  . ALA A 1 89  ? -5.032  -8.748  1.243   1.00 34.23 ? 150 ALA A CA  1 
ATOM   690 C  C   . ALA A 1 89  ? -5.850  -8.856  -0.051  1.00 38.38 ? 150 ALA A C   1 
ATOM   691 O  O   . ALA A 1 89  ? -7.067  -9.115  0.063   1.00 37.84 ? 150 ALA A O   1 
ATOM   692 C  CB  . ALA A 1 89  ? -4.947  -7.310  1.682   1.00 34.81 ? 150 ALA A CB  1 
ATOM   693 N  N   . THR A 1 90  ? -5.224  -8.608  -1.213  1.00 34.37 ? 151 THR A N   1 
ATOM   694 C  CA  . THR A 1 90  ? -5.907  -8.441  -2.526  1.00 34.02 ? 151 THR A CA  1 
ATOM   695 C  C   . THR A 1 90  ? -6.197  -9.819  -3.131  1.00 35.60 ? 151 THR A C   1 
ATOM   696 O  O   . THR A 1 90  ? -6.999  -9.891  -4.092  1.00 38.98 ? 151 THR A O   1 
ATOM   697 C  CB  . THR A 1 90  ? -5.091  -7.544  -3.472  1.00 32.49 ? 151 THR A CB  1 
ATOM   698 O  OG1 . THR A 1 90  ? -3.720  -7.960  -3.522  1.00 27.36 ? 151 THR A OG1 1 
ATOM   699 C  CG2 . THR A 1 90  ? -5.122  -6.088  -3.057  1.00 34.35 ? 151 THR A CG2 1 
ATOM   700 N  N   . ASP A 1 91  ? -5.572  -10.868 -2.591  1.00 35.38 ? 152 ASP A N   1 
ATOM   701 C  CA  . ASP A 1 91  ? -5.581  -12.234 -3.183  1.00 34.86 ? 152 ASP A CA  1 
ATOM   702 C  C   . ASP A 1 91  ? -7.000  -12.797 -3.130  1.00 32.60 ? 152 ASP A C   1 
ATOM   703 O  O   . ASP A 1 91  ? -7.487  -13.346 -4.110  1.00 33.63 ? 152 ASP A O   1 
ATOM   704 C  CB  . ASP A 1 91  ? -4.546  -13.149 -2.509  1.00 34.61 ? 152 ASP A CB  1 
ATOM   705 C  CG  . ASP A 1 91  ? -3.140  -13.079 -3.093  1.00 36.84 ? 152 ASP A CG  1 
ATOM   706 O  OD1 . ASP A 1 91  ? -2.859  -12.138 -3.872  1.00 37.11 ? 152 ASP A OD1 1 
ATOM   707 O  OD2 . ASP A 1 91  ? -2.321  -13.961 -2.746  1.00 39.10 ? 152 ASP A OD2 1 
ATOM   708 N  N   . PRO A 1 92  ? -7.721  -12.706 -1.999  1.00 29.58 ? 153 PRO A N   1 
ATOM   709 C  CA  . PRO A 1 92  ? -9.116  -13.139 -1.968  1.00 34.01 ? 153 PRO A CA  1 
ATOM   710 C  C   . PRO A 1 92  ? -10.004 -12.479 -3.042  1.00 36.07 ? 153 PRO A C   1 
ATOM   711 O  O   . PRO A 1 92  ? -11.071 -13.038 -3.314  1.00 39.38 ? 153 PRO A O   1 
ATOM   712 C  CB  . PRO A 1 92  ? -9.598  -12.749 -0.557  1.00 33.60 ? 153 PRO A CB  1 
ATOM   713 C  CG  . PRO A 1 92  ? -8.334  -12.657 0.270   1.00 31.94 ? 153 PRO A CG  1 
ATOM   714 C  CD  . PRO A 1 92  ? -7.234  -12.249 -0.693  1.00 30.70 ? 153 PRO A CD  1 
ATOM   715 N  N   . TRP A 1 93  ? -9.561  -11.355 -3.630  1.00 36.13 ? 154 TRP A N   1 
ATOM   716 C  CA  . TRP A 1 93  ? -10.307 -10.583 -4.665  1.00 38.87 ? 154 TRP A CA  1 
ATOM   717 C  C   . TRP A 1 93  ? -9.676  -10.770 -6.046  1.00 39.36 ? 154 TRP A C   1 
ATOM   718 O  O   . TRP A 1 93  ? -9.917  -9.900  -6.919  1.00 41.70 ? 154 TRP A O   1 
ATOM   719 C  CB  . TRP A 1 93  ? -10.350 -9.088  -4.345  1.00 38.59 ? 154 TRP A CB  1 
ATOM   720 C  CG  . TRP A 1 93  ? -10.447 -8.746  -2.899  1.00 39.14 ? 154 TRP A CG  1 
ATOM   721 C  CD1 . TRP A 1 93  ? -11.104 -9.418  -1.910  1.00 42.41 ? 154 TRP A CD1 1 
ATOM   722 C  CD2 . TRP A 1 93  ? -9.852  -7.605  -2.284  1.00 39.08 ? 154 TRP A CD2 1 
ATOM   723 N  NE1 . TRP A 1 93  ? -10.965 -8.762  -0.713  1.00 40.24 ? 154 TRP A NE1 1 
ATOM   724 C  CE2 . TRP A 1 93  ? -10.204 -7.643  -0.916  1.00 41.04 ? 154 TRP A CE2 1 
ATOM   725 C  CE3 . TRP A 1 93  ? -9.075  -6.553  -2.769  1.00 40.71 ? 154 TRP A CE3 1 
ATOM   726 C  CZ2 . TRP A 1 93  ? -9.794  -6.663  -0.021  1.00 38.53 ? 154 TRP A CZ2 1 
ATOM   727 C  CZ3 . TRP A 1 93  ? -8.665  -5.589  -1.879  1.00 39.46 ? 154 TRP A CZ3 1 
ATOM   728 C  CH2 . TRP A 1 93  ? -9.025  -5.645  -0.534  1.00 38.70 ? 154 TRP A CH2 1 
ATOM   729 N  N   . GLY A 1 94  ? -8.865  -11.812 -6.231  1.00 35.35 ? 155 GLY A N   1 
ATOM   730 C  CA  . GLY A 1 94  ? -8.298  -12.153 -7.548  1.00 33.69 ? 155 GLY A CA  1 
ATOM   731 C  C   . GLY A 1 94  ? -7.361  -11.086 -8.081  1.00 32.10 ? 155 GLY A C   1 
ATOM   732 O  O   . GLY A 1 94  ? -7.281  -10.922 -9.309  1.00 32.86 ? 155 GLY A O   1 
ATOM   733 N  N   . ILE A 1 95  ? -6.643  -10.396 -7.199  1.00 33.40 ? 156 ILE A N   1 
ATOM   734 C  CA  . ILE A 1 95  ? -5.685  -9.325  -7.592  1.00 33.84 ? 156 ILE A CA  1 
ATOM   735 C  C   . ILE A 1 95  ? -4.303  -9.681  -7.039  1.00 33.28 ? 156 ILE A C   1 
ATOM   736 O  O   . ILE A 1 95  ? -4.201  -10.074 -5.855  1.00 28.79 ? 156 ILE A O   1 
ATOM   737 C  CB  . ILE A 1 95  ? -6.198  -7.943  -7.134  1.00 34.65 ? 156 ILE A CB  1 
ATOM   738 C  CG1 . ILE A 1 95  ? -7.445  -7.530  -7.920  1.00 34.78 ? 156 ILE A CG1 1 
ATOM   739 C  CG2 . ILE A 1 95  ? -5.113  -6.882  -7.238  1.00 36.04 ? 156 ILE A CG2 1 
ATOM   740 C  CD1 . ILE A 1 95  ? -8.388  -6.687  -7.143  1.00 34.96 ? 156 ILE A CD1 1 
ATOM   741 N  N   . LYS A 1 96  ? -3.289  -9.575  -7.898  1.00 35.99 ? 157 LYS A N   1 
ATOM   742 C  CA  . LYS A 1 96  ? -1.854  -9.634  -7.526  1.00 39.24 ? 157 LYS A CA  1 
ATOM   743 C  C   . LYS A 1 96  ? -1.312  -8.205  -7.492  1.00 37.94 ? 157 LYS A C   1 
ATOM   744 O  O   . LYS A 1 96  ? -1.530  -7.451  -8.471  1.00 34.27 ? 157 LYS A O   1 
ATOM   745 C  CB  . LYS A 1 96  ? -1.070  -10.527 -8.490  1.00 43.98 ? 157 LYS A CB  1 
ATOM   746 C  CG  . LYS A 1 96  ? -1.066  -12.001 -8.100  1.00 49.68 ? 157 LYS A CG  1 
ATOM   747 C  CD  . LYS A 1 96  ? -0.194  -12.310 -6.885  1.00 52.48 ? 157 LYS A CD  1 
ATOM   748 C  CE  . LYS A 1 96  ? -0.760  -13.420 -6.020  1.00 53.48 ? 157 LYS A CE  1 
ATOM   749 N  NZ  . LYS A 1 96  ? 0.087   -13.669 -4.830  1.00 51.34 ? 157 LYS A NZ  1 
ATOM   750 N  N   . VAL A 1 97  ? -0.668  -7.846  -6.379  1.00 38.73 ? 158 VAL A N   1 
ATOM   751 C  CA  . VAL A 1 97  ? 0.069   -6.564  -6.207  1.00 39.30 ? 158 VAL A CA  1 
ATOM   752 C  C   . VAL A 1 97  ? 1.527   -6.805  -6.621  1.00 39.30 ? 158 VAL A C   1 
ATOM   753 O  O   . VAL A 1 97  ? 2.238   -7.536  -5.901  1.00 35.52 ? 158 VAL A O   1 
ATOM   754 C  CB  . VAL A 1 97  ? -0.092  -6.027  -4.773  1.00 39.71 ? 158 VAL A CB  1 
ATOM   755 C  CG1 . VAL A 1 97  ? 0.719   -4.759  -4.526  1.00 41.51 ? 158 VAL A CG1 1 
ATOM   756 C  CG2 . VAL A 1 97  ? -1.551  -5.766  -4.466  1.00 36.03 ? 158 VAL A CG2 1 
ATOM   757 N  N   . THR A 1 98  ? 1.898   -6.273  -7.788  1.00 42.05 ? 159 THR A N   1 
ATOM   758 C  CA  . THR A 1 98  ? 3.232   -6.393  -8.439  1.00 46.92 ? 159 THR A CA  1 
ATOM   759 C  C   . THR A 1 98  ? 4.294   -5.745  -7.542  1.00 51.13 ? 159 THR A C   1 
ATOM   760 O  O   . THR A 1 98  ? 5.368   -6.373  -7.330  1.00 47.19 ? 159 THR A O   1 
ATOM   761 C  CB  . THR A 1 98  ? 3.252   -5.699  -9.810  1.00 50.63 ? 159 THR A CB  1 
ATOM   762 O  OG1 . THR A 1 98  ? 2.348   -6.325  -10.719 1.00 54.69 ? 159 THR A OG1 1 
ATOM   763 C  CG2 . THR A 1 98  ? 4.617   -5.709  -10.457 1.00 58.59 ? 159 THR A CG2 1 
ATOM   764 N  N   . ALA A 1 99  ? 3.998   -4.532  -7.051  1.00 50.44 ? 160 ALA A N   1 
ATOM   765 C  CA  . ALA A 1 99  ? 4.906   -3.687  -6.243  1.00 47.83 ? 160 ALA A CA  1 
ATOM   766 C  C   . ALA A 1 99  ? 4.112   -2.635  -5.456  1.00 46.46 ? 160 ALA A C   1 
ATOM   767 O  O   . ALA A 1 99  ? 2.965   -2.306  -5.843  1.00 43.65 ? 160 ALA A O   1 
ATOM   768 C  CB  . ALA A 1 99  ? 5.920   -3.037  -7.158  1.00 47.46 ? 160 ALA A CB  1 
ATOM   769 N  N   . VAL A 1 100 ? 4.714   -2.130  -4.377  1.00 45.10 ? 161 VAL A N   1 
ATOM   770 C  CA  . VAL A 1 100 ? 4.257   -0.912  -3.650  1.00 42.25 ? 161 VAL A CA  1 
ATOM   771 C  C   . VAL A 1 100 ? 5.488   -0.033  -3.437  1.00 40.08 ? 161 VAL A C   1 
ATOM   772 O  O   . VAL A 1 100 ? 6.537   -0.580  -3.053  1.00 36.55 ? 161 VAL A O   1 
ATOM   773 C  CB  . VAL A 1 100 ? 3.543   -1.240  -2.323  1.00 42.96 ? 161 VAL A CB  1 
ATOM   774 C  CG1 . VAL A 1 100 ? 2.993   0.011   -1.651  1.00 41.32 ? 161 VAL A CG1 1 
ATOM   775 C  CG2 . VAL A 1 100 ? 2.424   -2.250  -2.523  1.00 45.19 ? 161 VAL A CG2 1 
ATOM   776 N  N   . GLU A 1 101 ? 5.359   1.265   -3.724  1.00 38.66 ? 162 GLU A N   1 
ATOM   777 C  CA  . GLU A 1 101 ? 6.454   2.260   -3.599  1.00 41.96 ? 162 GLU A CA  1 
ATOM   778 C  C   . GLU A 1 101 ? 5.907   3.485   -2.871  1.00 38.57 ? 162 GLU A C   1 
ATOM   779 O  O   . GLU A 1 101 ? 5.056   4.185   -3.434  1.00 33.43 ? 162 GLU A O   1 
ATOM   780 C  CB  . GLU A 1 101 ? 6.988   2.708   -4.959  1.00 45.25 ? 162 GLU A CB  1 
ATOM   781 C  CG  . GLU A 1 101 ? 7.715   1.636   -5.737  1.00 45.91 ? 162 GLU A CG  1 
ATOM   782 C  CD  . GLU A 1 101 ? 8.282   2.196   -7.025  1.00 49.36 ? 162 GLU A CD  1 
ATOM   783 O  OE1 . GLU A 1 101 ? 7.933   3.334   -7.341  1.00 50.78 ? 162 GLU A OE1 1 
ATOM   784 O  OE2 . GLU A 1 101 ? 9.076   1.501   -7.694  1.00 57.37 ? 162 GLU A OE2 1 
ATOM   785 N  N   . ILE A 1 102 ? 6.356   3.695   -1.642  1.00 38.54 ? 163 ILE A N   1 
ATOM   786 C  CA  . ILE A 1 102 ? 6.145   4.975   -0.922  1.00 40.75 ? 163 ILE A CA  1 
ATOM   787 C  C   . ILE A 1 102 ? 6.713   6.055   -1.848  1.00 43.83 ? 163 ILE A C   1 
ATOM   788 O  O   . ILE A 1 102 ? 7.833   5.864   -2.356  1.00 43.92 ? 163 ILE A O   1 
ATOM   789 C  CB  . ILE A 1 102 ? 6.812   4.932   0.472   1.00 40.77 ? 163 ILE A CB  1 
ATOM   790 C  CG1 . ILE A 1 102 ? 6.159   3.880   1.382   1.00 41.43 ? 163 ILE A CG1 1 
ATOM   791 C  CG2 . ILE A 1 102 ? 6.804   6.303   1.121   1.00 37.83 ? 163 ILE A CG2 1 
ATOM   792 C  CD1 . ILE A 1 102 ? 7.001   3.469   2.589   1.00 42.45 ? 163 ILE A CD1 1 
ATOM   793 N  N   . LYS A 1 103 ? 5.929   7.082   -2.163  1.00 44.65 ? 164 LYS A N   1 
ATOM   794 C  CA  . LYS A 1 103 ? 6.421   8.224   -2.963  1.00 51.21 ? 164 LYS A CA  1 
ATOM   795 C  C   . LYS A 1 103 ? 6.947   9.294   -2.002  1.00 51.10 ? 164 LYS A C   1 
ATOM   796 O  O   . LYS A 1 103 ? 8.114   9.214   -1.575  1.00 52.03 ? 164 LYS A O   1 
ATOM   797 C  CB  . LYS A 1 103 ? 5.310   8.796   -3.839  1.00 56.22 ? 164 LYS A CB  1 
ATOM   798 C  CG  . LYS A 1 103 ? 4.813   7.895   -4.950  1.00 62.40 ? 164 LYS A CG  1 
ATOM   799 C  CD  . LYS A 1 103 ? 3.581   8.491   -5.593  1.00 73.41 ? 164 LYS A CD  1 
ATOM   800 C  CE  . LYS A 1 103 ? 3.864   9.702   -6.461  1.00 74.59 ? 164 LYS A CE  1 
ATOM   801 N  NZ  . LYS A 1 103 ? 2.643   10.116  -7.195  1.00 79.14 ? 164 LYS A NZ  1 
ATOM   802 N  N   . ASP A 1 104 ? 6.075   10.225  -1.634  1.00 52.23 ? 165 ASP A N   1 
ATOM   803 C  CA  . ASP A 1 104 ? 6.415   11.435  -0.860  1.00 54.59 ? 165 ASP A CA  1 
ATOM   804 C  C   . ASP A 1 104 ? 6.323   11.071  0.622   1.00 55.33 ? 165 ASP A C   1 
ATOM   805 O  O   . ASP A 1 104 ? 5.522   10.178  0.978   1.00 59.73 ? 165 ASP A O   1 
ATOM   806 C  CB  . ASP A 1 104 ? 5.501   12.588  -1.283  1.00 60.41 ? 165 ASP A CB  1 
ATOM   807 C  CG  . ASP A 1 104 ? 5.457   12.781  -2.792  1.00 64.47 ? 165 ASP A CG  1 
ATOM   808 O  OD1 . ASP A 1 104 ? 6.498   12.554  -3.440  1.00 67.37 ? 165 ASP A OD1 1 
ATOM   809 O  OD2 . ASP A 1 104 ? 4.381   13.138  -3.312  1.00 65.05 ? 165 ASP A OD2 1 
ATOM   810 N  N   . VAL A 1 105 ? 7.165   11.702  1.436   1.00 50.75 ? 166 VAL A N   1 
ATOM   811 C  CA  . VAL A 1 105 ? 7.137   11.626  2.925   1.00 48.27 ? 166 VAL A CA  1 
ATOM   812 C  C   . VAL A 1 105 ? 7.297   13.062  3.436   1.00 51.21 ? 166 VAL A C   1 
ATOM   813 O  O   . VAL A 1 105 ? 8.429   13.575  3.378   1.00 51.04 ? 166 VAL A O   1 
ATOM   814 C  CB  . VAL A 1 105 ? 8.251   10.708  3.470   1.00 41.98 ? 166 VAL A CB  1 
ATOM   815 C  CG1 . VAL A 1 105 ? 8.239   10.630  4.992   1.00 37.68 ? 166 VAL A CG1 1 
ATOM   816 C  CG2 . VAL A 1 105 ? 8.190   9.323   2.853   1.00 41.64 ? 166 VAL A CG2 1 
ATOM   817 N  N   . GLU A 1 106 ? 6.206   13.696  3.864   1.00 48.55 ? 167 GLU A N   1 
ATOM   818 C  CA  . GLU A 1 106 ? 6.226   15.085  4.369   1.00 49.54 ? 167 GLU A CA  1 
ATOM   819 C  C   . GLU A 1 106 ? 6.302   15.015  5.887   1.00 45.64 ? 167 GLU A C   1 
ATOM   820 O  O   . GLU A 1 106 ? 5.662   14.135  6.453   1.00 45.59 ? 167 GLU A O   1 
ATOM   821 C  CB  . GLU A 1 106 ? 4.997   15.879  3.925   1.00 56.76 ? 167 GLU A CB  1 
ATOM   822 C  CG  . GLU A 1 106 ? 4.915   16.091  2.423   1.00 61.84 ? 167 GLU A CG  1 
ATOM   823 C  CD  . GLU A 1 106 ? 3.697   16.878  1.962   1.00 69.70 ? 167 GLU A CD  1 
ATOM   824 O  OE1 . GLU A 1 106 ? 3.050   17.546  2.816   1.00 69.22 ? 167 GLU A OE1 1 
ATOM   825 O  OE2 . GLU A 1 106 ? 3.388   16.807  0.751   1.00 71.28 ? 167 GLU A OE2 1 
ATOM   826 N  N   . LEU A 1 107 ? 7.096   15.896  6.489   1.00 49.54 ? 168 LEU A N   1 
ATOM   827 C  CA  . LEU A 1 107 ? 7.175   16.138  7.950   1.00 47.83 ? 168 LEU A CA  1 
ATOM   828 C  C   . LEU A 1 107 ? 6.498   17.477  8.231   1.00 50.36 ? 168 LEU A C   1 
ATOM   829 O  O   . LEU A 1 107 ? 7.097   18.524  7.996   1.00 49.68 ? 168 LEU A O   1 
ATOM   830 C  CB  . LEU A 1 107 ? 8.649   16.166  8.355   1.00 48.14 ? 168 LEU A CB  1 
ATOM   831 C  CG  . LEU A 1 107 ? 9.498   14.990  7.877   1.00 54.62 ? 168 LEU A CG  1 
ATOM   832 C  CD1 . LEU A 1 107 ? 10.949  15.409  7.654   1.00 58.70 ? 168 LEU A CD1 1 
ATOM   833 C  CD2 . LEU A 1 107 ? 9.428   13.836  8.860   1.00 55.68 ? 168 LEU A CD2 1 
ATOM   834 N  N   . PRO A 1 108 ? 5.213   17.498  8.658   1.00 50.70 ? 169 PRO A N   1 
ATOM   835 C  CA  . PRO A 1 108 ? 4.543   18.740  9.062   1.00 54.48 ? 169 PRO A CA  1 
ATOM   836 C  C   . PRO A 1 108 ? 5.087   19.385  10.350  1.00 52.92 ? 169 PRO A C   1 
ATOM   837 O  O   . PRO A 1 108 ? 5.503   18.673  11.271  1.00 50.40 ? 169 PRO A O   1 
ATOM   838 C  CB  . PRO A 1 108 ? 3.094   18.285  9.293   1.00 55.66 ? 169 PRO A CB  1 
ATOM   839 C  CG  . PRO A 1 108 ? 2.977   17.020  8.484   1.00 57.36 ? 169 PRO A CG  1 
ATOM   840 C  CD  . PRO A 1 108 ? 4.311   16.339  8.693   1.00 51.85 ? 169 PRO A CD  1 
HETATM 841 NA NA  . NA  B 2 .   ? -2.821  -10.091 -3.857  1.00 34.37 ? 201 NA  A NA  1 
HETATM 842 O  O   . HOH C 3 .   ? 2.371   -6.008  -20.782 1.00 28.78 ? 301 HOH A O   1 
HETATM 843 O  O   . HOH C 3 .   ? 0.663   -6.896  -17.854 1.00 50.61 ? 302 HOH A O   1 
HETATM 844 O  O   . HOH C 3 .   ? 16.130  3.981   1.548   1.00 45.33 ? 303 HOH A O   1 
HETATM 845 O  O   . HOH C 3 .   ? 10.128  4.155   -2.297  1.00 27.12 ? 304 HOH A O   1 
HETATM 846 O  O   . HOH C 3 .   ? -4.954  6.330   -8.599  1.00 38.58 ? 305 HOH A O   1 
HETATM 847 O  O   . HOH C 3 .   ? -10.614 6.256   2.944   1.00 32.70 ? 306 HOH A O   1 
HETATM 848 O  O   . HOH C 3 .   ? -2.853  0.021   -17.455 1.00 43.12 ? 307 HOH A O   1 
HETATM 849 O  O   . HOH C 3 .   ? 17.298  -2.574  5.245   1.00 40.47 ? 308 HOH A O   1 
HETATM 850 O  O   . HOH C 3 .   ? 8.201   -1.272  10.557  1.00 44.99 ? 309 HOH A O   1 
HETATM 851 O  O   . HOH C 3 .   ? -11.524 -15.793 -2.191  1.00 35.54 ? 310 HOH A O   1 
HETATM 852 O  O   . HOH C 3 .   ? -6.943  -12.157 -15.308 1.00 36.08 ? 311 HOH A O   1 
HETATM 853 O  O   . HOH C 3 .   ? -13.971 -2.451  -9.498  1.00 48.02 ? 312 HOH A O   1 
HETATM 854 O  O   . HOH C 3 .   ? 10.038  -8.448  2.777   1.00 42.79 ? 313 HOH A O   1 
HETATM 855 O  O   . HOH C 3 .   ? 7.597   -3.357  -4.049  1.00 42.27 ? 314 HOH A O   1 
HETATM 856 O  O   . HOH C 3 .   ? -6.068  -14.632 -6.636  1.00 25.56 ? 315 HOH A O   1 
HETATM 857 O  O   . HOH C 3 .   ? -4.765  17.566  8.552   1.00 42.48 ? 316 HOH A O   1 
HETATM 858 O  O   . HOH C 3 .   ? 1.665   7.395   -10.480 1.00 46.06 ? 317 HOH A O   1 
HETATM 859 O  O   . HOH C 3 .   ? -15.931 -2.795  -2.194  1.00 33.39 ? 318 HOH A O   1 
HETATM 860 O  O   . HOH C 3 .   ? 13.947  10.610  16.309  1.00 38.56 ? 319 HOH A O   1 
HETATM 861 O  O   . HOH C 3 .   ? 1.444   5.059   16.190  1.00 33.29 ? 320 HOH A O   1 
HETATM 862 O  O   . HOH C 3 .   ? -14.137 -1.345  -11.551 1.00 40.75 ? 321 HOH A O   1 
# 
loop_
_pdbx_poly_seq_scheme.asym_id 
_pdbx_poly_seq_scheme.entity_id 
_pdbx_poly_seq_scheme.seq_id 
_pdbx_poly_seq_scheme.mon_id 
_pdbx_poly_seq_scheme.ndb_seq_num 
_pdbx_poly_seq_scheme.pdb_seq_num 
_pdbx_poly_seq_scheme.auth_seq_num 
_pdbx_poly_seq_scheme.pdb_mon_id 
_pdbx_poly_seq_scheme.auth_mon_id 
_pdbx_poly_seq_scheme.pdb_strand_id 
_pdbx_poly_seq_scheme.pdb_ins_code 
_pdbx_poly_seq_scheme.hetero 
A 1 1   MET 1   62  ?   ?   ?   A . n 
A 1 2   VAL 2   63  ?   ?   ?   A . n 
A 1 3   ASP 3   64  64  ASP ASP A . n 
A 1 4   LEU 4   65  65  LEU LEU A . n 
A 1 5   ARG 5   66  66  ARG ARG A . n 
A 1 6   THR 6   67  67  THR THR A . n 
A 1 7   GLN 7   68  68  GLN GLN A . n 
A 1 8   VAL 8   69  69  VAL VAL A . n 
A 1 9   LEU 9   70  70  LEU LEU A . n 
A 1 10  ASP 10  71  71  ASP ASP A . n 
A 1 11  VAL 11  72  72  VAL VAL A . n 
A 1 12  PRO 12  73  73  PRO PRO A . n 
A 1 13  VAL 13  74  74  VAL VAL A . n 
A 1 14  GLN 14  75  75  GLN GLN A . n 
A 1 15  GLU 15  76  76  GLU GLU A . n 
A 1 16  THR 16  77  77  THR THR A . n 
A 1 17  ILE 17  78  78  ILE ILE A . n 
A 1 18  THR 18  79  79  THR THR A . n 
A 1 19  LYS 19  80  80  LYS LYS A . n 
A 1 20  ASP 20  81  81  ASP ASP A . n 
A 1 21  ASN 21  82  82  ASN ASN A . n 
A 1 22  VAL 22  83  83  VAL VAL A . n 
A 1 23  PRO 23  84  84  PRO PRO A . n 
A 1 24  VAL 24  85  85  VAL VAL A . n 
A 1 25  ARG 25  86  86  ARG ARG A . n 
A 1 26  VAL 26  87  87  VAL VAL A . n 
A 1 27  ASN 27  88  88  ASN ASN A . n 
A 1 28  ALA 28  89  89  ALA ALA A . n 
A 1 29  VAL 29  90  90  VAL VAL A . n 
A 1 30  VAL 30  91  91  VAL VAL A . n 
A 1 31  TYR 31  92  92  TYR TYR A . n 
A 1 32  PHE 32  93  93  PHE PHE A . n 
A 1 33  ARG 33  94  94  ARG ARG A . n 
A 1 34  VAL 34  95  95  VAL VAL A . n 
A 1 35  VAL 35  96  96  VAL VAL A . n 
A 1 36  ASP 36  97  97  ASP ASP A . n 
A 1 37  PRO 37  98  98  PRO PRO A . n 
A 1 38  VAL 38  99  99  VAL VAL A . n 
A 1 39  LYS 39  100 100 LYS LYS A . n 
A 1 40  ALA 40  101 101 ALA ALA A . n 
A 1 41  VAL 41  102 102 VAL VAL A . n 
A 1 42  THR 42  103 103 THR THR A . n 
A 1 43  GLN 43  104 104 GLN GLN A . n 
A 1 44  VAL 44  105 105 VAL VAL A . n 
A 1 45  LYS 45  106 106 LYS LYS A . n 
A 1 46  ASN 46  107 107 ASN ASN A . n 
A 1 47  TYR 47  108 108 TYR TYR A . n 
A 1 48  ILE 48  109 109 ILE ILE A . n 
A 1 49  MET 49  110 110 MET MET A . n 
A 1 50  ALA 50  111 111 ALA ALA A . n 
A 1 51  THR 51  112 112 THR THR A . n 
A 1 52  SER 52  113 113 SER SER A . n 
A 1 53  GLN 53  114 114 GLN GLN A . n 
A 1 54  ILE 54  115 115 ILE ILE A . n 
A 1 55  SER 55  116 116 SER SER A . n 
A 1 56  GLN 56  117 117 GLN GLN A . n 
A 1 57  THR 57  118 118 THR THR A . n 
A 1 58  THR 58  119 119 THR THR A . n 
A 1 59  LEU 59  120 120 LEU LEU A . n 
A 1 60  ARG 60  121 121 ARG ARG A . n 
A 1 61  SER 61  122 122 SER SER A . n 
A 1 62  VAL 62  123 123 VAL VAL A . n 
A 1 63  ILE 63  124 124 ILE ILE A . n 
A 1 64  GLY 64  125 125 GLY GLY A . n 
A 1 65  GLN 65  126 126 GLN GLN A . n 
A 1 66  ALA 66  127 127 ALA ALA A . n 
A 1 67  HIS 67  128 128 HIS HIS A . n 
A 1 68  LEU 68  129 129 LEU LEU A . n 
A 1 69  ASP 69  130 130 ASP ASP A . n 
A 1 70  GLU 70  131 131 GLU GLU A . n 
A 1 71  LEU 71  132 132 LEU LEU A . n 
A 1 72  LEU 72  133 133 LEU LEU A . n 
A 1 73  SER 73  134 134 SER SER A . n 
A 1 74  GLU 74  135 135 GLU GLU A . n 
A 1 75  ARG 75  136 136 ARG ARG A . n 
A 1 76  ASP 76  137 137 ASP ASP A . n 
A 1 77  LYS 77  138 138 LYS LYS A . n 
A 1 78  LEU 78  139 139 LEU LEU A . n 
A 1 79  ASN 79  140 140 ASN ASN A . n 
A 1 80  MET 80  141 141 MET MET A . n 
A 1 81  GLN 81  142 142 GLN GLN A . n 
A 1 82  LEU 82  143 143 LEU LEU A . n 
A 1 83  GLN 83  144 144 GLN GLN A . n 
A 1 84  ARG 84  145 145 ARG ARG A . n 
A 1 85  ILE 85  146 146 ILE ILE A . n 
A 1 86  ILE 86  147 147 ILE ILE A . n 
A 1 87  ASP 87  148 148 ASP ASP A . n 
A 1 88  GLU 88  149 149 GLU GLU A . n 
A 1 89  ALA 89  150 150 ALA ALA A . n 
A 1 90  THR 90  151 151 THR THR A . n 
A 1 91  ASP 91  152 152 ASP ASP A . n 
A 1 92  PRO 92  153 153 PRO PRO A . n 
A 1 93  TRP 93  154 154 TRP TRP A . n 
A 1 94  GLY 94  155 155 GLY GLY A . n 
A 1 95  ILE 95  156 156 ILE ILE A . n 
A 1 96  LYS 96  157 157 LYS LYS A . n 
A 1 97  VAL 97  158 158 VAL VAL A . n 
A 1 98  THR 98  159 159 THR THR A . n 
A 1 99  ALA 99  160 160 ALA ALA A . n 
A 1 100 VAL 100 161 161 VAL VAL A . n 
A 1 101 GLU 101 162 162 GLU GLU A . n 
A 1 102 ILE 102 163 163 ILE ILE A . n 
A 1 103 LYS 103 164 164 LYS LYS A . n 
A 1 104 ASP 104 165 165 ASP ASP A . n 
A 1 105 VAL 105 166 166 VAL VAL A . n 
A 1 106 GLU 106 167 167 GLU GLU A . n 
A 1 107 LEU 107 168 168 LEU LEU A . n 
A 1 108 PRO 108 169 169 PRO PRO A . n 
A 1 109 ALA 109 170 ?   ?   ?   A . n 
# 
_pdbx_contact_author.id                 2 
_pdbx_contact_author.email              yokoyama@rs.tus.ac.jp 
_pdbx_contact_author.name_first         Hideshi 
_pdbx_contact_author.name_last          Yokoyama 
_pdbx_contact_author.name_mi            ? 
_pdbx_contact_author.role               'principal investigator/group leader' 
_pdbx_contact_author.identifier_ORCID   0000-0002-3137-2793 
# 
loop_
_pdbx_nonpoly_scheme.asym_id 
_pdbx_nonpoly_scheme.entity_id 
_pdbx_nonpoly_scheme.mon_id 
_pdbx_nonpoly_scheme.ndb_seq_num 
_pdbx_nonpoly_scheme.pdb_seq_num 
_pdbx_nonpoly_scheme.auth_seq_num 
_pdbx_nonpoly_scheme.pdb_mon_id 
_pdbx_nonpoly_scheme.auth_mon_id 
_pdbx_nonpoly_scheme.pdb_strand_id 
_pdbx_nonpoly_scheme.pdb_ins_code 
B 2 NA  1  201 1  NA  NA  A . 
C 3 HOH 1  301 18 HOH HOH A . 
C 3 HOH 2  302 11 HOH HOH A . 
C 3 HOH 3  303 2  HOH HOH A . 
C 3 HOH 4  304 3  HOH HOH A . 
C 3 HOH 5  305 10 HOH HOH A . 
C 3 HOH 6  306 9  HOH HOH A . 
C 3 HOH 7  307 4  HOH HOH A . 
C 3 HOH 8  308 13 HOH HOH A . 
C 3 HOH 9  309 12 HOH HOH A . 
C 3 HOH 10 310 16 HOH HOH A . 
C 3 HOH 11 311 14 HOH HOH A . 
C 3 HOH 12 312 22 HOH HOH A . 
C 3 HOH 13 313 6  HOH HOH A . 
C 3 HOH 14 314 7  HOH HOH A . 
C 3 HOH 15 315 8  HOH HOH A . 
C 3 HOH 16 316 21 HOH HOH A . 
C 3 HOH 17 317 5  HOH HOH A . 
C 3 HOH 18 318 15 HOH HOH A . 
C 3 HOH 19 319 20 HOH HOH A . 
C 3 HOH 20 320 19 HOH HOH A . 
C 3 HOH 21 321 17 HOH HOH A . 
# 
_pdbx_struct_assembly.id                   1 
_pdbx_struct_assembly.details              author_defined_assembly 
_pdbx_struct_assembly.method_details       ? 
_pdbx_struct_assembly.oligomeric_details   dimeric 
_pdbx_struct_assembly.oligomeric_count     2 
# 
loop_
_pdbx_struct_assembly_gen.assembly_id 
_pdbx_struct_assembly_gen.oper_expression 
_pdbx_struct_assembly_gen.asym_id_list 
1 1 A,B,C 
1 2 A,B,C 
# 
loop_
_pdbx_struct_oper_list.id 
_pdbx_struct_oper_list.type 
_pdbx_struct_oper_list.name 
_pdbx_struct_oper_list.symmetry_operation 
_pdbx_struct_oper_list.matrix[1][1] 
_pdbx_struct_oper_list.matrix[1][2] 
_pdbx_struct_oper_list.matrix[1][3] 
_pdbx_struct_oper_list.vector[1] 
_pdbx_struct_oper_list.matrix[2][1] 
_pdbx_struct_oper_list.matrix[2][2] 
_pdbx_struct_oper_list.matrix[2][3] 
_pdbx_struct_oper_list.vector[2] 
_pdbx_struct_oper_list.matrix[3][1] 
_pdbx_struct_oper_list.matrix[3][2] 
_pdbx_struct_oper_list.matrix[3][3] 
_pdbx_struct_oper_list.vector[3] 
1 'identity operation'         1_555 x,y,z  1.0000000000  0.0000000000  0.0000000000 0.0000000000  0.0000000000  1.0000000000  0.0000000000  0.0000000000  0.0000000000 0.0000000000  1.0000000000  0.0000000000 
2 'crystal symmetry operation' 7_555 y,x,-z -0.1466851706 -0.4035203289 0.9031360943 12.5397373333 -0.4035203289 -0.8091810311 -0.4270800897 32.5037891050 0.9031360943 -0.4270800897 -0.0441337983 2.6746753494 
# 
loop_
_pdbx_struct_conn_angle.id 
_pdbx_struct_conn_angle.ptnr1_label_atom_id 
_pdbx_struct_conn_angle.ptnr1_label_alt_id 
_pdbx_struct_conn_angle.ptnr1_label_asym_id 
_pdbx_struct_conn_angle.ptnr1_label_comp_id 
_pdbx_struct_conn_angle.ptnr1_label_seq_id 
_pdbx_struct_conn_angle.ptnr1_auth_atom_id 
_pdbx_struct_conn_angle.ptnr1_auth_asym_id 
_pdbx_struct_conn_angle.ptnr1_auth_comp_id 
_pdbx_struct_conn_angle.ptnr1_auth_seq_id 
_pdbx_struct_conn_angle.ptnr1_PDB_ins_code 
_pdbx_struct_conn_angle.ptnr1_symmetry 
_pdbx_struct_conn_angle.ptnr2_label_atom_id 
_pdbx_struct_conn_angle.ptnr2_label_alt_id 
_pdbx_struct_conn_angle.ptnr2_label_asym_id 
_pdbx_struct_conn_angle.ptnr2_label_comp_id 
_pdbx_struct_conn_angle.ptnr2_label_seq_id 
_pdbx_struct_conn_angle.ptnr2_auth_atom_id 
_pdbx_struct_conn_angle.ptnr2_auth_asym_id 
_pdbx_struct_conn_angle.ptnr2_auth_comp_id 
_pdbx_struct_conn_angle.ptnr2_auth_seq_id 
_pdbx_struct_conn_angle.ptnr2_PDB_ins_code 
_pdbx_struct_conn_angle.ptnr2_symmetry 
_pdbx_struct_conn_angle.ptnr3_label_atom_id 
_pdbx_struct_conn_angle.ptnr3_label_alt_id 
_pdbx_struct_conn_angle.ptnr3_label_asym_id 
_pdbx_struct_conn_angle.ptnr3_label_comp_id 
_pdbx_struct_conn_angle.ptnr3_label_seq_id 
_pdbx_struct_conn_angle.ptnr3_auth_atom_id 
_pdbx_struct_conn_angle.ptnr3_auth_asym_id 
_pdbx_struct_conn_angle.ptnr3_auth_comp_id 
_pdbx_struct_conn_angle.ptnr3_auth_seq_id 
_pdbx_struct_conn_angle.ptnr3_PDB_ins_code 
_pdbx_struct_conn_angle.ptnr3_symmetry 
_pdbx_struct_conn_angle.value 
_pdbx_struct_conn_angle.value_esd 
1  O   ? A ASP 87 ? A ASP 148 ? 1_555 NA ? B NA . ? A NA 201 ? 1_555 OD1 ? A ASP 87 ? A ASP 148 ? 1_555 93.4  ? 
2  O   ? A ASP 87 ? A ASP 148 ? 1_555 NA ? B NA . ? A NA 201 ? 1_555 OG1 ? A THR 90 ? A THR 151 ? 1_555 88.0  ? 
3  OD1 ? A ASP 87 ? A ASP 148 ? 1_555 NA ? B NA . ? A NA 201 ? 1_555 OG1 ? A THR 90 ? A THR 151 ? 1_555 106.4 ? 
4  O   ? A ASP 87 ? A ASP 148 ? 1_555 NA ? B NA . ? A NA 201 ? 1_555 OD1 ? A ASP 91 ? A ASP 152 ? 1_555 87.5  ? 
5  OD1 ? A ASP 87 ? A ASP 148 ? 1_555 NA ? B NA . ? A NA 201 ? 1_555 OD1 ? A ASP 91 ? A ASP 152 ? 1_555 98.5  ? 
6  OG1 ? A THR 90 ? A THR 151 ? 1_555 NA ? B NA . ? A NA 201 ? 1_555 OD1 ? A ASP 91 ? A ASP 152 ? 1_555 154.9 ? 
7  O   ? A ASP 87 ? A ASP 148 ? 1_555 NA ? B NA . ? A NA 201 ? 1_555 O   ? A ILE 95 ? A ILE 156 ? 1_555 153.8 ? 
8  OD1 ? A ASP 87 ? A ASP 148 ? 1_555 NA ? B NA . ? A NA 201 ? 1_555 O   ? A ILE 95 ? A ILE 156 ? 1_555 112.8 ? 
9  OG1 ? A THR 90 ? A THR 151 ? 1_555 NA ? B NA . ? A NA 201 ? 1_555 O   ? A ILE 95 ? A ILE 156 ? 1_555 83.9  ? 
10 OD1 ? A ASP 91 ? A ASP 152 ? 1_555 NA ? B NA . ? A NA 201 ? 1_555 O   ? A ILE 95 ? A ILE 156 ? 1_555 89.4  ? 
# 
loop_
_pdbx_audit_revision_history.ordinal 
_pdbx_audit_revision_history.data_content_type 
_pdbx_audit_revision_history.major_revision 
_pdbx_audit_revision_history.minor_revision 
_pdbx_audit_revision_history.revision_date 
1 'Structure model' 1 0 2022-12-07 
2 'Structure model' 1 1 2023-11-29 
# 
_pdbx_audit_revision_details.ordinal             1 
_pdbx_audit_revision_details.revision_ordinal    1 
_pdbx_audit_revision_details.data_content_type   'Structure model' 
_pdbx_audit_revision_details.provider            repository 
_pdbx_audit_revision_details.type                'Initial release' 
_pdbx_audit_revision_details.description         ? 
_pdbx_audit_revision_details.details             ? 
# 
loop_
_pdbx_audit_revision_group.ordinal 
_pdbx_audit_revision_group.revision_ordinal 
_pdbx_audit_revision_group.data_content_type 
_pdbx_audit_revision_group.group 
1 2 'Structure model' 'Data collection'        
2 2 'Structure model' 'Refinement description' 
# 
loop_
_pdbx_audit_revision_category.ordinal 
_pdbx_audit_revision_category.revision_ordinal 
_pdbx_audit_revision_category.data_content_type 
_pdbx_audit_revision_category.category 
1 2 'Structure model' chem_comp_atom                
2 2 'Structure model' chem_comp_bond                
3 2 'Structure model' pdbx_initial_refinement_model 
# 
loop_
_software.citation_id 
_software.classification 
_software.compiler_name 
_software.compiler_version 
_software.contact_author 
_software.contact_author_email 
_software.date 
_software.description 
_software.dependencies 
_software.hardware 
_software.language 
_software.location 
_software.mods 
_software.name 
_software.os 
_software.os_version 
_software.type 
_software.version 
_software.pdbx_ordinal 
? refinement        ? ? ? ? ? ? ? ? ? ? ? REFMAC      ? ? ? 5.8.0267 1 
? 'data extraction' ? ? ? ? ? ? ? ? ? ? ? PDB_EXTRACT ? ? ? 3.27     2 
? 'data reduction'  ? ? ? ? ? ? ? ? ? ? ? XDS         ? ? ? .        3 
? 'data scaling'    ? ? ? ? ? ? ? ? ? ? ? SCALA       ? ? ? .        4 
? phasing           ? ? ? ? ? ? ? ? ? ? ? MOLREP      ? ? ? .        5 
# 
_pdbx_entry_details.entry_id                 8GN9 
_pdbx_entry_details.has_ligand_of_interest   N 
_pdbx_entry_details.compound_details         ? 
_pdbx_entry_details.source_details           ? 
_pdbx_entry_details.nonpolymer_details       ? 
_pdbx_entry_details.sequence_details         ? 
# 
_pdbx_validate_torsion.id              1 
_pdbx_validate_torsion.PDB_model_num   1 
_pdbx_validate_torsion.auth_comp_id    LYS 
_pdbx_validate_torsion.auth_asym_id    A 
_pdbx_validate_torsion.auth_seq_id     164 
_pdbx_validate_torsion.PDB_ins_code    ? 
_pdbx_validate_torsion.label_alt_id    ? 
_pdbx_validate_torsion.phi             -91.66 
_pdbx_validate_torsion.psi             -92.42 
# 
loop_
_pdbx_unobs_or_zero_occ_residues.id 
_pdbx_unobs_or_zero_occ_residues.PDB_model_num 
_pdbx_unobs_or_zero_occ_residues.polymer_flag 
_pdbx_unobs_or_zero_occ_residues.occupancy_flag 
_pdbx_unobs_or_zero_occ_residues.auth_asym_id 
_pdbx_unobs_or_zero_occ_residues.auth_comp_id 
_pdbx_unobs_or_zero_occ_residues.auth_seq_id 
_pdbx_unobs_or_zero_occ_residues.PDB_ins_code 
_pdbx_unobs_or_zero_occ_residues.label_asym_id 
_pdbx_unobs_or_zero_occ_residues.label_comp_id 
_pdbx_unobs_or_zero_occ_residues.label_seq_id 
1 1 Y 1 A MET 62  ? A MET 1   
2 1 Y 1 A VAL 63  ? A VAL 2   
3 1 Y 1 A ALA 170 ? A ALA 109 
# 
loop_
_chem_comp_atom.comp_id 
_chem_comp_atom.atom_id 
_chem_comp_atom.type_symbol 
_chem_comp_atom.pdbx_aromatic_flag 
_chem_comp_atom.pdbx_stereo_config 
_chem_comp_atom.pdbx_ordinal 
ALA N    N  N N 1   
ALA CA   C  N S 2   
ALA C    C  N N 3   
ALA O    O  N N 4   
ALA CB   C  N N 5   
ALA OXT  O  N N 6   
ALA H    H  N N 7   
ALA H2   H  N N 8   
ALA HA   H  N N 9   
ALA HB1  H  N N 10  
ALA HB2  H  N N 11  
ALA HB3  H  N N 12  
ALA HXT  H  N N 13  
ARG N    N  N N 14  
ARG CA   C  N S 15  
ARG C    C  N N 16  
ARG O    O  N N 17  
ARG CB   C  N N 18  
ARG CG   C  N N 19  
ARG CD   C  N N 20  
ARG NE   N  N N 21  
ARG CZ   C  N N 22  
ARG NH1  N  N N 23  
ARG NH2  N  N N 24  
ARG OXT  O  N N 25  
ARG H    H  N N 26  
ARG H2   H  N N 27  
ARG HA   H  N N 28  
ARG HB2  H  N N 29  
ARG HB3  H  N N 30  
ARG HG2  H  N N 31  
ARG HG3  H  N N 32  
ARG HD2  H  N N 33  
ARG HD3  H  N N 34  
ARG HE   H  N N 35  
ARG HH11 H  N N 36  
ARG HH12 H  N N 37  
ARG HH21 H  N N 38  
ARG HH22 H  N N 39  
ARG HXT  H  N N 40  
ASN N    N  N N 41  
ASN CA   C  N S 42  
ASN C    C  N N 43  
ASN O    O  N N 44  
ASN CB   C  N N 45  
ASN CG   C  N N 46  
ASN OD1  O  N N 47  
ASN ND2  N  N N 48  
ASN OXT  O  N N 49  
ASN H    H  N N 50  
ASN H2   H  N N 51  
ASN HA   H  N N 52  
ASN HB2  H  N N 53  
ASN HB3  H  N N 54  
ASN HD21 H  N N 55  
ASN HD22 H  N N 56  
ASN HXT  H  N N 57  
ASP N    N  N N 58  
ASP CA   C  N S 59  
ASP C    C  N N 60  
ASP O    O  N N 61  
ASP CB   C  N N 62  
ASP CG   C  N N 63  
ASP OD1  O  N N 64  
ASP OD2  O  N N 65  
ASP OXT  O  N N 66  
ASP H    H  N N 67  
ASP H2   H  N N 68  
ASP HA   H  N N 69  
ASP HB2  H  N N 70  
ASP HB3  H  N N 71  
ASP HD2  H  N N 72  
ASP HXT  H  N N 73  
GLN N    N  N N 74  
GLN CA   C  N S 75  
GLN C    C  N N 76  
GLN O    O  N N 77  
GLN CB   C  N N 78  
GLN CG   C  N N 79  
GLN CD   C  N N 80  
GLN OE1  O  N N 81  
GLN NE2  N  N N 82  
GLN OXT  O  N N 83  
GLN H    H  N N 84  
GLN H2   H  N N 85  
GLN HA   H  N N 86  
GLN HB2  H  N N 87  
GLN HB3  H  N N 88  
GLN HG2  H  N N 89  
GLN HG3  H  N N 90  
GLN HE21 H  N N 91  
GLN HE22 H  N N 92  
GLN HXT  H  N N 93  
GLU N    N  N N 94  
GLU CA   C  N S 95  
GLU C    C  N N 96  
GLU O    O  N N 97  
GLU CB   C  N N 98  
GLU CG   C  N N 99  
GLU CD   C  N N 100 
GLU OE1  O  N N 101 
GLU OE2  O  N N 102 
GLU OXT  O  N N 103 
GLU H    H  N N 104 
GLU H2   H  N N 105 
GLU HA   H  N N 106 
GLU HB2  H  N N 107 
GLU HB3  H  N N 108 
GLU HG2  H  N N 109 
GLU HG3  H  N N 110 
GLU HE2  H  N N 111 
GLU HXT  H  N N 112 
GLY N    N  N N 113 
GLY CA   C  N N 114 
GLY C    C  N N 115 
GLY O    O  N N 116 
GLY OXT  O  N N 117 
GLY H    H  N N 118 
GLY H2   H  N N 119 
GLY HA2  H  N N 120 
GLY HA3  H  N N 121 
GLY HXT  H  N N 122 
HIS N    N  N N 123 
HIS CA   C  N S 124 
HIS C    C  N N 125 
HIS O    O  N N 126 
HIS CB   C  N N 127 
HIS CG   C  Y N 128 
HIS ND1  N  Y N 129 
HIS CD2  C  Y N 130 
HIS CE1  C  Y N 131 
HIS NE2  N  Y N 132 
HIS OXT  O  N N 133 
HIS H    H  N N 134 
HIS H2   H  N N 135 
HIS HA   H  N N 136 
HIS HB2  H  N N 137 
HIS HB3  H  N N 138 
HIS HD1  H  N N 139 
HIS HD2  H  N N 140 
HIS HE1  H  N N 141 
HIS HE2  H  N N 142 
HIS HXT  H  N N 143 
HOH O    O  N N 144 
HOH H1   H  N N 145 
HOH H2   H  N N 146 
ILE N    N  N N 147 
ILE CA   C  N S 148 
ILE C    C  N N 149 
ILE O    O  N N 150 
ILE CB   C  N S 151 
ILE CG1  C  N N 152 
ILE CG2  C  N N 153 
ILE CD1  C  N N 154 
ILE OXT  O  N N 155 
ILE H    H  N N 156 
ILE H2   H  N N 157 
ILE HA   H  N N 158 
ILE HB   H  N N 159 
ILE HG12 H  N N 160 
ILE HG13 H  N N 161 
ILE HG21 H  N N 162 
ILE HG22 H  N N 163 
ILE HG23 H  N N 164 
ILE HD11 H  N N 165 
ILE HD12 H  N N 166 
ILE HD13 H  N N 167 
ILE HXT  H  N N 168 
LEU N    N  N N 169 
LEU CA   C  N S 170 
LEU C    C  N N 171 
LEU O    O  N N 172 
LEU CB   C  N N 173 
LEU CG   C  N N 174 
LEU CD1  C  N N 175 
LEU CD2  C  N N 176 
LEU OXT  O  N N 177 
LEU H    H  N N 178 
LEU H2   H  N N 179 
LEU HA   H  N N 180 
LEU HB2  H  N N 181 
LEU HB3  H  N N 182 
LEU HG   H  N N 183 
LEU HD11 H  N N 184 
LEU HD12 H  N N 185 
LEU HD13 H  N N 186 
LEU HD21 H  N N 187 
LEU HD22 H  N N 188 
LEU HD23 H  N N 189 
LEU HXT  H  N N 190 
LYS N    N  N N 191 
LYS CA   C  N S 192 
LYS C    C  N N 193 
LYS O    O  N N 194 
LYS CB   C  N N 195 
LYS CG   C  N N 196 
LYS CD   C  N N 197 
LYS CE   C  N N 198 
LYS NZ   N  N N 199 
LYS OXT  O  N N 200 
LYS H    H  N N 201 
LYS H2   H  N N 202 
LYS HA   H  N N 203 
LYS HB2  H  N N 204 
LYS HB3  H  N N 205 
LYS HG2  H  N N 206 
LYS HG3  H  N N 207 
LYS HD2  H  N N 208 
LYS HD3  H  N N 209 
LYS HE2  H  N N 210 
LYS HE3  H  N N 211 
LYS HZ1  H  N N 212 
LYS HZ2  H  N N 213 
LYS HZ3  H  N N 214 
LYS HXT  H  N N 215 
MET N    N  N N 216 
MET CA   C  N S 217 
MET C    C  N N 218 
MET O    O  N N 219 
MET CB   C  N N 220 
MET CG   C  N N 221 
MET SD   S  N N 222 
MET CE   C  N N 223 
MET OXT  O  N N 224 
MET H    H  N N 225 
MET H2   H  N N 226 
MET HA   H  N N 227 
MET HB2  H  N N 228 
MET HB3  H  N N 229 
MET HG2  H  N N 230 
MET HG3  H  N N 231 
MET HE1  H  N N 232 
MET HE2  H  N N 233 
MET HE3  H  N N 234 
MET HXT  H  N N 235 
NA  NA   NA N N 236 
PHE N    N  N N 237 
PHE CA   C  N S 238 
PHE C    C  N N 239 
PHE O    O  N N 240 
PHE CB   C  N N 241 
PHE CG   C  Y N 242 
PHE CD1  C  Y N 243 
PHE CD2  C  Y N 244 
PHE CE1  C  Y N 245 
PHE CE2  C  Y N 246 
PHE CZ   C  Y N 247 
PHE OXT  O  N N 248 
PHE H    H  N N 249 
PHE H2   H  N N 250 
PHE HA   H  N N 251 
PHE HB2  H  N N 252 
PHE HB3  H  N N 253 
PHE HD1  H  N N 254 
PHE HD2  H  N N 255 
PHE HE1  H  N N 256 
PHE HE2  H  N N 257 
PHE HZ   H  N N 258 
PHE HXT  H  N N 259 
PRO N    N  N N 260 
PRO CA   C  N S 261 
PRO C    C  N N 262 
PRO O    O  N N 263 
PRO CB   C  N N 264 
PRO CG   C  N N 265 
PRO CD   C  N N 266 
PRO OXT  O  N N 267 
PRO H    H  N N 268 
PRO HA   H  N N 269 
PRO HB2  H  N N 270 
PRO HB3  H  N N 271 
PRO HG2  H  N N 272 
PRO HG3  H  N N 273 
PRO HD2  H  N N 274 
PRO HD3  H  N N 275 
PRO HXT  H  N N 276 
SER N    N  N N 277 
SER CA   C  N S 278 
SER C    C  N N 279 
SER O    O  N N 280 
SER CB   C  N N 281 
SER OG   O  N N 282 
SER OXT  O  N N 283 
SER H    H  N N 284 
SER H2   H  N N 285 
SER HA   H  N N 286 
SER HB2  H  N N 287 
SER HB3  H  N N 288 
SER HG   H  N N 289 
SER HXT  H  N N 290 
THR N    N  N N 291 
THR CA   C  N S 292 
THR C    C  N N 293 
THR O    O  N N 294 
THR CB   C  N R 295 
THR OG1  O  N N 296 
THR CG2  C  N N 297 
THR OXT  O  N N 298 
THR H    H  N N 299 
THR H2   H  N N 300 
THR HA   H  N N 301 
THR HB   H  N N 302 
THR HG1  H  N N 303 
THR HG21 H  N N 304 
THR HG22 H  N N 305 
THR HG23 H  N N 306 
THR HXT  H  N N 307 
TRP N    N  N N 308 
TRP CA   C  N S 309 
TRP C    C  N N 310 
TRP O    O  N N 311 
TRP CB   C  N N 312 
TRP CG   C  Y N 313 
TRP CD1  C  Y N 314 
TRP CD2  C  Y N 315 
TRP NE1  N  Y N 316 
TRP CE2  C  Y N 317 
TRP CE3  C  Y N 318 
TRP CZ2  C  Y N 319 
TRP CZ3  C  Y N 320 
TRP CH2  C  Y N 321 
TRP OXT  O  N N 322 
TRP H    H  N N 323 
TRP H2   H  N N 324 
TRP HA   H  N N 325 
TRP HB2  H  N N 326 
TRP HB3  H  N N 327 
TRP HD1  H  N N 328 
TRP HE1  H  N N 329 
TRP HE3  H  N N 330 
TRP HZ2  H  N N 331 
TRP HZ3  H  N N 332 
TRP HH2  H  N N 333 
TRP HXT  H  N N 334 
TYR N    N  N N 335 
TYR CA   C  N S 336 
TYR C    C  N N 337 
TYR O    O  N N 338 
TYR CB   C  N N 339 
TYR CG   C  Y N 340 
TYR CD1  C  Y N 341 
TYR CD2  C  Y N 342 
TYR CE1  C  Y N 343 
TYR CE2  C  Y N 344 
TYR CZ   C  Y N 345 
TYR OH   O  N N 346 
TYR OXT  O  N N 347 
TYR H    H  N N 348 
TYR H2   H  N N 349 
TYR HA   H  N N 350 
TYR HB2  H  N N 351 
TYR HB3  H  N N 352 
TYR HD1  H  N N 353 
TYR HD2  H  N N 354 
TYR HE1  H  N N 355 
TYR HE2  H  N N 356 
TYR HH   H  N N 357 
TYR HXT  H  N N 358 
VAL N    N  N N 359 
VAL CA   C  N S 360 
VAL C    C  N N 361 
VAL O    O  N N 362 
VAL CB   C  N N 363 
VAL CG1  C  N N 364 
VAL CG2  C  N N 365 
VAL OXT  O  N N 366 
VAL H    H  N N 367 
VAL H2   H  N N 368 
VAL HA   H  N N 369 
VAL HB   H  N N 370 
VAL HG11 H  N N 371 
VAL HG12 H  N N 372 
VAL HG13 H  N N 373 
VAL HG21 H  N N 374 
VAL HG22 H  N N 375 
VAL HG23 H  N N 376 
VAL HXT  H  N N 377 
# 
loop_
_chem_comp_bond.comp_id 
_chem_comp_bond.atom_id_1 
_chem_comp_bond.atom_id_2 
_chem_comp_bond.value_order 
_chem_comp_bond.pdbx_aromatic_flag 
_chem_comp_bond.pdbx_stereo_config 
_chem_comp_bond.pdbx_ordinal 
ALA N   CA   sing N N 1   
ALA N   H    sing N N 2   
ALA N   H2   sing N N 3   
ALA CA  C    sing N N 4   
ALA CA  CB   sing N N 5   
ALA CA  HA   sing N N 6   
ALA C   O    doub N N 7   
ALA C   OXT  sing N N 8   
ALA CB  HB1  sing N N 9   
ALA CB  HB2  sing N N 10  
ALA CB  HB3  sing N N 11  
ALA OXT HXT  sing N N 12  
ARG N   CA   sing N N 13  
ARG N   H    sing N N 14  
ARG N   H2   sing N N 15  
ARG CA  C    sing N N 16  
ARG CA  CB   sing N N 17  
ARG CA  HA   sing N N 18  
ARG C   O    doub N N 19  
ARG C   OXT  sing N N 20  
ARG CB  CG   sing N N 21  
ARG CB  HB2  sing N N 22  
ARG CB  HB3  sing N N 23  
ARG CG  CD   sing N N 24  
ARG CG  HG2  sing N N 25  
ARG CG  HG3  sing N N 26  
ARG CD  NE   sing N N 27  
ARG CD  HD2  sing N N 28  
ARG CD  HD3  sing N N 29  
ARG NE  CZ   sing N N 30  
ARG NE  HE   sing N N 31  
ARG CZ  NH1  sing N N 32  
ARG CZ  NH2  doub N N 33  
ARG NH1 HH11 sing N N 34  
ARG NH1 HH12 sing N N 35  
ARG NH2 HH21 sing N N 36  
ARG NH2 HH22 sing N N 37  
ARG OXT HXT  sing N N 38  
ASN N   CA   sing N N 39  
ASN N   H    sing N N 40  
ASN N   H2   sing N N 41  
ASN CA  C    sing N N 42  
ASN CA  CB   sing N N 43  
ASN CA  HA   sing N N 44  
ASN C   O    doub N N 45  
ASN C   OXT  sing N N 46  
ASN CB  CG   sing N N 47  
ASN CB  HB2  sing N N 48  
ASN CB  HB3  sing N N 49  
ASN CG  OD1  doub N N 50  
ASN CG  ND2  sing N N 51  
ASN ND2 HD21 sing N N 52  
ASN ND2 HD22 sing N N 53  
ASN OXT HXT  sing N N 54  
ASP N   CA   sing N N 55  
ASP N   H    sing N N 56  
ASP N   H2   sing N N 57  
ASP CA  C    sing N N 58  
ASP CA  CB   sing N N 59  
ASP CA  HA   sing N N 60  
ASP C   O    doub N N 61  
ASP C   OXT  sing N N 62  
ASP CB  CG   sing N N 63  
ASP CB  HB2  sing N N 64  
ASP CB  HB3  sing N N 65  
ASP CG  OD1  doub N N 66  
ASP CG  OD2  sing N N 67  
ASP OD2 HD2  sing N N 68  
ASP OXT HXT  sing N N 69  
GLN N   CA   sing N N 70  
GLN N   H    sing N N 71  
GLN N   H2   sing N N 72  
GLN CA  C    sing N N 73  
GLN CA  CB   sing N N 74  
GLN CA  HA   sing N N 75  
GLN C   O    doub N N 76  
GLN C   OXT  sing N N 77  
GLN CB  CG   sing N N 78  
GLN CB  HB2  sing N N 79  
GLN CB  HB3  sing N N 80  
GLN CG  CD   sing N N 81  
GLN CG  HG2  sing N N 82  
GLN CG  HG3  sing N N 83  
GLN CD  OE1  doub N N 84  
GLN CD  NE2  sing N N 85  
GLN NE2 HE21 sing N N 86  
GLN NE2 HE22 sing N N 87  
GLN OXT HXT  sing N N 88  
GLU N   CA   sing N N 89  
GLU N   H    sing N N 90  
GLU N   H2   sing N N 91  
GLU CA  C    sing N N 92  
GLU CA  CB   sing N N 93  
GLU CA  HA   sing N N 94  
GLU C   O    doub N N 95  
GLU C   OXT  sing N N 96  
GLU CB  CG   sing N N 97  
GLU CB  HB2  sing N N 98  
GLU CB  HB3  sing N N 99  
GLU CG  CD   sing N N 100 
GLU CG  HG2  sing N N 101 
GLU CG  HG3  sing N N 102 
GLU CD  OE1  doub N N 103 
GLU CD  OE2  sing N N 104 
GLU OE2 HE2  sing N N 105 
GLU OXT HXT  sing N N 106 
GLY N   CA   sing N N 107 
GLY N   H    sing N N 108 
GLY N   H2   sing N N 109 
GLY CA  C    sing N N 110 
GLY CA  HA2  sing N N 111 
GLY CA  HA3  sing N N 112 
GLY C   O    doub N N 113 
GLY C   OXT  sing N N 114 
GLY OXT HXT  sing N N 115 
HIS N   CA   sing N N 116 
HIS N   H    sing N N 117 
HIS N   H2   sing N N 118 
HIS CA  C    sing N N 119 
HIS CA  CB   sing N N 120 
HIS CA  HA   sing N N 121 
HIS C   O    doub N N 122 
HIS C   OXT  sing N N 123 
HIS CB  CG   sing N N 124 
HIS CB  HB2  sing N N 125 
HIS CB  HB3  sing N N 126 
HIS CG  ND1  sing Y N 127 
HIS CG  CD2  doub Y N 128 
HIS ND1 CE1  doub Y N 129 
HIS ND1 HD1  sing N N 130 
HIS CD2 NE2  sing Y N 131 
HIS CD2 HD2  sing N N 132 
HIS CE1 NE2  sing Y N 133 
HIS CE1 HE1  sing N N 134 
HIS NE2 HE2  sing N N 135 
HIS OXT HXT  sing N N 136 
HOH O   H1   sing N N 137 
HOH O   H2   sing N N 138 
ILE N   CA   sing N N 139 
ILE N   H    sing N N 140 
ILE N   H2   sing N N 141 
ILE CA  C    sing N N 142 
ILE CA  CB   sing N N 143 
ILE CA  HA   sing N N 144 
ILE C   O    doub N N 145 
ILE C   OXT  sing N N 146 
ILE CB  CG1  sing N N 147 
ILE CB  CG2  sing N N 148 
ILE CB  HB   sing N N 149 
ILE CG1 CD1  sing N N 150 
ILE CG1 HG12 sing N N 151 
ILE CG1 HG13 sing N N 152 
ILE CG2 HG21 sing N N 153 
ILE CG2 HG22 sing N N 154 
ILE CG2 HG23 sing N N 155 
ILE CD1 HD11 sing N N 156 
ILE CD1 HD12 sing N N 157 
ILE CD1 HD13 sing N N 158 
ILE OXT HXT  sing N N 159 
LEU N   CA   sing N N 160 
LEU N   H    sing N N 161 
LEU N   H2   sing N N 162 
LEU CA  C    sing N N 163 
LEU CA  CB   sing N N 164 
LEU CA  HA   sing N N 165 
LEU C   O    doub N N 166 
LEU C   OXT  sing N N 167 
LEU CB  CG   sing N N 168 
LEU CB  HB2  sing N N 169 
LEU CB  HB3  sing N N 170 
LEU CG  CD1  sing N N 171 
LEU CG  CD2  sing N N 172 
LEU CG  HG   sing N N 173 
LEU CD1 HD11 sing N N 174 
LEU CD1 HD12 sing N N 175 
LEU CD1 HD13 sing N N 176 
LEU CD2 HD21 sing N N 177 
LEU CD2 HD22 sing N N 178 
LEU CD2 HD23 sing N N 179 
LEU OXT HXT  sing N N 180 
LYS N   CA   sing N N 181 
LYS N   H    sing N N 182 
LYS N   H2   sing N N 183 
LYS CA  C    sing N N 184 
LYS CA  CB   sing N N 185 
LYS CA  HA   sing N N 186 
LYS C   O    doub N N 187 
LYS C   OXT  sing N N 188 
LYS CB  CG   sing N N 189 
LYS CB  HB2  sing N N 190 
LYS CB  HB3  sing N N 191 
LYS CG  CD   sing N N 192 
LYS CG  HG2  sing N N 193 
LYS CG  HG3  sing N N 194 
LYS CD  CE   sing N N 195 
LYS CD  HD2  sing N N 196 
LYS CD  HD3  sing N N 197 
LYS CE  NZ   sing N N 198 
LYS CE  HE2  sing N N 199 
LYS CE  HE3  sing N N 200 
LYS NZ  HZ1  sing N N 201 
LYS NZ  HZ2  sing N N 202 
LYS NZ  HZ3  sing N N 203 
LYS OXT HXT  sing N N 204 
MET N   CA   sing N N 205 
MET N   H    sing N N 206 
MET N   H2   sing N N 207 
MET CA  C    sing N N 208 
MET CA  CB   sing N N 209 
MET CA  HA   sing N N 210 
MET C   O    doub N N 211 
MET C   OXT  sing N N 212 
MET CB  CG   sing N N 213 
MET CB  HB2  sing N N 214 
MET CB  HB3  sing N N 215 
MET CG  SD   sing N N 216 
MET CG  HG2  sing N N 217 
MET CG  HG3  sing N N 218 
MET SD  CE   sing N N 219 
MET CE  HE1  sing N N 220 
MET CE  HE2  sing N N 221 
MET CE  HE3  sing N N 222 
MET OXT HXT  sing N N 223 
PHE N   CA   sing N N 224 
PHE N   H    sing N N 225 
PHE N   H2   sing N N 226 
PHE CA  C    sing N N 227 
PHE CA  CB   sing N N 228 
PHE CA  HA   sing N N 229 
PHE C   O    doub N N 230 
PHE C   OXT  sing N N 231 
PHE CB  CG   sing N N 232 
PHE CB  HB2  sing N N 233 
PHE CB  HB3  sing N N 234 
PHE CG  CD1  doub Y N 235 
PHE CG  CD2  sing Y N 236 
PHE CD1 CE1  sing Y N 237 
PHE CD1 HD1  sing N N 238 
PHE CD2 CE2  doub Y N 239 
PHE CD2 HD2  sing N N 240 
PHE CE1 CZ   doub Y N 241 
PHE CE1 HE1  sing N N 242 
PHE CE2 CZ   sing Y N 243 
PHE CE2 HE2  sing N N 244 
PHE CZ  HZ   sing N N 245 
PHE OXT HXT  sing N N 246 
PRO N   CA   sing N N 247 
PRO N   CD   sing N N 248 
PRO N   H    sing N N 249 
PRO CA  C    sing N N 250 
PRO CA  CB   sing N N 251 
PRO CA  HA   sing N N 252 
PRO C   O    doub N N 253 
PRO C   OXT  sing N N 254 
PRO CB  CG   sing N N 255 
PRO CB  HB2  sing N N 256 
PRO CB  HB3  sing N N 257 
PRO CG  CD   sing N N 258 
PRO CG  HG2  sing N N 259 
PRO CG  HG3  sing N N 260 
PRO CD  HD2  sing N N 261 
PRO CD  HD3  sing N N 262 
PRO OXT HXT  sing N N 263 
SER N   CA   sing N N 264 
SER N   H    sing N N 265 
SER N   H2   sing N N 266 
SER CA  C    sing N N 267 
SER CA  CB   sing N N 268 
SER CA  HA   sing N N 269 
SER C   O    doub N N 270 
SER C   OXT  sing N N 271 
SER CB  OG   sing N N 272 
SER CB  HB2  sing N N 273 
SER CB  HB3  sing N N 274 
SER OG  HG   sing N N 275 
SER OXT HXT  sing N N 276 
THR N   CA   sing N N 277 
THR N   H    sing N N 278 
THR N   H2   sing N N 279 
THR CA  C    sing N N 280 
THR CA  CB   sing N N 281 
THR CA  HA   sing N N 282 
THR C   O    doub N N 283 
THR C   OXT  sing N N 284 
THR CB  OG1  sing N N 285 
THR CB  CG2  sing N N 286 
THR CB  HB   sing N N 287 
THR OG1 HG1  sing N N 288 
THR CG2 HG21 sing N N 289 
THR CG2 HG22 sing N N 290 
THR CG2 HG23 sing N N 291 
THR OXT HXT  sing N N 292 
TRP N   CA   sing N N 293 
TRP N   H    sing N N 294 
TRP N   H2   sing N N 295 
TRP CA  C    sing N N 296 
TRP CA  CB   sing N N 297 
TRP CA  HA   sing N N 298 
TRP C   O    doub N N 299 
TRP C   OXT  sing N N 300 
TRP CB  CG   sing N N 301 
TRP CB  HB2  sing N N 302 
TRP CB  HB3  sing N N 303 
TRP CG  CD1  doub Y N 304 
TRP CG  CD2  sing Y N 305 
TRP CD1 NE1  sing Y N 306 
TRP CD1 HD1  sing N N 307 
TRP CD2 CE2  doub Y N 308 
TRP CD2 CE3  sing Y N 309 
TRP NE1 CE2  sing Y N 310 
TRP NE1 HE1  sing N N 311 
TRP CE2 CZ2  sing Y N 312 
TRP CE3 CZ3  doub Y N 313 
TRP CE3 HE3  sing N N 314 
TRP CZ2 CH2  doub Y N 315 
TRP CZ2 HZ2  sing N N 316 
TRP CZ3 CH2  sing Y N 317 
TRP CZ3 HZ3  sing N N 318 
TRP CH2 HH2  sing N N 319 
TRP OXT HXT  sing N N 320 
TYR N   CA   sing N N 321 
TYR N   H    sing N N 322 
TYR N   H2   sing N N 323 
TYR CA  C    sing N N 324 
TYR CA  CB   sing N N 325 
TYR CA  HA   sing N N 326 
TYR C   O    doub N N 327 
TYR C   OXT  sing N N 328 
TYR CB  CG   sing N N 329 
TYR CB  HB2  sing N N 330 
TYR CB  HB3  sing N N 331 
TYR CG  CD1  doub Y N 332 
TYR CG  CD2  sing Y N 333 
TYR CD1 CE1  sing Y N 334 
TYR CD1 HD1  sing N N 335 
TYR CD2 CE2  doub Y N 336 
TYR CD2 HD2  sing N N 337 
TYR CE1 CZ   doub Y N 338 
TYR CE1 HE1  sing N N 339 
TYR CE2 CZ   sing Y N 340 
TYR CE2 HE2  sing N N 341 
TYR CZ  OH   sing N N 342 
TYR OH  HH   sing N N 343 
TYR OXT HXT  sing N N 344 
VAL N   CA   sing N N 345 
VAL N   H    sing N N 346 
VAL N   H2   sing N N 347 
VAL CA  C    sing N N 348 
VAL CA  CB   sing N N 349 
VAL CA  HA   sing N N 350 
VAL C   O    doub N N 351 
VAL C   OXT  sing N N 352 
VAL CB  CG1  sing N N 353 
VAL CB  CG2  sing N N 354 
VAL CB  HB   sing N N 355 
VAL CG1 HG11 sing N N 356 
VAL CG1 HG12 sing N N 357 
VAL CG1 HG13 sing N N 358 
VAL CG2 HG21 sing N N 359 
VAL CG2 HG22 sing N N 360 
VAL CG2 HG23 sing N N 361 
VAL OXT HXT  sing N N 362 
# 
_pdbx_audit_support.funding_organization   'Japan Society for the Promotion of Science (JSPS)' 
_pdbx_audit_support.country                Japan 
_pdbx_audit_support.grant_number           17K07316 
_pdbx_audit_support.ordinal                1 
# 
loop_
_pdbx_entity_nonpoly.entity_id 
_pdbx_entity_nonpoly.name 
_pdbx_entity_nonpoly.comp_id 
2 'SODIUM ION' NA  
3 water        HOH 
# 
_pdbx_initial_refinement_model.id               1 
_pdbx_initial_refinement_model.entity_id_list   ? 
_pdbx_initial_refinement_model.type             'experimental model' 
_pdbx_initial_refinement_model.source_name      PDB 
_pdbx_initial_refinement_model.accession_code   3BK6 
_pdbx_initial_refinement_model.details          ? 
# 
_pdbx_struct_assembly_auth_evidence.id                     1 
_pdbx_struct_assembly_auth_evidence.assembly_id            1 
_pdbx_struct_assembly_auth_evidence.experimental_support   'gel filtration' 
_pdbx_struct_assembly_auth_evidence.details                'The second part of biological assembly is (y, x, -z).' 
# 
